data_2QVG
# 
_entry.id   2QVG 
# 
_audit_conform.dict_name       mmcif_pdbx.dic 
_audit_conform.dict_version    5.397 
_audit_conform.dict_location   http://mmcif.pdb.org/dictionaries/ascii/mmcif_pdbx.dic 
# 
loop_
_database_2.database_id 
_database_2.database_code 
_database_2.pdbx_database_accession 
_database_2.pdbx_DOI 
PDB   2QVG         pdb_00002qvg 10.2210/pdb2qvg/pdb 
RCSB  RCSB044105   ?            ?                   
WWPDB D_1000044105 ?            ?                   
# 
loop_
_pdbx_audit_revision_history.ordinal 
_pdbx_audit_revision_history.data_content_type 
_pdbx_audit_revision_history.major_revision 
_pdbx_audit_revision_history.minor_revision 
_pdbx_audit_revision_history.revision_date 
1 'Structure model' 1 0 2007-08-28 
2 'Structure model' 1 1 2011-07-13 
3 'Structure model' 1 2 2021-02-03 
4 'Structure model' 1 3 2024-10-09 
# 
_pdbx_audit_revision_details.ordinal             1 
_pdbx_audit_revision_details.revision_ordinal    1 
_pdbx_audit_revision_details.data_content_type   'Structure model' 
_pdbx_audit_revision_details.provider            repository 
_pdbx_audit_revision_details.type                'Initial release' 
_pdbx_audit_revision_details.description         ? 
_pdbx_audit_revision_details.details             ? 
# 
loop_
_pdbx_audit_revision_group.ordinal 
_pdbx_audit_revision_group.revision_ordinal 
_pdbx_audit_revision_group.data_content_type 
_pdbx_audit_revision_group.group 
1 2 'Structure model' 'Version format compliance' 
2 3 'Structure model' 'Database references'       
3 3 'Structure model' 'Derived calculations'      
4 3 'Structure model' 'Structure summary'         
5 4 'Structure model' 'Data collection'           
6 4 'Structure model' 'Database references'       
7 4 'Structure model' 'Structure summary'         
# 
loop_
_pdbx_audit_revision_category.ordinal 
_pdbx_audit_revision_category.revision_ordinal 
_pdbx_audit_revision_category.data_content_type 
_pdbx_audit_revision_category.category 
1 3 'Structure model' audit_author              
2 3 'Structure model' citation_author           
3 3 'Structure model' struct_conn               
4 3 'Structure model' struct_ref_seq_dif        
5 4 'Structure model' chem_comp_atom            
6 4 'Structure model' chem_comp_bond            
7 4 'Structure model' database_2                
8 4 'Structure model' pdbx_entry_details        
9 4 'Structure model' pdbx_modification_feature 
# 
loop_
_pdbx_audit_revision_item.ordinal 
_pdbx_audit_revision_item.revision_ordinal 
_pdbx_audit_revision_item.data_content_type 
_pdbx_audit_revision_item.item 
1 3 'Structure model' '_audit_author.identifier_ORCID'      
2 3 'Structure model' '_citation_author.identifier_ORCID'   
3 3 'Structure model' '_struct_conn.pdbx_leaving_atom_flag' 
4 3 'Structure model' '_struct_ref_seq_dif.details'         
5 4 'Structure model' '_database_2.pdbx_DOI'                
6 4 'Structure model' '_database_2.pdbx_database_accession' 
# 
_pdbx_database_status.status_code                     REL 
_pdbx_database_status.entry_id                        2QVG 
_pdbx_database_status.recvd_initial_deposition_date   2007-08-08 
_pdbx_database_status.deposit_site                    RCSB 
_pdbx_database_status.process_site                    RCSB 
_pdbx_database_status.status_code_sf                  REL 
_pdbx_database_status.status_code_mr                  ? 
_pdbx_database_status.SG_entry                        Y 
_pdbx_database_status.pdb_format_compatible           Y 
_pdbx_database_status.status_code_cs                  ? 
_pdbx_database_status.status_code_nmr_data            ? 
_pdbx_database_status.methods_development_category    ? 
# 
_pdbx_database_related.db_name        TargetDB 
_pdbx_database_related.db_id          NYSGXRC-11016o 
_pdbx_database_related.details        . 
_pdbx_database_related.content_type   unspecified 
# 
loop_
_audit_author.name 
_audit_author.pdbx_ordinal 
_audit_author.identifier_ORCID 
'Tyagi, R.'                                                      1 ?                   
'Eswaramoorthy, S.'                                              2 ?                   
'Burley, S.K.'                                                   3 0000-0002-2487-9713 
'Swaminathan, S.'                                                4 ?                   
'New York SGX Research Center for Structural Genomics (NYSGXRC)' 5 ?                   
# 
_citation.id                        primary 
_citation.title                     'The crystal structure of a two-component response regulator from Legionella pneumophila.' 
_citation.journal_abbrev            'To be Published' 
_citation.journal_volume            ? 
_citation.page_first                ? 
_citation.page_last                 ? 
_citation.year                      ? 
_citation.journal_id_ASTM           ? 
_citation.country                   ? 
_citation.journal_id_ISSN           ? 
_citation.journal_id_CSD            0353 
_citation.book_publisher            ? 
_citation.pdbx_database_id_PubMed   ? 
_citation.pdbx_database_id_DOI      ? 
# 
loop_
_citation_author.citation_id 
_citation_author.name 
_citation_author.ordinal 
_citation_author.identifier_ORCID 
primary 'Tyagi, R.'         1 ?                   
primary 'Eswaramoorthy, S.' 2 ?                   
primary 'Burley, S.K.'      3 0000-0002-2487-9713 
primary 'Swaminathan, S.'   4 ?                   
# 
loop_
_entity.id 
_entity.type 
_entity.src_method 
_entity.pdbx_description 
_entity.formula_weight 
_entity.pdbx_number_of_molecules 
_entity.pdbx_ec 
_entity.pdbx_mutation 
_entity.pdbx_fragment 
_entity.details 
1 polymer man 'Two component response regulator' 16692.590 1   2.7.3.- ? ? ? 
2 water   nat water                              18.015    171 ?       ? ? ? 
# 
_entity_poly.entity_id                      1 
_entity_poly.type                           'polypeptide(L)' 
_entity_poly.nstd_linkage                   no 
_entity_poly.nstd_monomer                   yes 
_entity_poly.pdbx_seq_one_letter_code       
;(MSE)SLAADKVDILYLEDDEVDIQSVERVFHKISSLIKIEIAKSGNQALD(MSE)LYGRNKENKIHPKLILLDINIPK
(MSE)NGIEFLKELRDDSSFTDIEVFVLTAAYTSKDKLAFESLNIRGHLIKPLDYGEAIKLFWILQS(MSE)EGHHHHHH
;
_entity_poly.pdbx_seq_one_letter_code_can   
;MSLAADKVDILYLEDDEVDIQSVERVFHKISSLIKIEIAKSGNQALDMLYGRNKENKIHPKLILLDINIPKMNGIEFLKE
LRDDSSFTDIEVFVLTAAYTSKDKLAFESLNIRGHLIKPLDYGEAIKLFWILQSMEGHHHHHH
;
_entity_poly.pdbx_strand_id                 A 
_entity_poly.pdbx_target_identifier         NYSGXRC-11016o 
# 
_pdbx_entity_nonpoly.entity_id   2 
_pdbx_entity_nonpoly.name        water 
_pdbx_entity_nonpoly.comp_id     HOH 
# 
loop_
_entity_poly_seq.entity_id 
_entity_poly_seq.num 
_entity_poly_seq.mon_id 
_entity_poly_seq.hetero 
1 1   MSE n 
1 2   SER n 
1 3   LEU n 
1 4   ALA n 
1 5   ALA n 
1 6   ASP n 
1 7   LYS n 
1 8   VAL n 
1 9   ASP n 
1 10  ILE n 
1 11  LEU n 
1 12  TYR n 
1 13  LEU n 
1 14  GLU n 
1 15  ASP n 
1 16  ASP n 
1 17  GLU n 
1 18  VAL n 
1 19  ASP n 
1 20  ILE n 
1 21  GLN n 
1 22  SER n 
1 23  VAL n 
1 24  GLU n 
1 25  ARG n 
1 26  VAL n 
1 27  PHE n 
1 28  HIS n 
1 29  LYS n 
1 30  ILE n 
1 31  SER n 
1 32  SER n 
1 33  LEU n 
1 34  ILE n 
1 35  LYS n 
1 36  ILE n 
1 37  GLU n 
1 38  ILE n 
1 39  ALA n 
1 40  LYS n 
1 41  SER n 
1 42  GLY n 
1 43  ASN n 
1 44  GLN n 
1 45  ALA n 
1 46  LEU n 
1 47  ASP n 
1 48  MSE n 
1 49  LEU n 
1 50  TYR n 
1 51  GLY n 
1 52  ARG n 
1 53  ASN n 
1 54  LYS n 
1 55  GLU n 
1 56  ASN n 
1 57  LYS n 
1 58  ILE n 
1 59  HIS n 
1 60  PRO n 
1 61  LYS n 
1 62  LEU n 
1 63  ILE n 
1 64  LEU n 
1 65  LEU n 
1 66  ASP n 
1 67  ILE n 
1 68  ASN n 
1 69  ILE n 
1 70  PRO n 
1 71  LYS n 
1 72  MSE n 
1 73  ASN n 
1 74  GLY n 
1 75  ILE n 
1 76  GLU n 
1 77  PHE n 
1 78  LEU n 
1 79  LYS n 
1 80  GLU n 
1 81  LEU n 
1 82  ARG n 
1 83  ASP n 
1 84  ASP n 
1 85  SER n 
1 86  SER n 
1 87  PHE n 
1 88  THR n 
1 89  ASP n 
1 90  ILE n 
1 91  GLU n 
1 92  VAL n 
1 93  PHE n 
1 94  VAL n 
1 95  LEU n 
1 96  THR n 
1 97  ALA n 
1 98  ALA n 
1 99  TYR n 
1 100 THR n 
1 101 SER n 
1 102 LYS n 
1 103 ASP n 
1 104 LYS n 
1 105 LEU n 
1 106 ALA n 
1 107 PHE n 
1 108 GLU n 
1 109 SER n 
1 110 LEU n 
1 111 ASN n 
1 112 ILE n 
1 113 ARG n 
1 114 GLY n 
1 115 HIS n 
1 116 LEU n 
1 117 ILE n 
1 118 LYS n 
1 119 PRO n 
1 120 LEU n 
1 121 ASP n 
1 122 TYR n 
1 123 GLY n 
1 124 GLU n 
1 125 ALA n 
1 126 ILE n 
1 127 LYS n 
1 128 LEU n 
1 129 PHE n 
1 130 TRP n 
1 131 ILE n 
1 132 LEU n 
1 133 GLN n 
1 134 SER n 
1 135 MSE n 
1 136 GLU n 
1 137 GLY n 
1 138 HIS n 
1 139 HIS n 
1 140 HIS n 
1 141 HIS n 
1 142 HIS n 
1 143 HIS n 
# 
_entity_src_gen.entity_id                          1 
_entity_src_gen.pdbx_src_id                        1 
_entity_src_gen.pdbx_alt_source_flag               sample 
_entity_src_gen.pdbx_seq_type                      ? 
_entity_src_gen.pdbx_beg_seq_num                   ? 
_entity_src_gen.pdbx_end_seq_num                   ? 
_entity_src_gen.gene_src_common_name               ? 
_entity_src_gen.gene_src_genus                     Legionella 
_entity_src_gen.pdbx_gene_src_gene                 lpg2457 
_entity_src_gen.gene_src_species                   'Legionella pneumophila' 
_entity_src_gen.gene_src_strain                    'Philadelphia 1, DSM 7513' 
_entity_src_gen.gene_src_tissue                    ? 
_entity_src_gen.gene_src_tissue_fraction           ? 
_entity_src_gen.gene_src_details                   ? 
_entity_src_gen.pdbx_gene_src_fragment             ? 
_entity_src_gen.pdbx_gene_src_scientific_name      'Legionella pneumophila subsp. pneumophila str. Philadelphia 1' 
_entity_src_gen.pdbx_gene_src_ncbi_taxonomy_id     272624 
_entity_src_gen.pdbx_gene_src_variant              ? 
_entity_src_gen.pdbx_gene_src_cell_line            ? 
_entity_src_gen.pdbx_gene_src_atcc                 33152 
_entity_src_gen.pdbx_gene_src_organ                ? 
_entity_src_gen.pdbx_gene_src_organelle            ? 
_entity_src_gen.pdbx_gene_src_cell                 ? 
_entity_src_gen.pdbx_gene_src_cellular_location    ? 
_entity_src_gen.host_org_common_name               ? 
_entity_src_gen.pdbx_host_org_scientific_name      'Escherichia coli BL21(DE3)' 
_entity_src_gen.pdbx_host_org_ncbi_taxonomy_id     469008 
_entity_src_gen.host_org_genus                     Escherichia 
_entity_src_gen.pdbx_host_org_gene                 ? 
_entity_src_gen.pdbx_host_org_organ                ? 
_entity_src_gen.host_org_species                   'Escherichia coli' 
_entity_src_gen.pdbx_host_org_tissue               ? 
_entity_src_gen.pdbx_host_org_tissue_fraction      ? 
_entity_src_gen.pdbx_host_org_strain               'BL21(DE3)' 
_entity_src_gen.pdbx_host_org_variant              ? 
_entity_src_gen.pdbx_host_org_cell_line            ? 
_entity_src_gen.pdbx_host_org_atcc                 ? 
_entity_src_gen.pdbx_host_org_culture_collection   ? 
_entity_src_gen.pdbx_host_org_cell                 ? 
_entity_src_gen.pdbx_host_org_organelle            ? 
_entity_src_gen.pdbx_host_org_cellular_location    ? 
_entity_src_gen.pdbx_host_org_vector_type          Plasmid 
_entity_src_gen.pdbx_host_org_vector               ? 
_entity_src_gen.host_org_details                   ? 
_entity_src_gen.expression_system_id               ? 
_entity_src_gen.plasmid_name                       pSGX3-BC 
_entity_src_gen.plasmid_details                    ? 
_entity_src_gen.pdbx_description                   ? 
# 
loop_
_chem_comp.id 
_chem_comp.type 
_chem_comp.mon_nstd_flag 
_chem_comp.name 
_chem_comp.pdbx_synonyms 
_chem_comp.formula 
_chem_comp.formula_weight 
ALA 'L-peptide linking' y ALANINE          ? 'C3 H7 N O2'     89.093  
ARG 'L-peptide linking' y ARGININE         ? 'C6 H15 N4 O2 1' 175.209 
ASN 'L-peptide linking' y ASPARAGINE       ? 'C4 H8 N2 O3'    132.118 
ASP 'L-peptide linking' y 'ASPARTIC ACID'  ? 'C4 H7 N O4'     133.103 
GLN 'L-peptide linking' y GLUTAMINE        ? 'C5 H10 N2 O3'   146.144 
GLU 'L-peptide linking' y 'GLUTAMIC ACID'  ? 'C5 H9 N O4'     147.129 
GLY 'peptide linking'   y GLYCINE          ? 'C2 H5 N O2'     75.067  
HIS 'L-peptide linking' y HISTIDINE        ? 'C6 H10 N3 O2 1' 156.162 
HOH non-polymer         . WATER            ? 'H2 O'           18.015  
ILE 'L-peptide linking' y ISOLEUCINE       ? 'C6 H13 N O2'    131.173 
LEU 'L-peptide linking' y LEUCINE          ? 'C6 H13 N O2'    131.173 
LYS 'L-peptide linking' y LYSINE           ? 'C6 H15 N2 O2 1' 147.195 
MSE 'L-peptide linking' n SELENOMETHIONINE ? 'C5 H11 N O2 Se' 196.106 
PHE 'L-peptide linking' y PHENYLALANINE    ? 'C9 H11 N O2'    165.189 
PRO 'L-peptide linking' y PROLINE          ? 'C5 H9 N O2'     115.130 
SER 'L-peptide linking' y SERINE           ? 'C3 H7 N O3'     105.093 
THR 'L-peptide linking' y THREONINE        ? 'C4 H9 N O3'     119.119 
TRP 'L-peptide linking' y TRYPTOPHAN       ? 'C11 H12 N2 O2'  204.225 
TYR 'L-peptide linking' y TYROSINE         ? 'C9 H11 N O3'    181.189 
VAL 'L-peptide linking' y VALINE           ? 'C5 H11 N O2'    117.146 
# 
loop_
_pdbx_poly_seq_scheme.asym_id 
_pdbx_poly_seq_scheme.entity_id 
_pdbx_poly_seq_scheme.seq_id 
_pdbx_poly_seq_scheme.mon_id 
_pdbx_poly_seq_scheme.ndb_seq_num 
_pdbx_poly_seq_scheme.pdb_seq_num 
_pdbx_poly_seq_scheme.auth_seq_num 
_pdbx_poly_seq_scheme.pdb_mon_id 
_pdbx_poly_seq_scheme.auth_mon_id 
_pdbx_poly_seq_scheme.pdb_strand_id 
_pdbx_poly_seq_scheme.pdb_ins_code 
_pdbx_poly_seq_scheme.hetero 
A 1 1   MSE 1   1   ?   ?   ?   A . n 
A 1 2   SER 2   2   ?   ?   ?   A . n 
A 1 3   LEU 3   3   ?   ?   ?   A . n 
A 1 4   ALA 4   4   ?   ?   ?   A . n 
A 1 5   ALA 5   5   ?   ?   ?   A . n 
A 1 6   ASP 6   6   ?   ?   ?   A . n 
A 1 7   LYS 7   7   7   LYS ALA A . n 
A 1 8   VAL 8   8   8   VAL VAL A . n 
A 1 9   ASP 9   9   9   ASP ASP A . n 
A 1 10  ILE 10  10  10  ILE ILE A . n 
A 1 11  LEU 11  11  11  LEU LEU A . n 
A 1 12  TYR 12  12  12  TYR TYR A . n 
A 1 13  LEU 13  13  13  LEU LEU A . n 
A 1 14  GLU 14  14  14  GLU GLU A . n 
A 1 15  ASP 15  15  15  ASP ASP A . n 
A 1 16  ASP 16  16  16  ASP ASP A . n 
A 1 17  GLU 17  17  17  GLU GLU A . n 
A 1 18  VAL 18  18  18  VAL VAL A . n 
A 1 19  ASP 19  19  19  ASP ASP A . n 
A 1 20  ILE 20  20  20  ILE ILE A . n 
A 1 21  GLN 21  21  21  GLN GLN A . n 
A 1 22  SER 22  22  22  SER SER A . n 
A 1 23  VAL 23  23  23  VAL VAL A . n 
A 1 24  GLU 24  24  24  GLU GLU A . n 
A 1 25  ARG 25  25  25  ARG ARG A . n 
A 1 26  VAL 26  26  26  VAL VAL A . n 
A 1 27  PHE 27  27  27  PHE PHE A . n 
A 1 28  HIS 28  28  28  HIS HIS A . n 
A 1 29  LYS 29  29  29  LYS LYS A . n 
A 1 30  ILE 30  30  30  ILE ILE A . n 
A 1 31  SER 31  31  31  SER SER A . n 
A 1 32  SER 32  32  32  SER SER A . n 
A 1 33  LEU 33  33  33  LEU LEU A . n 
A 1 34  ILE 34  34  34  ILE ILE A . n 
A 1 35  LYS 35  35  35  LYS LYS A . n 
A 1 36  ILE 36  36  36  ILE ILE A . n 
A 1 37  GLU 37  37  37  GLU GLU A . n 
A 1 38  ILE 38  38  38  ILE ILE A . n 
A 1 39  ALA 39  39  39  ALA ALA A . n 
A 1 40  LYS 40  40  40  LYS LYS A . n 
A 1 41  SER 41  41  41  SER SER A . n 
A 1 42  GLY 42  42  42  GLY GLY A . n 
A 1 43  ASN 43  43  43  ASN ASN A . n 
A 1 44  GLN 44  44  44  GLN GLN A . n 
A 1 45  ALA 45  45  45  ALA ALA A . n 
A 1 46  LEU 46  46  46  LEU LEU A . n 
A 1 47  ASP 47  47  47  ASP ASP A . n 
A 1 48  MSE 48  48  48  MSE MSE A . n 
A 1 49  LEU 49  49  49  LEU LEU A . n 
A 1 50  TYR 50  50  50  TYR TYR A . n 
A 1 51  GLY 51  51  51  GLY GLY A . n 
A 1 52  ARG 52  52  52  ARG ARG A . n 
A 1 53  ASN 53  53  53  ASN ASN A . n 
A 1 54  LYS 54  54  54  LYS LYS A . n 
A 1 55  GLU 55  55  55  GLU GLU A . n 
A 1 56  ASN 56  56  56  ASN ASN A . n 
A 1 57  LYS 57  57  57  LYS LYS A . n 
A 1 58  ILE 58  58  58  ILE ILE A . n 
A 1 59  HIS 59  59  59  HIS HIS A . n 
A 1 60  PRO 60  60  60  PRO PRO A . n 
A 1 61  LYS 61  61  61  LYS LYS A . n 
A 1 62  LEU 62  62  62  LEU LEU A . n 
A 1 63  ILE 63  63  63  ILE ILE A . n 
A 1 64  LEU 64  64  64  LEU LEU A . n 
A 1 65  LEU 65  65  65  LEU LEU A . n 
A 1 66  ASP 66  66  66  ASP ASP A . n 
A 1 67  ILE 67  67  67  ILE ILE A . n 
A 1 68  ASN 68  68  68  ASN ASN A . n 
A 1 69  ILE 69  69  69  ILE ILE A . n 
A 1 70  PRO 70  70  70  PRO PRO A . n 
A 1 71  LYS 71  71  71  LYS LYS A . n 
A 1 72  MSE 72  72  72  MSE MSE A . n 
A 1 73  ASN 73  73  73  ASN ASN A . n 
A 1 74  GLY 74  74  74  GLY GLY A . n 
A 1 75  ILE 75  75  75  ILE ILE A . n 
A 1 76  GLU 76  76  76  GLU GLU A . n 
A 1 77  PHE 77  77  77  PHE PHE A . n 
A 1 78  LEU 78  78  78  LEU LEU A . n 
A 1 79  LYS 79  79  79  LYS LYS A . n 
A 1 80  GLU 80  80  80  GLU GLU A . n 
A 1 81  LEU 81  81  81  LEU LEU A . n 
A 1 82  ARG 82  82  82  ARG ARG A . n 
A 1 83  ASP 83  83  83  ASP ASP A . n 
A 1 84  ASP 84  84  84  ASP ASP A . n 
A 1 85  SER 85  85  85  SER SER A . n 
A 1 86  SER 86  86  86  SER SER A . n 
A 1 87  PHE 87  87  87  PHE PHE A . n 
A 1 88  THR 88  88  88  THR THR A . n 
A 1 89  ASP 89  89  89  ASP ASP A . n 
A 1 90  ILE 90  90  90  ILE ILE A . n 
A 1 91  GLU 91  91  91  GLU GLU A . n 
A 1 92  VAL 92  92  92  VAL VAL A . n 
A 1 93  PHE 93  93  93  PHE PHE A . n 
A 1 94  VAL 94  94  94  VAL VAL A . n 
A 1 95  LEU 95  95  95  LEU LEU A . n 
A 1 96  THR 96  96  96  THR THR A . n 
A 1 97  ALA 97  97  97  ALA ALA A . n 
A 1 98  ALA 98  98  98  ALA ALA A . n 
A 1 99  TYR 99  99  99  TYR TYR A . n 
A 1 100 THR 100 100 100 THR THR A . n 
A 1 101 SER 101 101 101 SER SER A . n 
A 1 102 LYS 102 102 102 LYS LYS A . n 
A 1 103 ASP 103 103 103 ASP ASP A . n 
A 1 104 LYS 104 104 104 LYS LYS A . n 
A 1 105 LEU 105 105 105 LEU LEU A . n 
A 1 106 ALA 106 106 106 ALA ALA A . n 
A 1 107 PHE 107 107 107 PHE PHE A . n 
A 1 108 GLU 108 108 108 GLU GLU A . n 
A 1 109 SER 109 109 109 SER SER A . n 
A 1 110 LEU 110 110 110 LEU LEU A . n 
A 1 111 ASN 111 111 111 ASN ASN A . n 
A 1 112 ILE 112 112 112 ILE ILE A . n 
A 1 113 ARG 113 113 113 ARG ARG A . n 
A 1 114 GLY 114 114 114 GLY GLY A . n 
A 1 115 HIS 115 115 115 HIS HIS A . n 
A 1 116 LEU 116 116 116 LEU LEU A . n 
A 1 117 ILE 117 117 117 ILE ILE A . n 
A 1 118 LYS 118 118 118 LYS LYS A . n 
A 1 119 PRO 119 119 119 PRO PRO A . n 
A 1 120 LEU 120 120 120 LEU LEU A . n 
A 1 121 ASP 121 121 121 ASP ASP A . n 
A 1 122 TYR 122 122 122 TYR TYR A . n 
A 1 123 GLY 123 123 123 GLY GLY A . n 
A 1 124 GLU 124 124 124 GLU GLU A . n 
A 1 125 ALA 125 125 125 ALA ALA A . n 
A 1 126 ILE 126 126 126 ILE ILE A . n 
A 1 127 LYS 127 127 127 LYS LYS A . n 
A 1 128 LEU 128 128 128 LEU LEU A . n 
A 1 129 PHE 129 129 129 PHE PHE A . n 
A 1 130 TRP 130 130 130 TRP TRP A . n 
A 1 131 ILE 131 131 131 ILE ILE A . n 
A 1 132 LEU 132 132 132 LEU LEU A . n 
A 1 133 GLN 133 133 133 GLN GLN A . n 
A 1 134 SER 134 134 134 SER SER A . n 
A 1 135 MSE 135 135 135 MSE MSE A . n 
A 1 136 GLU 136 136 ?   ?   ?   A . n 
A 1 137 GLY 137 137 ?   ?   ?   A . n 
A 1 138 HIS 138 138 ?   ?   ?   A . n 
A 1 139 HIS 139 139 ?   ?   ?   A . n 
A 1 140 HIS 140 140 ?   ?   ?   A . n 
A 1 141 HIS 141 141 ?   ?   ?   A . n 
A 1 142 HIS 142 142 ?   ?   ?   A . n 
A 1 143 HIS 143 143 ?   ?   ?   A . n 
# 
loop_
_pdbx_nonpoly_scheme.asym_id 
_pdbx_nonpoly_scheme.entity_id 
_pdbx_nonpoly_scheme.mon_id 
_pdbx_nonpoly_scheme.ndb_seq_num 
_pdbx_nonpoly_scheme.pdb_seq_num 
_pdbx_nonpoly_scheme.auth_seq_num 
_pdbx_nonpoly_scheme.pdb_mon_id 
_pdbx_nonpoly_scheme.auth_mon_id 
_pdbx_nonpoly_scheme.pdb_strand_id 
_pdbx_nonpoly_scheme.pdb_ins_code 
B 2 HOH 1   144 1   HOH TIP A . 
B 2 HOH 2   145 2   HOH TIP A . 
B 2 HOH 3   146 3   HOH TIP A . 
B 2 HOH 4   147 4   HOH TIP A . 
B 2 HOH 5   148 5   HOH TIP A . 
B 2 HOH 6   149 6   HOH TIP A . 
B 2 HOH 7   150 7   HOH TIP A . 
B 2 HOH 8   151 8   HOH TIP A . 
B 2 HOH 9   152 9   HOH TIP A . 
B 2 HOH 10  153 10  HOH TIP A . 
B 2 HOH 11  154 11  HOH TIP A . 
B 2 HOH 12  155 12  HOH TIP A . 
B 2 HOH 13  156 13  HOH TIP A . 
B 2 HOH 14  157 14  HOH TIP A . 
B 2 HOH 15  158 15  HOH TIP A . 
B 2 HOH 16  159 16  HOH TIP A . 
B 2 HOH 17  160 17  HOH TIP A . 
B 2 HOH 18  161 18  HOH TIP A . 
B 2 HOH 19  162 19  HOH TIP A . 
B 2 HOH 20  163 20  HOH TIP A . 
B 2 HOH 21  164 21  HOH TIP A . 
B 2 HOH 22  165 22  HOH TIP A . 
B 2 HOH 23  166 23  HOH TIP A . 
B 2 HOH 24  167 24  HOH TIP A . 
B 2 HOH 25  168 25  HOH TIP A . 
B 2 HOH 26  169 26  HOH TIP A . 
B 2 HOH 27  170 27  HOH TIP A . 
B 2 HOH 28  171 28  HOH TIP A . 
B 2 HOH 29  172 29  HOH TIP A . 
B 2 HOH 30  173 30  HOH TIP A . 
B 2 HOH 31  174 31  HOH TIP A . 
B 2 HOH 32  175 32  HOH TIP A . 
B 2 HOH 33  176 33  HOH TIP A . 
B 2 HOH 34  177 34  HOH TIP A . 
B 2 HOH 35  178 35  HOH TIP A . 
B 2 HOH 36  179 36  HOH TIP A . 
B 2 HOH 37  180 37  HOH TIP A . 
B 2 HOH 38  181 38  HOH TIP A . 
B 2 HOH 39  182 39  HOH TIP A . 
B 2 HOH 40  183 40  HOH TIP A . 
B 2 HOH 41  184 41  HOH TIP A . 
B 2 HOH 42  185 42  HOH TIP A . 
B 2 HOH 43  186 43  HOH TIP A . 
B 2 HOH 44  187 44  HOH TIP A . 
B 2 HOH 45  188 45  HOH TIP A . 
B 2 HOH 46  189 46  HOH TIP A . 
B 2 HOH 47  190 47  HOH TIP A . 
B 2 HOH 48  191 48  HOH TIP A . 
B 2 HOH 49  192 49  HOH TIP A . 
B 2 HOH 50  193 50  HOH TIP A . 
B 2 HOH 51  194 51  HOH TIP A . 
B 2 HOH 52  195 52  HOH TIP A . 
B 2 HOH 53  196 53  HOH TIP A . 
B 2 HOH 54  197 54  HOH TIP A . 
B 2 HOH 55  198 55  HOH TIP A . 
B 2 HOH 56  199 56  HOH TIP A . 
B 2 HOH 57  200 57  HOH TIP A . 
B 2 HOH 58  201 58  HOH TIP A . 
B 2 HOH 59  202 59  HOH TIP A . 
B 2 HOH 60  203 60  HOH TIP A . 
B 2 HOH 61  204 61  HOH TIP A . 
B 2 HOH 62  205 63  HOH TIP A . 
B 2 HOH 63  206 64  HOH TIP A . 
B 2 HOH 64  207 65  HOH TIP A . 
B 2 HOH 65  208 66  HOH TIP A . 
B 2 HOH 66  209 67  HOH TIP A . 
B 2 HOH 67  210 68  HOH TIP A . 
B 2 HOH 68  211 69  HOH TIP A . 
B 2 HOH 69  212 70  HOH TIP A . 
B 2 HOH 70  213 71  HOH TIP A . 
B 2 HOH 71  214 72  HOH TIP A . 
B 2 HOH 72  215 73  HOH TIP A . 
B 2 HOH 73  216 74  HOH TIP A . 
B 2 HOH 74  217 75  HOH TIP A . 
B 2 HOH 75  218 76  HOH TIP A . 
B 2 HOH 76  219 77  HOH TIP A . 
B 2 HOH 77  220 78  HOH TIP A . 
B 2 HOH 78  221 80  HOH TIP A . 
B 2 HOH 79  222 81  HOH TIP A . 
B 2 HOH 80  223 82  HOH TIP A . 
B 2 HOH 81  224 83  HOH TIP A . 
B 2 HOH 82  225 84  HOH TIP A . 
B 2 HOH 83  226 85  HOH TIP A . 
B 2 HOH 84  227 86  HOH TIP A . 
B 2 HOH 85  228 87  HOH TIP A . 
B 2 HOH 86  229 88  HOH TIP A . 
B 2 HOH 87  230 89  HOH TIP A . 
B 2 HOH 88  231 90  HOH TIP A . 
B 2 HOH 89  232 91  HOH TIP A . 
B 2 HOH 90  233 92  HOH TIP A . 
B 2 HOH 91  234 93  HOH TIP A . 
B 2 HOH 92  235 94  HOH TIP A . 
B 2 HOH 93  236 95  HOH TIP A . 
B 2 HOH 94  237 96  HOH TIP A . 
B 2 HOH 95  238 97  HOH TIP A . 
B 2 HOH 96  239 98  HOH TIP A . 
B 2 HOH 97  240 99  HOH TIP A . 
B 2 HOH 98  241 100 HOH TIP A . 
B 2 HOH 99  242 101 HOH TIP A . 
B 2 HOH 100 243 102 HOH TIP A . 
B 2 HOH 101 244 103 HOH TIP A . 
B 2 HOH 102 245 104 HOH TIP A . 
B 2 HOH 103 246 105 HOH TIP A . 
B 2 HOH 104 247 106 HOH TIP A . 
B 2 HOH 105 248 107 HOH TIP A . 
B 2 HOH 106 249 108 HOH TIP A . 
B 2 HOH 107 250 109 HOH TIP A . 
B 2 HOH 108 251 111 HOH TIP A . 
B 2 HOH 109 252 112 HOH TIP A . 
B 2 HOH 110 253 113 HOH TIP A . 
B 2 HOH 111 254 114 HOH TIP A . 
B 2 HOH 112 255 115 HOH TIP A . 
B 2 HOH 113 256 116 HOH TIP A . 
B 2 HOH 114 257 117 HOH TIP A . 
B 2 HOH 115 258 119 HOH TIP A . 
B 2 HOH 116 259 120 HOH TIP A . 
B 2 HOH 117 260 121 HOH TIP A . 
B 2 HOH 118 261 122 HOH TIP A . 
B 2 HOH 119 262 123 HOH TIP A . 
B 2 HOH 120 263 124 HOH TIP A . 
B 2 HOH 121 264 125 HOH TIP A . 
B 2 HOH 122 265 126 HOH TIP A . 
B 2 HOH 123 266 127 HOH TIP A . 
B 2 HOH 124 267 128 HOH TIP A . 
B 2 HOH 125 268 129 HOH TIP A . 
B 2 HOH 126 269 130 HOH TIP A . 
B 2 HOH 127 270 131 HOH TIP A . 
B 2 HOH 128 271 132 HOH TIP A . 
B 2 HOH 129 272 133 HOH TIP A . 
B 2 HOH 130 273 134 HOH TIP A . 
B 2 HOH 131 274 135 HOH TIP A . 
B 2 HOH 132 275 136 HOH TIP A . 
B 2 HOH 133 276 137 HOH TIP A . 
B 2 HOH 134 277 139 HOH TIP A . 
B 2 HOH 135 278 140 HOH TIP A . 
B 2 HOH 136 279 141 HOH TIP A . 
B 2 HOH 137 280 142 HOH TIP A . 
B 2 HOH 138 281 143 HOH TIP A . 
B 2 HOH 139 282 144 HOH TIP A . 
B 2 HOH 140 283 145 HOH TIP A . 
B 2 HOH 141 284 146 HOH TIP A . 
B 2 HOH 142 285 147 HOH TIP A . 
B 2 HOH 143 286 148 HOH TIP A . 
B 2 HOH 144 287 149 HOH TIP A . 
B 2 HOH 145 288 150 HOH TIP A . 
B 2 HOH 146 289 151 HOH TIP A . 
B 2 HOH 147 290 152 HOH TIP A . 
B 2 HOH 148 291 153 HOH TIP A . 
B 2 HOH 149 292 154 HOH TIP A . 
B 2 HOH 150 293 155 HOH TIP A . 
B 2 HOH 151 294 156 HOH TIP A . 
B 2 HOH 152 295 157 HOH TIP A . 
B 2 HOH 153 296 158 HOH TIP A . 
B 2 HOH 154 297 159 HOH TIP A . 
B 2 HOH 155 298 160 HOH TIP A . 
B 2 HOH 156 299 161 HOH TIP A . 
B 2 HOH 157 300 162 HOH TIP A . 
B 2 HOH 158 301 163 HOH TIP A . 
B 2 HOH 159 302 164 HOH TIP A . 
B 2 HOH 160 303 165 HOH TIP A . 
B 2 HOH 161 304 166 HOH TIP A . 
B 2 HOH 162 305 167 HOH TIP A . 
B 2 HOH 163 306 168 HOH TIP A . 
B 2 HOH 164 307 169 HOH TIP A . 
B 2 HOH 165 308 170 HOH TIP A . 
B 2 HOH 166 309 171 HOH TIP A . 
B 2 HOH 167 310 172 HOH TIP A . 
B 2 HOH 168 311 174 HOH TIP A . 
B 2 HOH 169 312 176 HOH TIP A . 
B 2 HOH 170 313 177 HOH TIP A . 
B 2 HOH 171 314 178 HOH TIP A . 
# 
loop_
_pdbx_unobs_or_zero_occ_atoms.id 
_pdbx_unobs_or_zero_occ_atoms.PDB_model_num 
_pdbx_unobs_or_zero_occ_atoms.polymer_flag 
_pdbx_unobs_or_zero_occ_atoms.occupancy_flag 
_pdbx_unobs_or_zero_occ_atoms.auth_asym_id 
_pdbx_unobs_or_zero_occ_atoms.auth_comp_id 
_pdbx_unobs_or_zero_occ_atoms.auth_seq_id 
_pdbx_unobs_or_zero_occ_atoms.PDB_ins_code 
_pdbx_unobs_or_zero_occ_atoms.auth_atom_id 
_pdbx_unobs_or_zero_occ_atoms.label_alt_id 
_pdbx_unobs_or_zero_occ_atoms.label_asym_id 
_pdbx_unobs_or_zero_occ_atoms.label_comp_id 
_pdbx_unobs_or_zero_occ_atoms.label_seq_id 
_pdbx_unobs_or_zero_occ_atoms.label_atom_id 
1 1 Y 1 A LYS 7 ? CG ? A LYS 7 CG 
2 1 Y 1 A LYS 7 ? CD ? A LYS 7 CD 
3 1 Y 1 A LYS 7 ? CE ? A LYS 7 CE 
4 1 Y 1 A LYS 7 ? NZ ? A LYS 7 NZ 
# 
loop_
_software.name 
_software.classification 
_software.version 
_software.citation_id 
_software.pdbx_ordinal 
CNS      refinement        1.1 ? 1 
CBASS    'data collection' .   ? 2 
HKL-2000 'data reduction'  .   ? 3 
HKL-2000 'data scaling'    .   ? 4 
SHELX    phasing           .   ? 5 
SHARP    phasing           .   ? 6 
ARP/wARP 'model building'  .   ? 7 
# 
_cell.entry_id           2QVG 
_cell.length_a           49.797 
_cell.length_b           49.797 
_cell.length_c           111.050 
_cell.angle_alpha        90.00 
_cell.angle_beta         90.00 
_cell.angle_gamma        120.00 
_cell.Z_PDB              6 
_cell.pdbx_unique_axis   ? 
_cell.length_a_esd       ? 
_cell.length_b_esd       ? 
_cell.length_c_esd       ? 
_cell.angle_alpha_esd    ? 
_cell.angle_beta_esd     ? 
_cell.angle_gamma_esd    ? 
# 
_symmetry.entry_id                         2QVG 
_symmetry.space_group_name_H-M             'P 32 2 1' 
_symmetry.pdbx_full_space_group_name_H-M   ? 
_symmetry.cell_setting                     ? 
_symmetry.Int_Tables_number                154 
_symmetry.space_group_name_Hall            ? 
# 
_exptl.entry_id          2QVG 
_exptl.method            'X-RAY DIFFRACTION' 
_exptl.crystals_number   1 
# 
_exptl_crystal.id                    1 
_exptl_crystal.density_meas          ? 
_exptl_crystal.density_Matthews      2.38 
_exptl_crystal.density_percent_sol   48.34 
_exptl_crystal.description           ? 
_exptl_crystal.F_000                 ? 
_exptl_crystal.preparation           ? 
# 
_exptl_crystal_grow.crystal_id      1 
_exptl_crystal_grow.method          'VAPOR DIFFUSION, SITTING DROP' 
_exptl_crystal_grow.temp            294 
_exptl_crystal_grow.temp_details    ? 
_exptl_crystal_grow.pH              5.5 
_exptl_crystal_grow.pdbx_details    
'0.2M Lithium sulfate, 0.1M Bis-Tris pH 5.5, 25% PEG 3350, VAPOR DIFFUSION, SITTING DROP, temperature 294K' 
_exptl_crystal_grow.pdbx_pH_range   . 
# 
_diffrn.id                     1 
_diffrn.ambient_temp           100 
_diffrn.ambient_temp_details   ? 
_diffrn.crystal_id             1 
# 
_diffrn_detector.diffrn_id              1 
_diffrn_detector.detector               CCD 
_diffrn_detector.type                   'ADSC QUANTUM 315' 
_diffrn_detector.pdbx_collection_date   2007-08-03 
_diffrn_detector.details                Mirrors 
# 
_diffrn_radiation.diffrn_id                        1 
_diffrn_radiation.wavelength_id                    1 
_diffrn_radiation.pdbx_monochromatic_or_laue_m_l   M 
_diffrn_radiation.monochromator                    'Si(III)' 
_diffrn_radiation.pdbx_diffrn_protocol             'SINGLE WAVELENGTH' 
_diffrn_radiation.pdbx_scattering_type             x-ray 
# 
_diffrn_radiation_wavelength.id           1 
_diffrn_radiation_wavelength.wavelength   0.97910 
_diffrn_radiation_wavelength.wt           1.0 
# 
_diffrn_source.diffrn_id                   1 
_diffrn_source.source                      SYNCHROTRON 
_diffrn_source.type                        'NSLS BEAMLINE X29A' 
_diffrn_source.pdbx_synchrotron_site       NSLS 
_diffrn_source.pdbx_synchrotron_beamline   X29A 
_diffrn_source.pdbx_wavelength             ? 
_diffrn_source.pdbx_wavelength_list        0.97910 
# 
_reflns.entry_id                     2QVG 
_reflns.observed_criterion_sigma_I   ? 
_reflns.observed_criterion_sigma_F   ? 
_reflns.d_resolution_low             50.00 
_reflns.d_resolution_high            1.50 
_reflns.number_obs                   44110 
_reflns.number_all                   44110 
_reflns.percent_possible_obs         89.1 
_reflns.pdbx_Rmerge_I_obs            0.047 
_reflns.pdbx_Rsym_value              ? 
_reflns.pdbx_netI_over_sigmaI        21.7 
_reflns.B_iso_Wilson_estimate        16.4 
_reflns.pdbx_redundancy              9.5 
_reflns.R_free_details               ? 
_reflns.limit_h_max                  ? 
_reflns.limit_h_min                  ? 
_reflns.limit_k_max                  ? 
_reflns.limit_k_min                  ? 
_reflns.limit_l_max                  ? 
_reflns.limit_l_min                  ? 
_reflns.observed_criterion_F_max     ? 
_reflns.observed_criterion_F_min     ? 
_reflns.pdbx_chi_squared             ? 
_reflns.pdbx_scaling_rejects         ? 
_reflns.pdbx_diffrn_id               1 
_reflns.pdbx_ordinal                 1 
# 
_reflns_shell.d_res_high             1.50 
_reflns_shell.d_res_low              1.55 
_reflns_shell.percent_possible_all   45.6 
_reflns_shell.Rmerge_I_obs           0.156 
_reflns_shell.pdbx_Rsym_value        ? 
_reflns_shell.meanI_over_sigI_obs    7.0 
_reflns_shell.pdbx_redundancy        2.9 
_reflns_shell.percent_possible_obs   ? 
_reflns_shell.number_unique_all      2265 
_reflns_shell.number_measured_all    ? 
_reflns_shell.number_measured_obs    ? 
_reflns_shell.number_unique_obs      ? 
_reflns_shell.pdbx_chi_squared       ? 
_reflns_shell.pdbx_diffrn_id         ? 
_reflns_shell.pdbx_ordinal           1 
# 
_refine.entry_id                                 2QVG 
_refine.ls_number_reflns_obs                     23812 
_refine.ls_number_reflns_all                     23812 
_refine.pdbx_ls_sigma_I                          ? 
_refine.pdbx_ls_sigma_F                          0.0 
_refine.pdbx_data_cutoff_high_absF               1225649.46 
_refine.pdbx_data_cutoff_low_absF                0.000000 
_refine.pdbx_data_cutoff_high_rms_absF           ? 
_refine.ls_d_res_low                             40.20 
_refine.ls_d_res_high                            1.50 
_refine.ls_percent_reflns_obs                    90.4 
_refine.ls_R_factor_obs                          0.218 
_refine.ls_R_factor_all                          0.218 
_refine.ls_R_factor_R_work                       0.218 
_refine.ls_R_factor_R_free                       0.255 
_refine.ls_R_factor_R_free_error                 0.010 
_refine.ls_R_factor_R_free_error_details         ? 
_refine.ls_percent_reflns_R_free                 2.9 
_refine.ls_number_reflns_R_free                  692 
_refine.ls_number_parameters                     ? 
_refine.ls_number_restraints                     ? 
_refine.occupancy_min                            ? 
_refine.occupancy_max                            ? 
_refine.correlation_coeff_Fo_to_Fc               ? 
_refine.correlation_coeff_Fo_to_Fc_free          ? 
_refine.B_iso_mean                               18.8 
_refine.aniso_B[1][1]                            2.60 
_refine.aniso_B[2][2]                            2.60 
_refine.aniso_B[3][3]                            -5.20 
_refine.aniso_B[1][2]                            2.33 
_refine.aniso_B[1][3]                            0.00 
_refine.aniso_B[2][3]                            0.00 
_refine.solvent_model_details                    'FLAT MODEL' 
_refine.solvent_model_param_ksol                 0.399418 
_refine.solvent_model_param_bsol                 45.9937 
_refine.pdbx_solvent_vdw_probe_radii             ? 
_refine.pdbx_solvent_ion_probe_radii             ? 
_refine.pdbx_solvent_shrinkage_radii             ? 
_refine.pdbx_ls_cross_valid_method               THROUGHOUT 
_refine.details                                  
;The Bijvoet differences were used for phasing. Residues listed as missing in Remark 465 are due to lack of electron density. Residues with missing atoms listed in Remark 470 are due to lack of electron density for side chains and modeled as alanines.
;
_refine.pdbx_starting_model                      ? 
_refine.pdbx_method_to_determine_struct          SAD 
_refine.pdbx_isotropic_thermal_model             RESTRAINED 
_refine.pdbx_stereochemistry_target_values       'Engh & Huber' 
_refine.pdbx_stereochem_target_val_spec_case     ? 
_refine.pdbx_R_Free_selection_details            RANDOM 
_refine.pdbx_overall_ESU_R                       ? 
_refine.pdbx_overall_ESU_R_Free                  ? 
_refine.overall_SU_ML                            ? 
_refine.overall_SU_B                             ? 
_refine.ls_redundancy_reflns_obs                 ? 
_refine.B_iso_min                                ? 
_refine.B_iso_max                                ? 
_refine.overall_SU_R_Cruickshank_DPI             ? 
_refine.overall_SU_R_free                        ? 
_refine.ls_wR_factor_R_free                      ? 
_refine.ls_wR_factor_R_work                      ? 
_refine.overall_FOM_free_R_set                   ? 
_refine.overall_FOM_work_R_set                   ? 
_refine.pdbx_refine_id                           'X-RAY DIFFRACTION' 
_refine.pdbx_diffrn_id                           1 
_refine.pdbx_TLS_residual_ADP_flag               ? 
_refine.pdbx_overall_phase_error                 ? 
_refine.pdbx_overall_SU_R_free_Cruickshank_DPI   ? 
_refine.pdbx_overall_SU_R_Blow_DPI               ? 
_refine.pdbx_overall_SU_R_free_Blow_DPI          ? 
# 
_refine_analyze.entry_id                        2QVG 
_refine_analyze.Luzzati_coordinate_error_obs    0.19 
_refine_analyze.Luzzati_sigma_a_obs             0.09 
_refine_analyze.Luzzati_d_res_low_obs           5.00 
_refine_analyze.Luzzati_coordinate_error_free   0.22 
_refine_analyze.Luzzati_sigma_a_free            0.09 
_refine_analyze.Luzzati_d_res_low_free          ? 
_refine_analyze.number_disordered_residues      ? 
_refine_analyze.occupancy_sum_hydrogen          ? 
_refine_analyze.occupancy_sum_non_hydrogen      ? 
_refine_analyze.pdbx_Luzzati_d_res_high_obs     ? 
_refine_analyze.pdbx_refine_id                  'X-RAY DIFFRACTION' 
# 
_refine_hist.pdbx_refine_id                   'X-RAY DIFFRACTION' 
_refine_hist.cycle_id                         LAST 
_refine_hist.pdbx_number_atoms_protein        1044 
_refine_hist.pdbx_number_atoms_nucleic_acid   0 
_refine_hist.pdbx_number_atoms_ligand         0 
_refine_hist.number_atoms_solvent             171 
_refine_hist.number_atoms_total               1215 
_refine_hist.d_res_high                       1.50 
_refine_hist.d_res_low                        40.20 
# 
loop_
_refine_ls_restr.type 
_refine_ls_restr.dev_ideal 
_refine_ls_restr.dev_ideal_target 
_refine_ls_restr.weight 
_refine_ls_restr.number 
_refine_ls_restr.pdbx_refine_id 
_refine_ls_restr.pdbx_restraint_function 
c_bond_d           0.006 ? ? ? 'X-RAY DIFFRACTION' ? 
c_angle_deg        1.3   ? ? ? 'X-RAY DIFFRACTION' ? 
c_dihedral_angle_d 22.7  ? ? ? 'X-RAY DIFFRACTION' ? 
c_improper_angle_d 0.76  ? ? ? 'X-RAY DIFFRACTION' ? 
# 
_refine_ls_shell.pdbx_total_number_of_bins_used   6 
_refine_ls_shell.d_res_high                       1.50 
_refine_ls_shell.d_res_low                        1.59 
_refine_ls_shell.number_reflns_R_work             2397 
_refine_ls_shell.R_factor_R_work                  0.224 
_refine_ls_shell.percent_reflns_obs               57.3 
_refine_ls_shell.R_factor_R_free                  0.247 
_refine_ls_shell.R_factor_R_free_error            0.030 
_refine_ls_shell.percent_reflns_R_free            2.7 
_refine_ls_shell.number_reflns_R_free             67 
_refine_ls_shell.number_reflns_all                ? 
_refine_ls_shell.R_factor_all                     ? 
_refine_ls_shell.number_reflns_obs                ? 
_refine_ls_shell.redundancy_reflns_obs            ? 
_refine_ls_shell.pdbx_refine_id                   'X-RAY DIFFRACTION' 
# 
loop_
_pdbx_xplor_file.serial_no 
_pdbx_xplor_file.param_file 
_pdbx_xplor_file.topol_file 
_pdbx_xplor_file.pdbx_refine_id 
1 protein_rep.param protein.top 'X-RAY DIFFRACTION' 
2 ion.param         ?           'X-RAY DIFFRACTION' 
3 water_rep.param   ?           'X-RAY DIFFRACTION' 
# 
_struct.entry_id                  2QVG 
_struct.title                     'The crystal structure of a two-component response regulator from Legionella pneumophila' 
_struct.pdbx_model_details        ? 
_struct.pdbx_CASP_flag            ? 
_struct.pdbx_model_type_details   ? 
# 
_struct_keywords.entry_id        2QVG 
_struct_keywords.pdbx_keywords   TRANSFERASE 
_struct_keywords.text            
;11016o, NYSGXRC, two component response regulator, PSI-2, Structural Genomics, Protein Structure Initiative, New York SGX Research Center for Structural Genomics, Transferase
;
# 
loop_
_struct_asym.id 
_struct_asym.pdbx_blank_PDB_chainid_flag 
_struct_asym.pdbx_modified 
_struct_asym.entity_id 
_struct_asym.details 
A N N 1 ? 
B N N 2 ? 
# 
_struct_ref.id                         1 
_struct_ref.db_name                    UNP 
_struct_ref.db_code                    Q5ZSR0_LEGPH 
_struct_ref.pdbx_db_accession          Q5ZSR0 
_struct_ref.entity_id                  1 
_struct_ref.pdbx_seq_one_letter_code   
;AADKVDILYLEDDEVDIQSVERVFHKISSLIKIEIAKSGNQALDMLYGRNKENKIHPKLILLDINIPKMNGIEFLKELRD
DSSFTDIEVFVLTAAYTSKDKLAFESLNIRGHLIKPLDYGEAIKLFWILQSM
;
_struct_ref.pdbx_align_begin           5 
_struct_ref.pdbx_db_isoform            ? 
# 
_struct_ref_seq.align_id                      1 
_struct_ref_seq.ref_id                        1 
_struct_ref_seq.pdbx_PDB_id_code              2QVG 
_struct_ref_seq.pdbx_strand_id                A 
_struct_ref_seq.seq_align_beg                 4 
_struct_ref_seq.pdbx_seq_align_beg_ins_code   ? 
_struct_ref_seq.seq_align_end                 135 
_struct_ref_seq.pdbx_seq_align_end_ins_code   ? 
_struct_ref_seq.pdbx_db_accession             Q5ZSR0 
_struct_ref_seq.db_align_beg                  5 
_struct_ref_seq.pdbx_db_align_beg_ins_code    ? 
_struct_ref_seq.db_align_end                  136 
_struct_ref_seq.pdbx_db_align_end_ins_code    ? 
_struct_ref_seq.pdbx_auth_seq_align_beg       4 
_struct_ref_seq.pdbx_auth_seq_align_end       135 
# 
loop_
_struct_ref_seq_dif.align_id 
_struct_ref_seq_dif.pdbx_pdb_id_code 
_struct_ref_seq_dif.mon_id 
_struct_ref_seq_dif.pdbx_pdb_strand_id 
_struct_ref_seq_dif.seq_num 
_struct_ref_seq_dif.pdbx_pdb_ins_code 
_struct_ref_seq_dif.pdbx_seq_db_name 
_struct_ref_seq_dif.pdbx_seq_db_accession_code 
_struct_ref_seq_dif.db_mon_id 
_struct_ref_seq_dif.pdbx_seq_db_seq_num 
_struct_ref_seq_dif.details 
_struct_ref_seq_dif.pdbx_auth_seq_num 
_struct_ref_seq_dif.pdbx_ordinal 
1 2QVG MSE A 1   ? UNP Q5ZSR0 ? ? 'expression tag' 1   1  
1 2QVG SER A 2   ? UNP Q5ZSR0 ? ? 'expression tag' 2   2  
1 2QVG LEU A 3   ? UNP Q5ZSR0 ? ? 'expression tag' 3   3  
1 2QVG GLU A 136 ? UNP Q5ZSR0 ? ? 'expression tag' 136 4  
1 2QVG GLY A 137 ? UNP Q5ZSR0 ? ? 'expression tag' 137 5  
1 2QVG HIS A 138 ? UNP Q5ZSR0 ? ? 'expression tag' 138 6  
1 2QVG HIS A 139 ? UNP Q5ZSR0 ? ? 'expression tag' 139 7  
1 2QVG HIS A 140 ? UNP Q5ZSR0 ? ? 'expression tag' 140 8  
1 2QVG HIS A 141 ? UNP Q5ZSR0 ? ? 'expression tag' 141 9  
1 2QVG HIS A 142 ? UNP Q5ZSR0 ? ? 'expression tag' 142 10 
1 2QVG HIS A 143 ? UNP Q5ZSR0 ? ? 'expression tag' 143 11 
# 
_pdbx_struct_assembly.id                   1 
_pdbx_struct_assembly.details              author_and_software_defined_assembly 
_pdbx_struct_assembly.method_details       PISA 
_pdbx_struct_assembly.oligomeric_details   monomeric 
_pdbx_struct_assembly.oligomeric_count     1 
# 
_pdbx_struct_assembly_gen.assembly_id       1 
_pdbx_struct_assembly_gen.oper_expression   1 
_pdbx_struct_assembly_gen.asym_id_list      A,B 
# 
_pdbx_struct_oper_list.id                   1 
_pdbx_struct_oper_list.type                 'identity operation' 
_pdbx_struct_oper_list.name                 1_555 
_pdbx_struct_oper_list.symmetry_operation   x,y,z 
_pdbx_struct_oper_list.matrix[1][1]         1.0000000000 
_pdbx_struct_oper_list.matrix[1][2]         0.0000000000 
_pdbx_struct_oper_list.matrix[1][3]         0.0000000000 
_pdbx_struct_oper_list.vector[1]            0.0000000000 
_pdbx_struct_oper_list.matrix[2][1]         0.0000000000 
_pdbx_struct_oper_list.matrix[2][2]         1.0000000000 
_pdbx_struct_oper_list.matrix[2][3]         0.0000000000 
_pdbx_struct_oper_list.vector[2]            0.0000000000 
_pdbx_struct_oper_list.matrix[3][1]         0.0000000000 
_pdbx_struct_oper_list.matrix[3][2]         0.0000000000 
_pdbx_struct_oper_list.matrix[3][3]         1.0000000000 
_pdbx_struct_oper_list.vector[3]            0.0000000000 
# 
loop_
_struct_conf.conf_type_id 
_struct_conf.id 
_struct_conf.pdbx_PDB_helix_id 
_struct_conf.beg_label_comp_id 
_struct_conf.beg_label_asym_id 
_struct_conf.beg_label_seq_id 
_struct_conf.pdbx_beg_PDB_ins_code 
_struct_conf.end_label_comp_id 
_struct_conf.end_label_asym_id 
_struct_conf.end_label_seq_id 
_struct_conf.pdbx_end_PDB_ins_code 
_struct_conf.beg_auth_comp_id 
_struct_conf.beg_auth_asym_id 
_struct_conf.beg_auth_seq_id 
_struct_conf.end_auth_comp_id 
_struct_conf.end_auth_asym_id 
_struct_conf.end_auth_seq_id 
_struct_conf.pdbx_PDB_helix_class 
_struct_conf.details 
_struct_conf.pdbx_PDB_helix_length 
HELX_P HELX_P1 1 ASP A 16  ? SER A 31  ? ASP A 16  SER A 31  1 ? 16 
HELX_P HELX_P2 2 SER A 41  ? GLY A 51  ? SER A 41  GLY A 51  1 ? 11 
HELX_P HELX_P3 3 ASN A 73  ? ARG A 82  ? ASN A 73  ARG A 82  1 ? 10 
HELX_P HELX_P4 4 ASP A 83  ? THR A 88  ? ASP A 83  THR A 88  5 ? 6  
HELX_P HELX_P5 5 THR A 100 ? GLU A 108 ? THR A 100 GLU A 108 1 ? 9  
HELX_P HELX_P6 6 ASP A 121 ? MSE A 135 ? ASP A 121 MSE A 135 1 ? 15 
# 
_struct_conf_type.id          HELX_P 
_struct_conf_type.criteria    ? 
_struct_conf_type.reference   ? 
# 
loop_
_struct_conn.id 
_struct_conn.conn_type_id 
_struct_conn.pdbx_leaving_atom_flag 
_struct_conn.pdbx_PDB_id 
_struct_conn.ptnr1_label_asym_id 
_struct_conn.ptnr1_label_comp_id 
_struct_conn.ptnr1_label_seq_id 
_struct_conn.ptnr1_label_atom_id 
_struct_conn.pdbx_ptnr1_label_alt_id 
_struct_conn.pdbx_ptnr1_PDB_ins_code 
_struct_conn.pdbx_ptnr1_standard_comp_id 
_struct_conn.ptnr1_symmetry 
_struct_conn.ptnr2_label_asym_id 
_struct_conn.ptnr2_label_comp_id 
_struct_conn.ptnr2_label_seq_id 
_struct_conn.ptnr2_label_atom_id 
_struct_conn.pdbx_ptnr2_label_alt_id 
_struct_conn.pdbx_ptnr2_PDB_ins_code 
_struct_conn.ptnr1_auth_asym_id 
_struct_conn.ptnr1_auth_comp_id 
_struct_conn.ptnr1_auth_seq_id 
_struct_conn.ptnr2_auth_asym_id 
_struct_conn.ptnr2_auth_comp_id 
_struct_conn.ptnr2_auth_seq_id 
_struct_conn.ptnr2_symmetry 
_struct_conn.pdbx_ptnr3_label_atom_id 
_struct_conn.pdbx_ptnr3_label_seq_id 
_struct_conn.pdbx_ptnr3_label_comp_id 
_struct_conn.pdbx_ptnr3_label_asym_id 
_struct_conn.pdbx_ptnr3_label_alt_id 
_struct_conn.pdbx_ptnr3_PDB_ins_code 
_struct_conn.details 
_struct_conn.pdbx_dist_value 
_struct_conn.pdbx_value_order 
_struct_conn.pdbx_role 
covale1 covale both ? A ASP 47  C ? ? ? 1_555 A MSE 48  N ? ? A ASP 47  A MSE 48  1_555 ? ? ? ? ? ? ? 1.330 ? ? 
covale2 covale both ? A MSE 48  C ? ? ? 1_555 A LEU 49  N ? ? A MSE 48  A LEU 49  1_555 ? ? ? ? ? ? ? 1.328 ? ? 
covale3 covale both ? A LYS 71  C ? ? ? 1_555 A MSE 72  N ? ? A LYS 71  A MSE 72  1_555 ? ? ? ? ? ? ? 1.329 ? ? 
covale4 covale both ? A MSE 72  C ? ? ? 1_555 A ASN 73  N ? ? A MSE 72  A ASN 73  1_555 ? ? ? ? ? ? ? 1.330 ? ? 
covale5 covale both ? A SER 134 C ? ? ? 1_555 A MSE 135 N ? ? A SER 134 A MSE 135 1_555 ? ? ? ? ? ? ? 1.341 ? ? 
# 
_struct_conn_type.id          covale 
_struct_conn_type.criteria    ? 
_struct_conn_type.reference   ? 
# 
loop_
_pdbx_modification_feature.ordinal 
_pdbx_modification_feature.label_comp_id 
_pdbx_modification_feature.label_asym_id 
_pdbx_modification_feature.label_seq_id 
_pdbx_modification_feature.label_alt_id 
_pdbx_modification_feature.modified_residue_label_comp_id 
_pdbx_modification_feature.modified_residue_label_asym_id 
_pdbx_modification_feature.modified_residue_label_seq_id 
_pdbx_modification_feature.modified_residue_label_alt_id 
_pdbx_modification_feature.auth_comp_id 
_pdbx_modification_feature.auth_asym_id 
_pdbx_modification_feature.auth_seq_id 
_pdbx_modification_feature.PDB_ins_code 
_pdbx_modification_feature.symmetry 
_pdbx_modification_feature.modified_residue_auth_comp_id 
_pdbx_modification_feature.modified_residue_auth_asym_id 
_pdbx_modification_feature.modified_residue_auth_seq_id 
_pdbx_modification_feature.modified_residue_PDB_ins_code 
_pdbx_modification_feature.modified_residue_symmetry 
_pdbx_modification_feature.comp_id_linking_atom 
_pdbx_modification_feature.modified_residue_id_linking_atom 
_pdbx_modification_feature.modified_residue_id 
_pdbx_modification_feature.ref_pcm_id 
_pdbx_modification_feature.ref_comp_id 
_pdbx_modification_feature.type 
_pdbx_modification_feature.category 
1 MSE A 48  ? . . . . MSE A 48  ? 1_555 . . . . . . . MET 1 MSE Selenomethionine 'Named protein modification' 
2 MSE A 72  ? . . . . MSE A 72  ? 1_555 . . . . . . . MET 1 MSE Selenomethionine 'Named protein modification' 
3 MSE A 135 ? . . . . MSE A 135 ? 1_555 . . . . . . . MET 1 MSE Selenomethionine 'Named protein modification' 
# 
_struct_mon_prot_cis.pdbx_id                1 
_struct_mon_prot_cis.label_comp_id          LYS 
_struct_mon_prot_cis.label_seq_id           118 
_struct_mon_prot_cis.label_asym_id          A 
_struct_mon_prot_cis.label_alt_id           . 
_struct_mon_prot_cis.pdbx_PDB_ins_code      ? 
_struct_mon_prot_cis.auth_comp_id           LYS 
_struct_mon_prot_cis.auth_seq_id            118 
_struct_mon_prot_cis.auth_asym_id           A 
_struct_mon_prot_cis.pdbx_label_comp_id_2   PRO 
_struct_mon_prot_cis.pdbx_label_seq_id_2    119 
_struct_mon_prot_cis.pdbx_label_asym_id_2   A 
_struct_mon_prot_cis.pdbx_PDB_ins_code_2    ? 
_struct_mon_prot_cis.pdbx_auth_comp_id_2    PRO 
_struct_mon_prot_cis.pdbx_auth_seq_id_2     119 
_struct_mon_prot_cis.pdbx_auth_asym_id_2    A 
_struct_mon_prot_cis.pdbx_PDB_model_num     1 
_struct_mon_prot_cis.pdbx_omega_angle       -0.56 
# 
_struct_sheet.id               A 
_struct_sheet.type             ? 
_struct_sheet.number_strands   5 
_struct_sheet.details          ? 
# 
loop_
_struct_sheet_order.sheet_id 
_struct_sheet_order.range_id_1 
_struct_sheet_order.range_id_2 
_struct_sheet_order.offset 
_struct_sheet_order.sense 
A 1 2 ? parallel 
A 2 3 ? parallel 
A 3 4 ? parallel 
A 4 5 ? parallel 
# 
loop_
_struct_sheet_range.sheet_id 
_struct_sheet_range.id 
_struct_sheet_range.beg_label_comp_id 
_struct_sheet_range.beg_label_asym_id 
_struct_sheet_range.beg_label_seq_id 
_struct_sheet_range.pdbx_beg_PDB_ins_code 
_struct_sheet_range.end_label_comp_id 
_struct_sheet_range.end_label_asym_id 
_struct_sheet_range.end_label_seq_id 
_struct_sheet_range.pdbx_end_PDB_ins_code 
_struct_sheet_range.beg_auth_comp_id 
_struct_sheet_range.beg_auth_asym_id 
_struct_sheet_range.beg_auth_seq_id 
_struct_sheet_range.end_auth_comp_id 
_struct_sheet_range.end_auth_asym_id 
_struct_sheet_range.end_auth_seq_id 
A 1 ILE A 36  ? ALA A 39  ? ILE A 36  ALA A 39  
A 2 ILE A 10  ? LEU A 13  ? ILE A 10  LEU A 13  
A 3 LEU A 62  ? ASP A 66  ? LEU A 62  ASP A 66  
A 4 GLU A 91  ? THR A 96  ? GLU A 91  THR A 96  
A 5 GLY A 114 ? ILE A 117 ? GLY A 114 ILE A 117 
# 
loop_
_pdbx_struct_sheet_hbond.sheet_id 
_pdbx_struct_sheet_hbond.range_id_1 
_pdbx_struct_sheet_hbond.range_id_2 
_pdbx_struct_sheet_hbond.range_1_label_atom_id 
_pdbx_struct_sheet_hbond.range_1_label_comp_id 
_pdbx_struct_sheet_hbond.range_1_label_asym_id 
_pdbx_struct_sheet_hbond.range_1_label_seq_id 
_pdbx_struct_sheet_hbond.range_1_PDB_ins_code 
_pdbx_struct_sheet_hbond.range_1_auth_atom_id 
_pdbx_struct_sheet_hbond.range_1_auth_comp_id 
_pdbx_struct_sheet_hbond.range_1_auth_asym_id 
_pdbx_struct_sheet_hbond.range_1_auth_seq_id 
_pdbx_struct_sheet_hbond.range_2_label_atom_id 
_pdbx_struct_sheet_hbond.range_2_label_comp_id 
_pdbx_struct_sheet_hbond.range_2_label_asym_id 
_pdbx_struct_sheet_hbond.range_2_label_seq_id 
_pdbx_struct_sheet_hbond.range_2_PDB_ins_code 
_pdbx_struct_sheet_hbond.range_2_auth_atom_id 
_pdbx_struct_sheet_hbond.range_2_auth_comp_id 
_pdbx_struct_sheet_hbond.range_2_auth_asym_id 
_pdbx_struct_sheet_hbond.range_2_auth_seq_id 
A 1 2 O GLU A 37 ? O GLU A 37 N TYR A 12  ? N TYR A 12  
A 2 3 N LEU A 13 ? N LEU A 13 O LEU A 64  ? O LEU A 64  
A 3 4 N LEU A 65 ? N LEU A 65 O LEU A 95  ? O LEU A 95  
A 4 5 N VAL A 94 ? N VAL A 94 O LEU A 116 ? O LEU A 116 
# 
_pdbx_entry_details.entry_id                   2QVG 
_pdbx_entry_details.compound_details           ? 
_pdbx_entry_details.source_details             ? 
_pdbx_entry_details.nonpolymer_details         ? 
_pdbx_entry_details.sequence_details           ? 
_pdbx_entry_details.has_ligand_of_interest     ? 
_pdbx_entry_details.has_protein_modification   Y 
# 
_pdbx_SG_project.id                    1 
_pdbx_SG_project.project_name          'PSI, Protein Structure Initiative' 
_pdbx_SG_project.full_name_of_center   'New York SGX Research Center for Structural Genomics' 
_pdbx_SG_project.initial_of_center     NYSGXRC 
# 
loop_
_pdbx_struct_mod_residue.id 
_pdbx_struct_mod_residue.label_asym_id 
_pdbx_struct_mod_residue.label_comp_id 
_pdbx_struct_mod_residue.label_seq_id 
_pdbx_struct_mod_residue.auth_asym_id 
_pdbx_struct_mod_residue.auth_comp_id 
_pdbx_struct_mod_residue.auth_seq_id 
_pdbx_struct_mod_residue.PDB_ins_code 
_pdbx_struct_mod_residue.parent_comp_id 
_pdbx_struct_mod_residue.details 
1 A MSE 48  A MSE 48  ? MET SELENOMETHIONINE 
2 A MSE 72  A MSE 72  ? MET SELENOMETHIONINE 
3 A MSE 135 A MSE 135 ? MET SELENOMETHIONINE 
# 
_pdbx_struct_special_symmetry.id              1 
_pdbx_struct_special_symmetry.PDB_model_num   1 
_pdbx_struct_special_symmetry.auth_asym_id    A 
_pdbx_struct_special_symmetry.auth_comp_id    HOH 
_pdbx_struct_special_symmetry.auth_seq_id     310 
_pdbx_struct_special_symmetry.PDB_ins_code    ? 
_pdbx_struct_special_symmetry.label_asym_id   B 
_pdbx_struct_special_symmetry.label_comp_id   HOH 
_pdbx_struct_special_symmetry.label_seq_id    . 
# 
loop_
_pdbx_unobs_or_zero_occ_residues.id 
_pdbx_unobs_or_zero_occ_residues.PDB_model_num 
_pdbx_unobs_or_zero_occ_residues.polymer_flag 
_pdbx_unobs_or_zero_occ_residues.occupancy_flag 
_pdbx_unobs_or_zero_occ_residues.auth_asym_id 
_pdbx_unobs_or_zero_occ_residues.auth_comp_id 
_pdbx_unobs_or_zero_occ_residues.auth_seq_id 
_pdbx_unobs_or_zero_occ_residues.PDB_ins_code 
_pdbx_unobs_or_zero_occ_residues.label_asym_id 
_pdbx_unobs_or_zero_occ_residues.label_comp_id 
_pdbx_unobs_or_zero_occ_residues.label_seq_id 
1  1 Y 1 A MSE 1   ? A MSE 1   
2  1 Y 1 A SER 2   ? A SER 2   
3  1 Y 1 A LEU 3   ? A LEU 3   
4  1 Y 1 A ALA 4   ? A ALA 4   
5  1 Y 1 A ALA 5   ? A ALA 5   
6  1 Y 1 A ASP 6   ? A ASP 6   
7  1 Y 1 A GLU 136 ? A GLU 136 
8  1 Y 1 A GLY 137 ? A GLY 137 
9  1 Y 1 A HIS 138 ? A HIS 138 
10 1 Y 1 A HIS 139 ? A HIS 139 
11 1 Y 1 A HIS 140 ? A HIS 140 
12 1 Y 1 A HIS 141 ? A HIS 141 
13 1 Y 1 A HIS 142 ? A HIS 142 
14 1 Y 1 A HIS 143 ? A HIS 143 
# 
loop_
_chem_comp_atom.comp_id 
_chem_comp_atom.atom_id 
_chem_comp_atom.type_symbol 
_chem_comp_atom.pdbx_aromatic_flag 
_chem_comp_atom.pdbx_stereo_config 
_chem_comp_atom.pdbx_ordinal 
ALA N    N  N N 1   
ALA CA   C  N S 2   
ALA C    C  N N 3   
ALA O    O  N N 4   
ALA CB   C  N N 5   
ALA OXT  O  N N 6   
ALA H    H  N N 7   
ALA H2   H  N N 8   
ALA HA   H  N N 9   
ALA HB1  H  N N 10  
ALA HB2  H  N N 11  
ALA HB3  H  N N 12  
ALA HXT  H  N N 13  
ARG N    N  N N 14  
ARG CA   C  N S 15  
ARG C    C  N N 16  
ARG O    O  N N 17  
ARG CB   C  N N 18  
ARG CG   C  N N 19  
ARG CD   C  N N 20  
ARG NE   N  N N 21  
ARG CZ   C  N N 22  
ARG NH1  N  N N 23  
ARG NH2  N  N N 24  
ARG OXT  O  N N 25  
ARG H    H  N N 26  
ARG H2   H  N N 27  
ARG HA   H  N N 28  
ARG HB2  H  N N 29  
ARG HB3  H  N N 30  
ARG HG2  H  N N 31  
ARG HG3  H  N N 32  
ARG HD2  H  N N 33  
ARG HD3  H  N N 34  
ARG HE   H  N N 35  
ARG HH11 H  N N 36  
ARG HH12 H  N N 37  
ARG HH21 H  N N 38  
ARG HH22 H  N N 39  
ARG HXT  H  N N 40  
ASN N    N  N N 41  
ASN CA   C  N S 42  
ASN C    C  N N 43  
ASN O    O  N N 44  
ASN CB   C  N N 45  
ASN CG   C  N N 46  
ASN OD1  O  N N 47  
ASN ND2  N  N N 48  
ASN OXT  O  N N 49  
ASN H    H  N N 50  
ASN H2   H  N N 51  
ASN HA   H  N N 52  
ASN HB2  H  N N 53  
ASN HB3  H  N N 54  
ASN HD21 H  N N 55  
ASN HD22 H  N N 56  
ASN HXT  H  N N 57  
ASP N    N  N N 58  
ASP CA   C  N S 59  
ASP C    C  N N 60  
ASP O    O  N N 61  
ASP CB   C  N N 62  
ASP CG   C  N N 63  
ASP OD1  O  N N 64  
ASP OD2  O  N N 65  
ASP OXT  O  N N 66  
ASP H    H  N N 67  
ASP H2   H  N N 68  
ASP HA   H  N N 69  
ASP HB2  H  N N 70  
ASP HB3  H  N N 71  
ASP HD2  H  N N 72  
ASP HXT  H  N N 73  
GLN N    N  N N 74  
GLN CA   C  N S 75  
GLN C    C  N N 76  
GLN O    O  N N 77  
GLN CB   C  N N 78  
GLN CG   C  N N 79  
GLN CD   C  N N 80  
GLN OE1  O  N N 81  
GLN NE2  N  N N 82  
GLN OXT  O  N N 83  
GLN H    H  N N 84  
GLN H2   H  N N 85  
GLN HA   H  N N 86  
GLN HB2  H  N N 87  
GLN HB3  H  N N 88  
GLN HG2  H  N N 89  
GLN HG3  H  N N 90  
GLN HE21 H  N N 91  
GLN HE22 H  N N 92  
GLN HXT  H  N N 93  
GLU N    N  N N 94  
GLU CA   C  N S 95  
GLU C    C  N N 96  
GLU O    O  N N 97  
GLU CB   C  N N 98  
GLU CG   C  N N 99  
GLU CD   C  N N 100 
GLU OE1  O  N N 101 
GLU OE2  O  N N 102 
GLU OXT  O  N N 103 
GLU H    H  N N 104 
GLU H2   H  N N 105 
GLU HA   H  N N 106 
GLU HB2  H  N N 107 
GLU HB3  H  N N 108 
GLU HG2  H  N N 109 
GLU HG3  H  N N 110 
GLU HE2  H  N N 111 
GLU HXT  H  N N 112 
GLY N    N  N N 113 
GLY CA   C  N N 114 
GLY C    C  N N 115 
GLY O    O  N N 116 
GLY OXT  O  N N 117 
GLY H    H  N N 118 
GLY H2   H  N N 119 
GLY HA2  H  N N 120 
GLY HA3  H  N N 121 
GLY HXT  H  N N 122 
HIS N    N  N N 123 
HIS CA   C  N S 124 
HIS C    C  N N 125 
HIS O    O  N N 126 
HIS CB   C  N N 127 
HIS CG   C  Y N 128 
HIS ND1  N  Y N 129 
HIS CD2  C  Y N 130 
HIS CE1  C  Y N 131 
HIS NE2  N  Y N 132 
HIS OXT  O  N N 133 
HIS H    H  N N 134 
HIS H2   H  N N 135 
HIS HA   H  N N 136 
HIS HB2  H  N N 137 
HIS HB3  H  N N 138 
HIS HD1  H  N N 139 
HIS HD2  H  N N 140 
HIS HE1  H  N N 141 
HIS HE2  H  N N 142 
HIS HXT  H  N N 143 
HOH O    O  N N 144 
HOH H1   H  N N 145 
HOH H2   H  N N 146 
ILE N    N  N N 147 
ILE CA   C  N S 148 
ILE C    C  N N 149 
ILE O    O  N N 150 
ILE CB   C  N S 151 
ILE CG1  C  N N 152 
ILE CG2  C  N N 153 
ILE CD1  C  N N 154 
ILE OXT  O  N N 155 
ILE H    H  N N 156 
ILE H2   H  N N 157 
ILE HA   H  N N 158 
ILE HB   H  N N 159 
ILE HG12 H  N N 160 
ILE HG13 H  N N 161 
ILE HG21 H  N N 162 
ILE HG22 H  N N 163 
ILE HG23 H  N N 164 
ILE HD11 H  N N 165 
ILE HD12 H  N N 166 
ILE HD13 H  N N 167 
ILE HXT  H  N N 168 
LEU N    N  N N 169 
LEU CA   C  N S 170 
LEU C    C  N N 171 
LEU O    O  N N 172 
LEU CB   C  N N 173 
LEU CG   C  N N 174 
LEU CD1  C  N N 175 
LEU CD2  C  N N 176 
LEU OXT  O  N N 177 
LEU H    H  N N 178 
LEU H2   H  N N 179 
LEU HA   H  N N 180 
LEU HB2  H  N N 181 
LEU HB3  H  N N 182 
LEU HG   H  N N 183 
LEU HD11 H  N N 184 
LEU HD12 H  N N 185 
LEU HD13 H  N N 186 
LEU HD21 H  N N 187 
LEU HD22 H  N N 188 
LEU HD23 H  N N 189 
LEU HXT  H  N N 190 
LYS N    N  N N 191 
LYS CA   C  N S 192 
LYS C    C  N N 193 
LYS O    O  N N 194 
LYS CB   C  N N 195 
LYS CG   C  N N 196 
LYS CD   C  N N 197 
LYS CE   C  N N 198 
LYS NZ   N  N N 199 
LYS OXT  O  N N 200 
LYS H    H  N N 201 
LYS H2   H  N N 202 
LYS HA   H  N N 203 
LYS HB2  H  N N 204 
LYS HB3  H  N N 205 
LYS HG2  H  N N 206 
LYS HG3  H  N N 207 
LYS HD2  H  N N 208 
LYS HD3  H  N N 209 
LYS HE2  H  N N 210 
LYS HE3  H  N N 211 
LYS HZ1  H  N N 212 
LYS HZ2  H  N N 213 
LYS HZ3  H  N N 214 
LYS HXT  H  N N 215 
MSE N    N  N N 216 
MSE CA   C  N S 217 
MSE C    C  N N 218 
MSE O    O  N N 219 
MSE OXT  O  N N 220 
MSE CB   C  N N 221 
MSE CG   C  N N 222 
MSE SE   SE N N 223 
MSE CE   C  N N 224 
MSE H    H  N N 225 
MSE H2   H  N N 226 
MSE HA   H  N N 227 
MSE HXT  H  N N 228 
MSE HB2  H  N N 229 
MSE HB3  H  N N 230 
MSE HG2  H  N N 231 
MSE HG3  H  N N 232 
MSE HE1  H  N N 233 
MSE HE2  H  N N 234 
MSE HE3  H  N N 235 
PHE N    N  N N 236 
PHE CA   C  N S 237 
PHE C    C  N N 238 
PHE O    O  N N 239 
PHE CB   C  N N 240 
PHE CG   C  Y N 241 
PHE CD1  C  Y N 242 
PHE CD2  C  Y N 243 
PHE CE1  C  Y N 244 
PHE CE2  C  Y N 245 
PHE CZ   C  Y N 246 
PHE OXT  O  N N 247 
PHE H    H  N N 248 
PHE H2   H  N N 249 
PHE HA   H  N N 250 
PHE HB2  H  N N 251 
PHE HB3  H  N N 252 
PHE HD1  H  N N 253 
PHE HD2  H  N N 254 
PHE HE1  H  N N 255 
PHE HE2  H  N N 256 
PHE HZ   H  N N 257 
PHE HXT  H  N N 258 
PRO N    N  N N 259 
PRO CA   C  N S 260 
PRO C    C  N N 261 
PRO O    O  N N 262 
PRO CB   C  N N 263 
PRO CG   C  N N 264 
PRO CD   C  N N 265 
PRO OXT  O  N N 266 
PRO H    H  N N 267 
PRO HA   H  N N 268 
PRO HB2  H  N N 269 
PRO HB3  H  N N 270 
PRO HG2  H  N N 271 
PRO HG3  H  N N 272 
PRO HD2  H  N N 273 
PRO HD3  H  N N 274 
PRO HXT  H  N N 275 
SER N    N  N N 276 
SER CA   C  N S 277 
SER C    C  N N 278 
SER O    O  N N 279 
SER CB   C  N N 280 
SER OG   O  N N 281 
SER OXT  O  N N 282 
SER H    H  N N 283 
SER H2   H  N N 284 
SER HA   H  N N 285 
SER HB2  H  N N 286 
SER HB3  H  N N 287 
SER HG   H  N N 288 
SER HXT  H  N N 289 
THR N    N  N N 290 
THR CA   C  N S 291 
THR C    C  N N 292 
THR O    O  N N 293 
THR CB   C  N R 294 
THR OG1  O  N N 295 
THR CG2  C  N N 296 
THR OXT  O  N N 297 
THR H    H  N N 298 
THR H2   H  N N 299 
THR HA   H  N N 300 
THR HB   H  N N 301 
THR HG1  H  N N 302 
THR HG21 H  N N 303 
THR HG22 H  N N 304 
THR HG23 H  N N 305 
THR HXT  H  N N 306 
TRP N    N  N N 307 
TRP CA   C  N S 308 
TRP C    C  N N 309 
TRP O    O  N N 310 
TRP CB   C  N N 311 
TRP CG   C  Y N 312 
TRP CD1  C  Y N 313 
TRP CD2  C  Y N 314 
TRP NE1  N  Y N 315 
TRP CE2  C  Y N 316 
TRP CE3  C  Y N 317 
TRP CZ2  C  Y N 318 
TRP CZ3  C  Y N 319 
TRP CH2  C  Y N 320 
TRP OXT  O  N N 321 
TRP H    H  N N 322 
TRP H2   H  N N 323 
TRP HA   H  N N 324 
TRP HB2  H  N N 325 
TRP HB3  H  N N 326 
TRP HD1  H  N N 327 
TRP HE1  H  N N 328 
TRP HE3  H  N N 329 
TRP HZ2  H  N N 330 
TRP HZ3  H  N N 331 
TRP HH2  H  N N 332 
TRP HXT  H  N N 333 
TYR N    N  N N 334 
TYR CA   C  N S 335 
TYR C    C  N N 336 
TYR O    O  N N 337 
TYR CB   C  N N 338 
TYR CG   C  Y N 339 
TYR CD1  C  Y N 340 
TYR CD2  C  Y N 341 
TYR CE1  C  Y N 342 
TYR CE2  C  Y N 343 
TYR CZ   C  Y N 344 
TYR OH   O  N N 345 
TYR OXT  O  N N 346 
TYR H    H  N N 347 
TYR H2   H  N N 348 
TYR HA   H  N N 349 
TYR HB2  H  N N 350 
TYR HB3  H  N N 351 
TYR HD1  H  N N 352 
TYR HD2  H  N N 353 
TYR HE1  H  N N 354 
TYR HE2  H  N N 355 
TYR HH   H  N N 356 
TYR HXT  H  N N 357 
VAL N    N  N N 358 
VAL CA   C  N S 359 
VAL C    C  N N 360 
VAL O    O  N N 361 
VAL CB   C  N N 362 
VAL CG1  C  N N 363 
VAL CG2  C  N N 364 
VAL OXT  O  N N 365 
VAL H    H  N N 366 
VAL H2   H  N N 367 
VAL HA   H  N N 368 
VAL HB   H  N N 369 
VAL HG11 H  N N 370 
VAL HG12 H  N N 371 
VAL HG13 H  N N 372 
VAL HG21 H  N N 373 
VAL HG22 H  N N 374 
VAL HG23 H  N N 375 
VAL HXT  H  N N 376 
# 
loop_
_chem_comp_bond.comp_id 
_chem_comp_bond.atom_id_1 
_chem_comp_bond.atom_id_2 
_chem_comp_bond.value_order 
_chem_comp_bond.pdbx_aromatic_flag 
_chem_comp_bond.pdbx_stereo_config 
_chem_comp_bond.pdbx_ordinal 
ALA N   CA   sing N N 1   
ALA N   H    sing N N 2   
ALA N   H2   sing N N 3   
ALA CA  C    sing N N 4   
ALA CA  CB   sing N N 5   
ALA CA  HA   sing N N 6   
ALA C   O    doub N N 7   
ALA C   OXT  sing N N 8   
ALA CB  HB1  sing N N 9   
ALA CB  HB2  sing N N 10  
ALA CB  HB3  sing N N 11  
ALA OXT HXT  sing N N 12  
ARG N   CA   sing N N 13  
ARG N   H    sing N N 14  
ARG N   H2   sing N N 15  
ARG CA  C    sing N N 16  
ARG CA  CB   sing N N 17  
ARG CA  HA   sing N N 18  
ARG C   O    doub N N 19  
ARG C   OXT  sing N N 20  
ARG CB  CG   sing N N 21  
ARG CB  HB2  sing N N 22  
ARG CB  HB3  sing N N 23  
ARG CG  CD   sing N N 24  
ARG CG  HG2  sing N N 25  
ARG CG  HG3  sing N N 26  
ARG CD  NE   sing N N 27  
ARG CD  HD2  sing N N 28  
ARG CD  HD3  sing N N 29  
ARG NE  CZ   sing N N 30  
ARG NE  HE   sing N N 31  
ARG CZ  NH1  sing N N 32  
ARG CZ  NH2  doub N N 33  
ARG NH1 HH11 sing N N 34  
ARG NH1 HH12 sing N N 35  
ARG NH2 HH21 sing N N 36  
ARG NH2 HH22 sing N N 37  
ARG OXT HXT  sing N N 38  
ASN N   CA   sing N N 39  
ASN N   H    sing N N 40  
ASN N   H2   sing N N 41  
ASN CA  C    sing N N 42  
ASN CA  CB   sing N N 43  
ASN CA  HA   sing N N 44  
ASN C   O    doub N N 45  
ASN C   OXT  sing N N 46  
ASN CB  CG   sing N N 47  
ASN CB  HB2  sing N N 48  
ASN CB  HB3  sing N N 49  
ASN CG  OD1  doub N N 50  
ASN CG  ND2  sing N N 51  
ASN ND2 HD21 sing N N 52  
ASN ND2 HD22 sing N N 53  
ASN OXT HXT  sing N N 54  
ASP N   CA   sing N N 55  
ASP N   H    sing N N 56  
ASP N   H2   sing N N 57  
ASP CA  C    sing N N 58  
ASP CA  CB   sing N N 59  
ASP CA  HA   sing N N 60  
ASP C   O    doub N N 61  
ASP C   OXT  sing N N 62  
ASP CB  CG   sing N N 63  
ASP CB  HB2  sing N N 64  
ASP CB  HB3  sing N N 65  
ASP CG  OD1  doub N N 66  
ASP CG  OD2  sing N N 67  
ASP OD2 HD2  sing N N 68  
ASP OXT HXT  sing N N 69  
GLN N   CA   sing N N 70  
GLN N   H    sing N N 71  
GLN N   H2   sing N N 72  
GLN CA  C    sing N N 73  
GLN CA  CB   sing N N 74  
GLN CA  HA   sing N N 75  
GLN C   O    doub N N 76  
GLN C   OXT  sing N N 77  
GLN CB  CG   sing N N 78  
GLN CB  HB2  sing N N 79  
GLN CB  HB3  sing N N 80  
GLN CG  CD   sing N N 81  
GLN CG  HG2  sing N N 82  
GLN CG  HG3  sing N N 83  
GLN CD  OE1  doub N N 84  
GLN CD  NE2  sing N N 85  
GLN NE2 HE21 sing N N 86  
GLN NE2 HE22 sing N N 87  
GLN OXT HXT  sing N N 88  
GLU N   CA   sing N N 89  
GLU N   H    sing N N 90  
GLU N   H2   sing N N 91  
GLU CA  C    sing N N 92  
GLU CA  CB   sing N N 93  
GLU CA  HA   sing N N 94  
GLU C   O    doub N N 95  
GLU C   OXT  sing N N 96  
GLU CB  CG   sing N N 97  
GLU CB  HB2  sing N N 98  
GLU CB  HB3  sing N N 99  
GLU CG  CD   sing N N 100 
GLU CG  HG2  sing N N 101 
GLU CG  HG3  sing N N 102 
GLU CD  OE1  doub N N 103 
GLU CD  OE2  sing N N 104 
GLU OE2 HE2  sing N N 105 
GLU OXT HXT  sing N N 106 
GLY N   CA   sing N N 107 
GLY N   H    sing N N 108 
GLY N   H2   sing N N 109 
GLY CA  C    sing N N 110 
GLY CA  HA2  sing N N 111 
GLY CA  HA3  sing N N 112 
GLY C   O    doub N N 113 
GLY C   OXT  sing N N 114 
GLY OXT HXT  sing N N 115 
HIS N   CA   sing N N 116 
HIS N   H    sing N N 117 
HIS N   H2   sing N N 118 
HIS CA  C    sing N N 119 
HIS CA  CB   sing N N 120 
HIS CA  HA   sing N N 121 
HIS C   O    doub N N 122 
HIS C   OXT  sing N N 123 
HIS CB  CG   sing N N 124 
HIS CB  HB2  sing N N 125 
HIS CB  HB3  sing N N 126 
HIS CG  ND1  sing Y N 127 
HIS CG  CD2  doub Y N 128 
HIS ND1 CE1  doub Y N 129 
HIS ND1 HD1  sing N N 130 
HIS CD2 NE2  sing Y N 131 
HIS CD2 HD2  sing N N 132 
HIS CE1 NE2  sing Y N 133 
HIS CE1 HE1  sing N N 134 
HIS NE2 HE2  sing N N 135 
HIS OXT HXT  sing N N 136 
HOH O   H1   sing N N 137 
HOH O   H2   sing N N 138 
ILE N   CA   sing N N 139 
ILE N   H    sing N N 140 
ILE N   H2   sing N N 141 
ILE CA  C    sing N N 142 
ILE CA  CB   sing N N 143 
ILE CA  HA   sing N N 144 
ILE C   O    doub N N 145 
ILE C   OXT  sing N N 146 
ILE CB  CG1  sing N N 147 
ILE CB  CG2  sing N N 148 
ILE CB  HB   sing N N 149 
ILE CG1 CD1  sing N N 150 
ILE CG1 HG12 sing N N 151 
ILE CG1 HG13 sing N N 152 
ILE CG2 HG21 sing N N 153 
ILE CG2 HG22 sing N N 154 
ILE CG2 HG23 sing N N 155 
ILE CD1 HD11 sing N N 156 
ILE CD1 HD12 sing N N 157 
ILE CD1 HD13 sing N N 158 
ILE OXT HXT  sing N N 159 
LEU N   CA   sing N N 160 
LEU N   H    sing N N 161 
LEU N   H2   sing N N 162 
LEU CA  C    sing N N 163 
LEU CA  CB   sing N N 164 
LEU CA  HA   sing N N 165 
LEU C   O    doub N N 166 
LEU C   OXT  sing N N 167 
LEU CB  CG   sing N N 168 
LEU CB  HB2  sing N N 169 
LEU CB  HB3  sing N N 170 
LEU CG  CD1  sing N N 171 
LEU CG  CD2  sing N N 172 
LEU CG  HG   sing N N 173 
LEU CD1 HD11 sing N N 174 
LEU CD1 HD12 sing N N 175 
LEU CD1 HD13 sing N N 176 
LEU CD2 HD21 sing N N 177 
LEU CD2 HD22 sing N N 178 
LEU CD2 HD23 sing N N 179 
LEU OXT HXT  sing N N 180 
LYS N   CA   sing N N 181 
LYS N   H    sing N N 182 
LYS N   H2   sing N N 183 
LYS CA  C    sing N N 184 
LYS CA  CB   sing N N 185 
LYS CA  HA   sing N N 186 
LYS C   O    doub N N 187 
LYS C   OXT  sing N N 188 
LYS CB  CG   sing N N 189 
LYS CB  HB2  sing N N 190 
LYS CB  HB3  sing N N 191 
LYS CG  CD   sing N N 192 
LYS CG  HG2  sing N N 193 
LYS CG  HG3  sing N N 194 
LYS CD  CE   sing N N 195 
LYS CD  HD2  sing N N 196 
LYS CD  HD3  sing N N 197 
LYS CE  NZ   sing N N 198 
LYS CE  HE2  sing N N 199 
LYS CE  HE3  sing N N 200 
LYS NZ  HZ1  sing N N 201 
LYS NZ  HZ2  sing N N 202 
LYS NZ  HZ3  sing N N 203 
LYS OXT HXT  sing N N 204 
MSE N   CA   sing N N 205 
MSE N   H    sing N N 206 
MSE N   H2   sing N N 207 
MSE CA  C    sing N N 208 
MSE CA  CB   sing N N 209 
MSE CA  HA   sing N N 210 
MSE C   O    doub N N 211 
MSE C   OXT  sing N N 212 
MSE OXT HXT  sing N N 213 
MSE CB  CG   sing N N 214 
MSE CB  HB2  sing N N 215 
MSE CB  HB3  sing N N 216 
MSE CG  SE   sing N N 217 
MSE CG  HG2  sing N N 218 
MSE CG  HG3  sing N N 219 
MSE SE  CE   sing N N 220 
MSE CE  HE1  sing N N 221 
MSE CE  HE2  sing N N 222 
MSE CE  HE3  sing N N 223 
PHE N   CA   sing N N 224 
PHE N   H    sing N N 225 
PHE N   H2   sing N N 226 
PHE CA  C    sing N N 227 
PHE CA  CB   sing N N 228 
PHE CA  HA   sing N N 229 
PHE C   O    doub N N 230 
PHE C   OXT  sing N N 231 
PHE CB  CG   sing N N 232 
PHE CB  HB2  sing N N 233 
PHE CB  HB3  sing N N 234 
PHE CG  CD1  doub Y N 235 
PHE CG  CD2  sing Y N 236 
PHE CD1 CE1  sing Y N 237 
PHE CD1 HD1  sing N N 238 
PHE CD2 CE2  doub Y N 239 
PHE CD2 HD2  sing N N 240 
PHE CE1 CZ   doub Y N 241 
PHE CE1 HE1  sing N N 242 
PHE CE2 CZ   sing Y N 243 
PHE CE2 HE2  sing N N 244 
PHE CZ  HZ   sing N N 245 
PHE OXT HXT  sing N N 246 
PRO N   CA   sing N N 247 
PRO N   CD   sing N N 248 
PRO N   H    sing N N 249 
PRO CA  C    sing N N 250 
PRO CA  CB   sing N N 251 
PRO CA  HA   sing N N 252 
PRO C   O    doub N N 253 
PRO C   OXT  sing N N 254 
PRO CB  CG   sing N N 255 
PRO CB  HB2  sing N N 256 
PRO CB  HB3  sing N N 257 
PRO CG  CD   sing N N 258 
PRO CG  HG2  sing N N 259 
PRO CG  HG3  sing N N 260 
PRO CD  HD2  sing N N 261 
PRO CD  HD3  sing N N 262 
PRO OXT HXT  sing N N 263 
SER N   CA   sing N N 264 
SER N   H    sing N N 265 
SER N   H2   sing N N 266 
SER CA  C    sing N N 267 
SER CA  CB   sing N N 268 
SER CA  HA   sing N N 269 
SER C   O    doub N N 270 
SER C   OXT  sing N N 271 
SER CB  OG   sing N N 272 
SER CB  HB2  sing N N 273 
SER CB  HB3  sing N N 274 
SER OG  HG   sing N N 275 
SER OXT HXT  sing N N 276 
THR N   CA   sing N N 277 
THR N   H    sing N N 278 
THR N   H2   sing N N 279 
THR CA  C    sing N N 280 
THR CA  CB   sing N N 281 
THR CA  HA   sing N N 282 
THR C   O    doub N N 283 
THR C   OXT  sing N N 284 
THR CB  OG1  sing N N 285 
THR CB  CG2  sing N N 286 
THR CB  HB   sing N N 287 
THR OG1 HG1  sing N N 288 
THR CG2 HG21 sing N N 289 
THR CG2 HG22 sing N N 290 
THR CG2 HG23 sing N N 291 
THR OXT HXT  sing N N 292 
TRP N   CA   sing N N 293 
TRP N   H    sing N N 294 
TRP N   H2   sing N N 295 
TRP CA  C    sing N N 296 
TRP CA  CB   sing N N 297 
TRP CA  HA   sing N N 298 
TRP C   O    doub N N 299 
TRP C   OXT  sing N N 300 
TRP CB  CG   sing N N 301 
TRP CB  HB2  sing N N 302 
TRP CB  HB3  sing N N 303 
TRP CG  CD1  doub Y N 304 
TRP CG  CD2  sing Y N 305 
TRP CD1 NE1  sing Y N 306 
TRP CD1 HD1  sing N N 307 
TRP CD2 CE2  doub Y N 308 
TRP CD2 CE3  sing Y N 309 
TRP NE1 CE2  sing Y N 310 
TRP NE1 HE1  sing N N 311 
TRP CE2 CZ2  sing Y N 312 
TRP CE3 CZ3  doub Y N 313 
TRP CE3 HE3  sing N N 314 
TRP CZ2 CH2  doub Y N 315 
TRP CZ2 HZ2  sing N N 316 
TRP CZ3 CH2  sing Y N 317 
TRP CZ3 HZ3  sing N N 318 
TRP CH2 HH2  sing N N 319 
TRP OXT HXT  sing N N 320 
TYR N   CA   sing N N 321 
TYR N   H    sing N N 322 
TYR N   H2   sing N N 323 
TYR CA  C    sing N N 324 
TYR CA  CB   sing N N 325 
TYR CA  HA   sing N N 326 
TYR C   O    doub N N 327 
TYR C   OXT  sing N N 328 
TYR CB  CG   sing N N 329 
TYR CB  HB2  sing N N 330 
TYR CB  HB3  sing N N 331 
TYR CG  CD1  doub Y N 332 
TYR CG  CD2  sing Y N 333 
TYR CD1 CE1  sing Y N 334 
TYR CD1 HD1  sing N N 335 
TYR CD2 CE2  doub Y N 336 
TYR CD2 HD2  sing N N 337 
TYR CE1 CZ   doub Y N 338 
TYR CE1 HE1  sing N N 339 
TYR CE2 CZ   sing Y N 340 
TYR CE2 HE2  sing N N 341 
TYR CZ  OH   sing N N 342 
TYR OH  HH   sing N N 343 
TYR OXT HXT  sing N N 344 
VAL N   CA   sing N N 345 
VAL N   H    sing N N 346 
VAL N   H2   sing N N 347 
VAL CA  C    sing N N 348 
VAL CA  CB   sing N N 349 
VAL CA  HA   sing N N 350 
VAL C   O    doub N N 351 
VAL C   OXT  sing N N 352 
VAL CB  CG1  sing N N 353 
VAL CB  CG2  sing N N 354 
VAL CB  HB   sing N N 355 
VAL CG1 HG11 sing N N 356 
VAL CG1 HG12 sing N N 357 
VAL CG1 HG13 sing N N 358 
VAL CG2 HG21 sing N N 359 
VAL CG2 HG22 sing N N 360 
VAL CG2 HG23 sing N N 361 
VAL OXT HXT  sing N N 362 
# 
_atom_sites.entry_id                    2QVG 
_atom_sites.fract_transf_matrix[1][1]   0.00542733 
_atom_sites.fract_transf_matrix[1][2]   0.00621738 
_atom_sites.fract_transf_matrix[1][3]   -0.02167016 
_atom_sites.fract_transf_matrix[2][1]   0.00996259 
_atom_sites.fract_transf_matrix[2][2]   0.02055021 
_atom_sites.fract_transf_matrix[2][3]   -0.00401487 
_atom_sites.fract_transf_matrix[3][1]   0.00812904 
_atom_sites.fract_transf_matrix[3][2]   -0.00375354 
_atom_sites.fract_transf_matrix[3][3]   0.00095901 
_atom_sites.fract_transf_vector[1]      0.604954 
_atom_sites.fract_transf_vector[2]      0.302541 
_atom_sites.fract_transf_vector[3]      0.084924 
# 
loop_
_atom_type.symbol 
C  
N  
O  
SE 
# 
loop_
_atom_site.group_PDB 
_atom_site.id 
_atom_site.type_symbol 
_atom_site.label_atom_id 
_atom_site.label_alt_id 
_atom_site.label_comp_id 
_atom_site.label_asym_id 
_atom_site.label_entity_id 
_atom_site.label_seq_id 
_atom_site.pdbx_PDB_ins_code 
_atom_site.Cartn_x 
_atom_site.Cartn_y 
_atom_site.Cartn_z 
_atom_site.occupancy 
_atom_site.B_iso_or_equiv 
_atom_site.pdbx_formal_charge 
_atom_site.auth_seq_id 
_atom_site.auth_comp_id 
_atom_site.auth_asym_id 
_atom_site.auth_atom_id 
_atom_site.pdbx_PDB_model_num 
ATOM   1    N  N   . LYS A 1 7   ? 5.970   0.458   -14.167 1.00 31.97 ? 7   LYS A N   1 
ATOM   2    C  CA  . LYS A 1 7   ? 5.305   -0.875  -14.253 1.00 30.08 ? 7   LYS A CA  1 
ATOM   3    C  C   . LYS A 1 7   ? 4.076   -0.903  -13.349 1.00 29.10 ? 7   LYS A C   1 
ATOM   4    O  O   . LYS A 1 7   ? 2.959   -0.622  -13.794 1.00 30.46 ? 7   LYS A O   1 
ATOM   5    C  CB  . LYS A 1 7   ? 6.288   -1.963  -13.849 1.00 31.04 ? 7   LYS A CB  1 
ATOM   6    N  N   . VAL A 1 8   ? 4.280   -1.247  -12.082 1.00 26.98 ? 8   VAL A N   1 
ATOM   7    C  CA  . VAL A 1 8   ? 3.186   -1.279  -11.118 1.00 22.61 ? 8   VAL A CA  1 
ATOM   8    C  C   . VAL A 1 8   ? 3.117   0.094   -10.463 1.00 21.12 ? 8   VAL A C   1 
ATOM   9    O  O   . VAL A 1 8   ? 4.132   0.643   -10.040 1.00 21.59 ? 8   VAL A O   1 
ATOM   10   C  CB  . VAL A 1 8   ? 3.420   -2.348  -10.021 1.00 23.69 ? 8   VAL A CB  1 
ATOM   11   C  CG1 . VAL A 1 8   ? 2.370   -2.220  -8.930  1.00 22.45 ? 8   VAL A CG1 1 
ATOM   12   C  CG2 . VAL A 1 8   ? 3.363   -3.736  -10.629 1.00 23.50 ? 8   VAL A CG2 1 
ATOM   13   N  N   . ASP A 1 9   ? 1.918   0.653   -10.388 1.00 17.14 ? 9   ASP A N   1 
ATOM   14   C  CA  . ASP A 1 9   ? 1.749   1.956   -9.775  1.00 16.02 ? 9   ASP A CA  1 
ATOM   15   C  C   . ASP A 1 9   ? 1.532   1.812   -8.274  1.00 15.36 ? 9   ASP A C   1 
ATOM   16   O  O   . ASP A 1 9   ? 2.114   2.543   -7.476  1.00 14.69 ? 9   ASP A O   1 
ATOM   17   C  CB  . ASP A 1 9   ? 0.556   2.684   -10.398 1.00 17.17 ? 9   ASP A CB  1 
ATOM   18   C  CG  . ASP A 1 9   ? 0.763   2.983   -11.868 1.00 18.39 ? 9   ASP A CG  1 
ATOM   19   O  OD1 . ASP A 1 9   ? 1.742   3.686   -12.194 1.00 22.71 ? 9   ASP A OD1 1 
ATOM   20   O  OD2 . ASP A 1 9   ? -0.046  2.519   -12.695 1.00 17.95 ? 9   ASP A OD2 1 
ATOM   21   N  N   . ILE A 1 10  ? 0.698   0.850   -7.895  1.00 13.91 ? 10  ILE A N   1 
ATOM   22   C  CA  . ILE A 1 10  ? 0.382   0.643   -6.490  1.00 11.78 ? 10  ILE A CA  1 
ATOM   23   C  C   . ILE A 1 10  ? 0.456   -0.817  -6.067  1.00 9.88  ? 10  ILE A C   1 
ATOM   24   O  O   . ILE A 1 10  ? -0.035  -1.696  -6.772  1.00 11.58 ? 10  ILE A O   1 
ATOM   25   C  CB  . ILE A 1 10  ? -1.057  1.119   -6.178  1.00 12.77 ? 10  ILE A CB  1 
ATOM   26   C  CG1 . ILE A 1 10  ? -1.228  2.591   -6.560  1.00 13.16 ? 10  ILE A CG1 1 
ATOM   27   C  CG2 . ILE A 1 10  ? -1.368  0.919   -4.703  1.00 13.70 ? 10  ILE A CG2 1 
ATOM   28   C  CD1 . ILE A 1 10  ? -2.670  3.075   -6.472  1.00 14.02 ? 10  ILE A CD1 1 
ATOM   29   N  N   . LEU A 1 11  ? 1.085   -1.063  -4.922  1.00 9.16  ? 11  LEU A N   1 
ATOM   30   C  CA  . LEU A 1 11  ? 1.144   -2.406  -4.347  1.00 8.86  ? 11  LEU A CA  1 
ATOM   31   C  C   . LEU A 1 11  ? 0.235   -2.276  -3.129  1.00 7.75  ? 11  LEU A C   1 
ATOM   32   O  O   . LEU A 1 11  ? 0.534   -1.528  -2.196  1.00 9.10  ? 11  LEU A O   1 
ATOM   33   C  CB  . LEU A 1 11  ? 2.566   -2.784  -3.918  1.00 9.61  ? 11  LEU A CB  1 
ATOM   34   C  CG  . LEU A 1 11  ? 2.672   -4.082  -3.097  1.00 9.63  ? 11  LEU A CG  1 
ATOM   35   C  CD1 . LEU A 1 11  ? 2.048   -5.253  -3.863  1.00 11.83 ? 11  LEU A CD1 1 
ATOM   36   C  CD2 . LEU A 1 11  ? 4.139   -4.360  -2.782  1.00 11.11 ? 11  LEU A CD2 1 
ATOM   37   N  N   . TYR A 1 12  ? -0.888  -2.987  -3.162  1.00 8.41  ? 12  TYR A N   1 
ATOM   38   C  CA  . TYR A 1 12  ? -1.877  -2.938  -2.093  1.00 7.71  ? 12  TYR A CA  1 
ATOM   39   C  C   . TYR A 1 12  ? -1.807  -4.193  -1.222  1.00 8.01  ? 12  TYR A C   1 
ATOM   40   O  O   . TYR A 1 12  ? -2.032  -5.297  -1.713  1.00 8.91  ? 12  TYR A O   1 
ATOM   41   C  CB  . TYR A 1 12  ? -3.262  -2.810  -2.737  1.00 8.13  ? 12  TYR A CB  1 
ATOM   42   C  CG  . TYR A 1 12  ? -4.438  -2.641  -1.801  1.00 7.54  ? 12  TYR A CG  1 
ATOM   43   C  CD1 . TYR A 1 12  ? -5.729  -2.896  -2.254  1.00 8.87  ? 12  TYR A CD1 1 
ATOM   44   C  CD2 . TYR A 1 12  ? -4.273  -2.220  -0.484  1.00 7.47  ? 12  TYR A CD2 1 
ATOM   45   C  CE1 . TYR A 1 12  ? -6.824  -2.740  -1.424  1.00 7.05  ? 12  TYR A CE1 1 
ATOM   46   C  CE2 . TYR A 1 12  ? -5.383  -2.061  0.368   1.00 8.01  ? 12  TYR A CE2 1 
ATOM   47   C  CZ  . TYR A 1 12  ? -6.652  -2.328  -0.116  1.00 8.22  ? 12  TYR A CZ  1 
ATOM   48   O  OH  . TYR A 1 12  ? -7.760  -2.219  0.703   1.00 11.73 ? 12  TYR A OH  1 
ATOM   49   N  N   . LEU A 1 13  ? -1.466  -4.015  0.055   1.00 7.87  ? 13  LEU A N   1 
ATOM   50   C  CA  . LEU A 1 13  ? -1.396  -5.131  1.006   1.00 8.46  ? 13  LEU A CA  1 
ATOM   51   C  C   . LEU A 1 13  ? -2.777  -5.249  1.618   1.00 8.38  ? 13  LEU A C   1 
ATOM   52   O  O   . LEU A 1 13  ? -3.175  -4.431  2.455   1.00 9.36  ? 13  LEU A O   1 
ATOM   53   C  CB  . LEU A 1 13  ? -0.358  -4.871  2.104   1.00 9.44  ? 13  LEU A CB  1 
ATOM   54   C  CG  . LEU A 1 13  ? 1.088   -5.218  1.738   1.00 11.53 ? 13  LEU A CG  1 
ATOM   55   C  CD1 . LEU A 1 13  ? 1.593   -4.272  0.654   1.00 14.20 ? 13  LEU A CD1 1 
ATOM   56   C  CD2 . LEU A 1 13  ? 1.968   -5.127  2.972   1.00 14.14 ? 13  LEU A CD2 1 
ATOM   57   N  N   . GLU A 1 14  ? -3.492  -6.290  1.204   1.00 7.84  ? 14  GLU A N   1 
ATOM   58   C  CA  . GLU A 1 14  ? -4.859  -6.512  1.628   1.00 7.19  ? 14  GLU A CA  1 
ATOM   59   C  C   . GLU A 1 14  ? -5.247  -7.975  1.423   1.00 7.97  ? 14  GLU A C   1 
ATOM   60   O  O   . GLU A 1 14  ? -4.871  -8.574  0.420   1.00 9.51  ? 14  GLU A O   1 
ATOM   61   C  CB  . GLU A 1 14  ? -5.770  -5.625  0.774   1.00 9.18  ? 14  GLU A CB  1 
ATOM   62   C  CG  . GLU A 1 14  ? -7.237  -5.801  1.056   1.00 8.97  ? 14  GLU A CG  1 
ATOM   63   C  CD  . GLU A 1 14  ? -7.599  -5.337  2.435   1.00 10.46 ? 14  GLU A CD  1 
ATOM   64   O  OE1 . GLU A 1 14  ? -7.521  -4.116  2.685   1.00 11.19 ? 14  GLU A OE1 1 
ATOM   65   O  OE2 . GLU A 1 14  ? -7.949  -6.191  3.273   1.00 12.19 ? 14  GLU A OE2 1 
ATOM   66   N  N   . ASP A 1 15  ? -5.999  -8.550  2.361   1.00 10.29 ? 15  ASP A N   1 
ATOM   67   C  CA  . ASP A 1 15  ? -6.436  -9.929  2.181   1.00 11.21 ? 15  ASP A CA  1 
ATOM   68   C  C   . ASP A 1 15  ? -7.958  -10.068 2.203   1.00 11.25 ? 15  ASP A C   1 
ATOM   69   O  O   . ASP A 1 15  ? -8.486  -11.178 2.137   1.00 12.85 ? 15  ASP A O   1 
ATOM   70   C  CB  . ASP A 1 15  ? -5.783  -10.867 3.209   1.00 11.97 ? 15  ASP A CB  1 
ATOM   71   C  CG  . ASP A 1 15  ? -6.222  -10.597 4.628   1.00 16.58 ? 15  ASP A CG  1 
ATOM   72   O  OD1 . ASP A 1 15  ? -7.013  -9.661  4.862   1.00 16.83 ? 15  ASP A OD1 1 
ATOM   73   O  OD2 . ASP A 1 15  ? -5.764  -11.340 5.521   1.00 20.78 ? 15  ASP A OD2 1 
ATOM   74   N  N   . ASP A 1 16  ? -8.665  -8.942  2.283   1.00 10.19 ? 16  ASP A N   1 
ATOM   75   C  CA  . ASP A 1 16  ? -10.125 -8.973  2.262   1.00 10.14 ? 16  ASP A CA  1 
ATOM   76   C  C   . ASP A 1 16  ? -10.518 -8.846  0.791   1.00 11.15 ? 16  ASP A C   1 
ATOM   77   O  O   . ASP A 1 16  ? -10.247 -7.826  0.152   1.00 10.11 ? 16  ASP A O   1 
ATOM   78   C  CB  . ASP A 1 16  ? -10.703 -7.815  3.084   1.00 10.62 ? 16  ASP A CB  1 
ATOM   79   C  CG  . ASP A 1 16  ? -12.223 -7.861  3.176   1.00 10.79 ? 16  ASP A CG  1 
ATOM   80   O  OD1 . ASP A 1 16  ? -12.755 -7.909  4.307   1.00 15.00 ? 16  ASP A OD1 1 
ATOM   81   O  OD2 . ASP A 1 16  ? -12.893 -7.847  2.126   1.00 12.65 ? 16  ASP A OD2 1 
ATOM   82   N  N   . GLU A 1 17  ? -11.149 -9.882  0.247   1.00 10.49 ? 17  GLU A N   1 
ATOM   83   C  CA  . GLU A 1 17  ? -11.523 -9.885  -1.161  1.00 10.13 ? 17  GLU A CA  1 
ATOM   84   C  C   . GLU A 1 17  ? -12.484 -8.772  -1.580  1.00 10.08 ? 17  GLU A C   1 
ATOM   85   O  O   . GLU A 1 17  ? -12.470 -8.350  -2.734  1.00 11.15 ? 17  GLU A O   1 
ATOM   86   C  CB  . GLU A 1 17  ? -12.081 -11.260 -1.550  1.00 11.61 ? 17  GLU A CB  1 
ATOM   87   C  CG  . GLU A 1 17  ? -11.055 -12.395 -1.465  1.00 12.05 ? 17  GLU A CG  1 
ATOM   88   C  CD  . GLU A 1 17  ? -9.862  -12.193 -2.389  1.00 14.44 ? 17  GLU A CD  1 
ATOM   89   O  OE1 . GLU A 1 17  ? -10.079 -11.890 -3.580  1.00 16.19 ? 17  GLU A OE1 1 
ATOM   90   O  OE2 . GLU A 1 17  ? -8.711  -12.349 -1.925  1.00 15.02 ? 17  GLU A OE2 1 
ATOM   91   N  N   . VAL A 1 18  ? -13.327 -8.302  -0.667  1.00 10.42 ? 18  VAL A N   1 
ATOM   92   C  CA  . VAL A 1 18  ? -14.238 -7.218  -1.020  1.00 11.47 ? 18  VAL A CA  1 
ATOM   93   C  C   . VAL A 1 18  ? -13.451 -5.911  -1.082  1.00 12.25 ? 18  VAL A C   1 
ATOM   94   O  O   . VAL A 1 18  ? -13.658 -5.106  -1.993  1.00 12.99 ? 18  VAL A O   1 
ATOM   95   C  CB  . VAL A 1 18  ? -15.402 -7.084  -0.013  1.00 11.28 ? 18  VAL A CB  1 
ATOM   96   C  CG1 . VAL A 1 18  ? -16.247 -5.859  -0.350  1.00 11.92 ? 18  VAL A CG1 1 
ATOM   97   C  CG2 . VAL A 1 18  ? -16.273 -8.323  -0.077  1.00 13.42 ? 18  VAL A CG2 1 
ATOM   98   N  N   . ASP A 1 19  ? -12.542 -5.708  -0.131  1.00 11.26 ? 19  ASP A N   1 
ATOM   99   C  CA  . ASP A 1 19  ? -11.713 -4.503  -0.115  1.00 11.75 ? 19  ASP A CA  1 
ATOM   100  C  C   . ASP A 1 19  ? -10.899 -4.452  -1.403  1.00 12.39 ? 19  ASP A C   1 
ATOM   101  O  O   . ASP A 1 19  ? -10.702 -3.383  -1.985  1.00 11.59 ? 19  ASP A O   1 
ATOM   102  C  CB  . ASP A 1 19  ? -10.754 -4.508  1.083   1.00 15.09 ? 19  ASP A CB  1 
ATOM   103  C  CG  . ASP A 1 19  ? -11.402 -4.014  2.362   1.00 19.49 ? 19  ASP A CG  1 
ATOM   104  O  OD1 . ASP A 1 19  ? -11.798 -2.831  2.415   1.00 22.26 ? 19  ASP A OD1 1 
ATOM   105  O  OD2 . ASP A 1 19  ? -11.513 -4.807  3.319   1.00 22.82 ? 19  ASP A OD2 1 
ATOM   106  N  N   . ILE A 1 20  ? -10.414 -5.609  -1.843  1.00 10.74 ? 20  ILE A N   1 
ATOM   107  C  CA  . ILE A 1 20  ? -9.615  -5.679  -3.062  1.00 9.78  ? 20  ILE A CA  1 
ATOM   108  C  C   . ILE A 1 20  ? -10.434 -5.239  -4.268  1.00 12.22 ? 20  ILE A C   1 
ATOM   109  O  O   . ILE A 1 20  ? -9.993  -4.404  -5.057  1.00 11.31 ? 20  ILE A O   1 
ATOM   110  C  CB  . ILE A 1 20  ? -9.076  -7.118  -3.283  1.00 7.90  ? 20  ILE A CB  1 
ATOM   111  C  CG1 . ILE A 1 20  ? -8.037  -7.443  -2.209  1.00 8.79  ? 20  ILE A CG1 1 
ATOM   112  C  CG2 . ILE A 1 20  ? -8.436  -7.245  -4.661  1.00 9.86  ? 20  ILE A CG2 1 
ATOM   113  C  CD1 . ILE A 1 20  ? -7.590  -8.899  -2.179  1.00 10.28 ? 20  ILE A CD1 1 
ATOM   114  N  N   . GLN A 1 21  ? -11.631 -5.793  -4.407  1.00 11.43 ? 21  GLN A N   1 
ATOM   115  C  CA  . GLN A 1 21  ? -12.489 -5.437  -5.526  1.00 13.97 ? 21  GLN A CA  1 
ATOM   116  C  C   . GLN A 1 21  ? -12.914 -3.976  -5.460  1.00 14.01 ? 21  GLN A C   1 
ATOM   117  O  O   . GLN A 1 21  ? -12.959 -3.293  -6.483  1.00 15.71 ? 21  GLN A O   1 
ATOM   118  C  CB  . GLN A 1 21  ? -13.729 -6.334  -5.556  1.00 16.07 ? 21  GLN A CB  1 
ATOM   119  C  CG  . GLN A 1 21  ? -13.414 -7.777  -5.891  1.00 19.55 ? 21  GLN A CG  1 
ATOM   120  C  CD  . GLN A 1 21  ? -12.598 -7.909  -7.163  1.00 20.80 ? 21  GLN A CD  1 
ATOM   121  O  OE1 . GLN A 1 21  ? -11.565 -8.583  -7.189  1.00 24.45 ? 21  GLN A OE1 1 
ATOM   122  N  NE2 . GLN A 1 21  ? -13.056 -7.261  -8.226  1.00 24.40 ? 21  GLN A NE2 1 
ATOM   123  N  N   . SER A 1 22  ? -13.213 -3.495  -4.257  1.00 13.73 ? 22  SER A N   1 
ATOM   124  C  CA  . SER A 1 22  ? -13.650 -2.112  -4.077  1.00 14.87 ? 22  SER A CA  1 
ATOM   125  C  C   . SER A 1 22  ? -12.579 -1.104  -4.459  1.00 13.86 ? 22  SER A C   1 
ATOM   126  O  O   . SER A 1 22  ? -12.850 -0.147  -5.187  1.00 14.82 ? 22  SER A O   1 
ATOM   127  C  CB  . SER A 1 22  ? -14.085 -1.874  -2.630  1.00 16.20 ? 22  SER A CB  1 
ATOM   128  O  OG  . SER A 1 22  ? -15.245 -2.627  -2.324  1.00 21.21 ? 22  SER A OG  1 
ATOM   129  N  N   . VAL A 1 23  ? -11.364 -1.312  -3.969  1.00 12.49 ? 23  VAL A N   1 
ATOM   130  C  CA  . VAL A 1 23  ? -10.265 -0.405  -4.273  1.00 11.81 ? 23  VAL A CA  1 
ATOM   131  C  C   . VAL A 1 23  ? -9.916  -0.447  -5.759  1.00 12.58 ? 23  VAL A C   1 
ATOM   132  O  O   . VAL A 1 23  ? -9.673  0.596   -6.370  1.00 12.20 ? 23  VAL A O   1 
ATOM   133  C  CB  . VAL A 1 23  ? -9.025  -0.742  -3.420  1.00 11.29 ? 23  VAL A CB  1 
ATOM   134  C  CG1 . VAL A 1 23  ? -7.822  0.060   -3.886  1.00 13.58 ? 23  VAL A CG1 1 
ATOM   135  C  CG2 . VAL A 1 23  ? -9.325  -0.451  -1.955  1.00 13.29 ? 23  VAL A CG2 1 
ATOM   136  N  N   . GLU A 1 24  ? -9.897  -1.639  -6.348  1.00 11.53 ? 24  GLU A N   1 
ATOM   137  C  CA  . GLU A 1 24  ? -9.590  -1.744  -7.769  1.00 11.44 ? 24  GLU A CA  1 
ATOM   138  C  C   . GLU A 1 24  ? -10.663 -1.057  -8.609  1.00 12.94 ? 24  GLU A C   1 
ATOM   139  O  O   . GLU A 1 24  ? -10.349 -0.426  -9.619  1.00 13.56 ? 24  GLU A O   1 
ATOM   140  C  CB  . GLU A 1 24  ? -9.456  -3.211  -8.189  1.00 10.96 ? 24  GLU A CB  1 
ATOM   141  C  CG  . GLU A 1 24  ? -8.276  -3.917  -7.549  1.00 12.80 ? 24  GLU A CG  1 
ATOM   142  C  CD  . GLU A 1 24  ? -8.129  -5.348  -8.024  1.00 16.28 ? 24  GLU A CD  1 
ATOM   143  O  OE1 . GLU A 1 24  ? -9.149  -5.956  -8.410  1.00 20.26 ? 24  GLU A OE1 1 
ATOM   144  O  OE2 . GLU A 1 24  ? -6.995  -5.870  -7.993  1.00 18.02 ? 24  GLU A OE2 1 
ATOM   145  N  N   . ARG A 1 25  ? -11.922 -1.163  -8.189  1.00 12.11 ? 25  ARG A N   1 
ATOM   146  C  CA  . ARG A 1 25  ? -13.017 -0.540  -8.929  1.00 13.44 ? 25  ARG A CA  1 
ATOM   147  C  C   . ARG A 1 25  ? -12.955 0.986   -8.860  1.00 13.61 ? 25  ARG A C   1 
ATOM   148  O  O   . ARG A 1 25  ? -13.179 1.663   -9.862  1.00 13.73 ? 25  ARG A O   1 
ATOM   149  C  CB  . ARG A 1 25  ? -14.372 -1.035  -8.402  1.00 14.72 ? 25  ARG A CB  1 
ATOM   150  C  CG  . ARG A 1 25  ? -15.566 -0.534  -9.210  1.00 20.82 ? 25  ARG A CG  1 
ATOM   151  C  CD  . ARG A 1 25  ? -16.881 -1.165  -8.756  1.00 25.18 ? 25  ARG A CD  1 
ATOM   152  N  NE  . ARG A 1 25  ? -16.829 -2.626  -8.758  1.00 30.45 ? 25  ARG A NE  1 
ATOM   153  C  CZ  . ARG A 1 25  ? -16.544 -3.369  -7.693  1.00 32.04 ? 25  ARG A CZ  1 
ATOM   154  N  NH1 . ARG A 1 25  ? -16.290 -2.793  -6.525  1.00 34.24 ? 25  ARG A NH1 1 
ATOM   155  N  NH2 . ARG A 1 25  ? -16.511 -4.691  -7.795  1.00 32.94 ? 25  ARG A NH2 1 
ATOM   156  N  N   . VAL A 1 26  ? -12.654 1.527   -7.686  1.00 11.78 ? 26  VAL A N   1 
ATOM   157  C  CA  . VAL A 1 26  ? -12.561 2.976   -7.522  1.00 12.00 ? 26  VAL A CA  1 
ATOM   158  C  C   . VAL A 1 26  ? -11.460 3.533   -8.424  1.00 12.24 ? 26  VAL A C   1 
ATOM   159  O  O   . VAL A 1 26  ? -11.662 4.523   -9.124  1.00 11.87 ? 26  VAL A O   1 
ATOM   160  C  CB  . VAL A 1 26  ? -12.280 3.353   -6.045  1.00 12.61 ? 26  VAL A CB  1 
ATOM   161  C  CG1 . VAL A 1 26  ? -11.934 4.827   -5.924  1.00 13.98 ? 26  VAL A CG1 1 
ATOM   162  C  CG2 . VAL A 1 26  ? -13.510 3.052   -5.196  1.00 14.47 ? 26  VAL A CG2 1 
ATOM   163  N  N   . PHE A 1 27  ? -10.297 2.895   -8.423  1.00 11.75 ? 27  PHE A N   1 
ATOM   164  C  CA  . PHE A 1 27  ? -9.206  3.357   -9.274  1.00 11.50 ? 27  PHE A CA  1 
ATOM   165  C  C   . PHE A 1 27  ? -9.501  3.113   -10.754 1.00 12.78 ? 27  PHE A C   1 
ATOM   166  O  O   . PHE A 1 27  ? -9.140  3.928   -11.608 1.00 11.86 ? 27  PHE A O   1 
ATOM   167  C  CB  . PHE A 1 27  ? -7.890  2.680   -8.874  1.00 10.96 ? 27  PHE A CB  1 
ATOM   168  C  CG  . PHE A 1 27  ? -7.177  3.367   -7.743  1.00 11.99 ? 27  PHE A CG  1 
ATOM   169  C  CD1 . PHE A 1 27  ? -6.546  4.594   -7.942  1.00 11.87 ? 27  PHE A CD1 1 
ATOM   170  C  CD2 . PHE A 1 27  ? -7.152  2.806   -6.470  1.00 12.53 ? 27  PHE A CD2 1 
ATOM   171  C  CE1 . PHE A 1 27  ? -5.908  5.251   -6.894  1.00 12.50 ? 27  PHE A CE1 1 
ATOM   172  C  CE2 . PHE A 1 27  ? -6.515  3.455   -5.413  1.00 12.88 ? 27  PHE A CE2 1 
ATOM   173  C  CZ  . PHE A 1 27  ? -5.890  4.682   -5.624  1.00 13.36 ? 27  PHE A CZ  1 
ATOM   174  N  N   . HIS A 1 28  ? -10.172 2.005   -11.060 1.00 13.28 ? 28  HIS A N   1 
ATOM   175  C  CA  . HIS A 1 28  ? -10.504 1.676   -12.442 1.00 13.50 ? 28  HIS A CA  1 
ATOM   176  C  C   . HIS A 1 28  ? -11.412 2.731   -13.074 1.00 12.82 ? 28  HIS A C   1 
ATOM   177  O  O   . HIS A 1 28  ? -11.315 3.004   -14.272 1.00 13.60 ? 28  HIS A O   1 
ATOM   178  C  CB  . HIS A 1 28  ? -11.165 0.293   -12.514 1.00 17.99 ? 28  HIS A CB  1 
ATOM   179  C  CG  . HIS A 1 28  ? -11.518 -0.137  -13.905 1.00 20.26 ? 28  HIS A CG  1 
ATOM   180  N  ND1 . HIS A 1 28  ? -12.666 0.281   -14.544 1.00 24.09 ? 28  HIS A ND1 1 
ATOM   181  C  CD2 . HIS A 1 28  ? -10.866 -0.933  -14.784 1.00 22.44 ? 28  HIS A CD2 1 
ATOM   182  C  CE1 . HIS A 1 28  ? -12.705 -0.239  -15.757 1.00 23.33 ? 28  HIS A CE1 1 
ATOM   183  N  NE2 . HIS A 1 28  ? -11.626 -0.980  -15.929 1.00 23.50 ? 28  HIS A NE2 1 
ATOM   184  N  N   . LYS A 1 29  ? -12.291 3.326   -12.273 1.00 11.86 ? 29  LYS A N   1 
ATOM   185  C  CA  . LYS A 1 29  ? -13.194 4.353   -12.787 1.00 12.41 ? 29  LYS A CA  1 
ATOM   186  C  C   . LYS A 1 29  ? -12.432 5.621   -13.152 1.00 12.33 ? 29  LYS A C   1 
ATOM   187  O  O   . LYS A 1 29  ? -12.911 6.439   -13.943 1.00 12.39 ? 29  LYS A O   1 
ATOM   188  C  CB  . LYS A 1 29  ? -14.278 4.683   -11.759 1.00 14.39 ? 29  LYS A CB  1 
ATOM   189  C  CG  . LYS A 1 29  ? -15.285 3.569   -11.537 1.00 16.87 ? 29  LYS A CG  1 
ATOM   190  C  CD  . LYS A 1 29  ? -16.393 4.024   -10.600 1.00 17.61 ? 29  LYS A CD  1 
ATOM   191  C  CE  . LYS A 1 29  ? -17.438 2.933   -10.405 1.00 20.16 ? 29  LYS A CE  1 
ATOM   192  N  NZ  . LYS A 1 29  ? -18.051 2.527   -11.698 1.00 24.47 ? 29  LYS A NZ  1 
ATOM   193  N  N   . ILE A 1 30  ? -11.256 5.791   -12.560 1.00 11.22 ? 30  ILE A N   1 
ATOM   194  C  CA  . ILE A 1 30  ? -10.421 6.953   -12.846 1.00 11.11 ? 30  ILE A CA  1 
ATOM   195  C  C   . ILE A 1 30  ? -9.588  6.615   -14.079 1.00 12.45 ? 30  ILE A C   1 
ATOM   196  O  O   . ILE A 1 30  ? -9.484  7.415   -15.010 1.00 11.30 ? 30  ILE A O   1 
ATOM   197  C  CB  . ILE A 1 30  ? -9.500  7.289   -11.641 1.00 10.76 ? 30  ILE A CB  1 
ATOM   198  C  CG1 . ILE A 1 30  ? -10.349 7.785   -10.466 1.00 10.20 ? 30  ILE A CG1 1 
ATOM   199  C  CG2 . ILE A 1 30  ? -8.472  8.349   -12.040 1.00 12.70 ? 30  ILE A CG2 1 
ATOM   200  C  CD1 . ILE A 1 30  ? -9.574  7.979   -9.176  1.00 11.15 ? 30  ILE A CD1 1 
ATOM   201  N  N   . SER A 1 31  ? -9.013  5.416   -14.092 1.00 11.24 ? 31  SER A N   1 
ATOM   202  C  CA  . SER A 1 31  ? -8.217  4.964   -15.225 1.00 12.59 ? 31  SER A CA  1 
ATOM   203  C  C   . SER A 1 31  ? -7.997  3.461   -15.203 1.00 13.52 ? 31  SER A C   1 
ATOM   204  O  O   . SER A 1 31  ? -7.674  2.890   -14.166 1.00 13.95 ? 31  SER A O   1 
ATOM   205  C  CB  . SER A 1 31  ? -6.854  5.651   -15.248 1.00 13.23 ? 31  SER A CB  1 
ATOM   206  O  OG  . SER A 1 31  ? -6.017  5.019   -16.206 1.00 12.91 ? 31  SER A OG  1 
ATOM   207  N  N   . SER A 1 32  ? -8.161  2.822   -16.355 1.00 14.30 ? 32  SER A N   1 
ATOM   208  C  CA  . SER A 1 32  ? -7.947  1.384   -16.446 1.00 15.81 ? 32  SER A CA  1 
ATOM   209  C  C   . SER A 1 32  ? -6.453  1.112   -16.583 1.00 15.62 ? 32  SER A C   1 
ATOM   210  O  O   . SER A 1 32  ? -6.023  -0.044  -16.609 1.00 18.98 ? 32  SER A O   1 
ATOM   211  C  CB  . SER A 1 32  ? -8.680  0.809   -17.657 1.00 18.37 ? 32  SER A CB  1 
ATOM   212  O  OG  . SER A 1 32  ? -8.169  1.349   -18.862 1.00 22.62 ? 32  SER A OG  1 
ATOM   213  N  N   . LEU A 1 33  ? -5.666  2.181   -16.655 1.00 15.24 ? 33  LEU A N   1 
ATOM   214  C  CA  . LEU A 1 33  ? -4.223  2.062   -16.810 1.00 14.27 ? 33  LEU A CA  1 
ATOM   215  C  C   . LEU A 1 33  ? -3.435  2.211   -15.513 1.00 13.39 ? 33  LEU A C   1 
ATOM   216  O  O   . LEU A 1 33  ? -2.207  2.173   -15.522 1.00 17.40 ? 33  LEU A O   1 
ATOM   217  C  CB  . LEU A 1 33  ? -3.724  3.076   -17.845 1.00 15.01 ? 33  LEU A CB  1 
ATOM   218  C  CG  . LEU A 1 33  ? -4.336  2.915   -19.236 1.00 16.16 ? 33  LEU A CG  1 
ATOM   219  C  CD1 . LEU A 1 33  ? -3.857  4.043   -20.129 1.00 17.39 ? 33  LEU A CD1 1 
ATOM   220  C  CD2 . LEU A 1 33  ? -3.962  1.560   -19.819 1.00 18.99 ? 33  LEU A CD2 1 
ATOM   221  N  N   . ILE A 1 34  ? -4.136  2.407   -14.401 1.00 11.61 ? 34  ILE A N   1 
ATOM   222  C  CA  . ILE A 1 34  ? -3.471  2.494   -13.106 1.00 12.16 ? 34  ILE A CA  1 
ATOM   223  C  C   . ILE A 1 34  ? -3.293  1.029   -12.727 1.00 13.12 ? 34  ILE A C   1 
ATOM   224  O  O   . ILE A 1 34  ? -4.271  0.323   -12.512 1.00 14.79 ? 34  ILE A O   1 
ATOM   225  C  CB  . ILE A 1 34  ? -4.353  3.195   -12.052 1.00 11.23 ? 34  ILE A CB  1 
ATOM   226  C  CG1 . ILE A 1 34  ? -4.565  4.657   -12.445 1.00 14.88 ? 34  ILE A CG1 1 
ATOM   227  C  CG2 . ILE A 1 34  ? -3.702  3.103   -10.679 1.00 12.68 ? 34  ILE A CG2 1 
ATOM   228  C  CD1 . ILE A 1 34  ? -5.549  5.396   -11.565 1.00 15.31 ? 34  ILE A CD1 1 
ATOM   229  N  N   . LYS A 1 35  ? -2.046  0.575   -12.676 1.00 12.61 ? 35  LYS A N   1 
ATOM   230  C  CA  . LYS A 1 35  ? -1.748  -0.816  -12.370 1.00 13.45 ? 35  LYS A CA  1 
ATOM   231  C  C   . LYS A 1 35  ? -1.589  -1.085  -10.883 1.00 12.22 ? 35  LYS A C   1 
ATOM   232  O  O   . LYS A 1 35  ? -0.682  -0.568  -10.233 1.00 11.09 ? 35  LYS A O   1 
ATOM   233  C  CB  . LYS A 1 35  ? -0.484  -1.243  -13.126 1.00 17.20 ? 35  LYS A CB  1 
ATOM   234  C  CG  . LYS A 1 35  ? -0.649  -1.168  -14.639 1.00 23.75 ? 35  LYS A CG  1 
ATOM   235  C  CD  . LYS A 1 35  ? 0.614   -1.553  -15.395 1.00 28.13 ? 35  LYS A CD  1 
ATOM   236  C  CE  . LYS A 1 35  ? 0.323   -1.635  -16.890 1.00 29.83 ? 35  LYS A CE  1 
ATOM   237  N  NZ  . LYS A 1 35  ? 1.511   -1.966  -17.719 1.00 32.98 ? 35  LYS A NZ  1 
ATOM   238  N  N   . ILE A 1 36  ? -2.498  -1.896  -10.353 1.00 11.54 ? 36  ILE A N   1 
ATOM   239  C  CA  . ILE A 1 36  ? -2.491  -2.261  -8.944  1.00 11.89 ? 36  ILE A CA  1 
ATOM   240  C  C   . ILE A 1 36  ? -2.175  -3.741  -8.779  1.00 12.30 ? 36  ILE A C   1 
ATOM   241  O  O   . ILE A 1 36  ? -2.781  -4.593  -9.424  1.00 13.94 ? 36  ILE A O   1 
ATOM   242  C  CB  . ILE A 1 36  ? -3.866  -1.993  -8.297  1.00 13.60 ? 36  ILE A CB  1 
ATOM   243  C  CG1 . ILE A 1 36  ? -4.198  -0.502  -8.382  1.00 14.02 ? 36  ILE A CG1 1 
ATOM   244  C  CG2 . ILE A 1 36  ? -3.863  -2.455  -6.846  1.00 13.67 ? 36  ILE A CG2 1 
ATOM   245  C  CD1 . ILE A 1 36  ? -5.639  -0.179  -8.064  1.00 15.85 ? 36  ILE A CD1 1 
ATOM   246  N  N   . GLU A 1 37  ? -1.209  -4.033  -7.920  1.00 9.36  ? 37  GLU A N   1 
ATOM   247  C  CA  . GLU A 1 37  ? -0.832  -5.407  -7.631  1.00 10.35 ? 37  GLU A CA  1 
ATOM   248  C  C   . GLU A 1 37  ? -1.288  -5.652  -6.198  1.00 9.96  ? 37  GLU A C   1 
ATOM   249  O  O   . GLU A 1 37  ? -1.220  -4.757  -5.357  1.00 9.98  ? 37  GLU A O   1 
ATOM   250  C  CB  . GLU A 1 37  ? 0.683   -5.575  -7.723  1.00 13.17 ? 37  GLU A CB  1 
ATOM   251  C  CG  . GLU A 1 37  ? 1.152   -7.006  -7.911  1.00 21.48 ? 37  GLU A CG  1 
ATOM   252  C  CD  . GLU A 1 37  ? 0.911   -7.501  -9.323  1.00 25.10 ? 37  GLU A CD  1 
ATOM   253  O  OE1 . GLU A 1 37  ? 1.306   -6.793  -10.274 1.00 28.91 ? 37  GLU A OE1 1 
ATOM   254  O  OE2 . GLU A 1 37  ? 0.334   -8.595  -9.482  1.00 27.92 ? 37  GLU A OE2 1 
ATOM   255  N  N   . ILE A 1 38  ? -1.761  -6.860  -5.923  1.00 8.39  ? 38  ILE A N   1 
ATOM   256  C  CA  . ILE A 1 38  ? -2.231  -7.205  -4.590  1.00 7.86  ? 38  ILE A CA  1 
ATOM   257  C  C   . ILE A 1 38  ? -1.304  -8.194  -3.872  1.00 7.91  ? 38  ILE A C   1 
ATOM   258  O  O   . ILE A 1 38  ? -0.914  -9.221  -4.441  1.00 8.90  ? 38  ILE A O   1 
ATOM   259  C  CB  . ILE A 1 38  ? -3.639  -7.858  -4.656  1.00 8.55  ? 38  ILE A CB  1 
ATOM   260  C  CG1 . ILE A 1 38  ? -4.638  -6.936  -5.372  1.00 7.82  ? 38  ILE A CG1 1 
ATOM   261  C  CG2 . ILE A 1 38  ? -4.115  -8.211  -3.255  1.00 7.33  ? 38  ILE A CG2 1 
ATOM   262  C  CD1 . ILE A 1 38  ? -4.888  -5.590  -4.702  1.00 9.99  ? 38  ILE A CD1 1 
ATOM   263  N  N   . ALA A 1 39  ? -0.945  -7.868  -2.631  1.00 7.80  ? 39  ALA A N   1 
ATOM   264  C  CA  . ALA A 1 39  ? -0.132  -8.759  -1.797  1.00 8.08  ? 39  ALA A CA  1 
ATOM   265  C  C   . ALA A 1 39  ? -1.078  -9.084  -0.638  1.00 8.91  ? 39  ALA A C   1 
ATOM   266  O  O   . ALA A 1 39  ? -1.611  -8.181  0.001   1.00 8.50  ? 39  ALA A O   1 
ATOM   267  C  CB  . ALA A 1 39  ? 1.120   -8.045  -1.291  1.00 9.30  ? 39  ALA A CB  1 
ATOM   268  N  N   . LYS A 1 40  ? -1.291  -10.367 -0.363  1.00 9.08  ? 40  LYS A N   1 
ATOM   269  C  CA  . LYS A 1 40  ? -2.225  -10.751 0.690   1.00 9.65  ? 40  LYS A CA  1 
ATOM   270  C  C   . LYS A 1 40  ? -1.595  -11.030 2.048   1.00 9.44  ? 40  LYS A C   1 
ATOM   271  O  O   . LYS A 1 40  ? -2.256  -11.536 2.964   1.00 10.13 ? 40  LYS A O   1 
ATOM   272  C  CB  . LYS A 1 40  ? -3.066  -11.940 0.208   1.00 9.54  ? 40  LYS A CB  1 
ATOM   273  C  CG  . LYS A 1 40  ? -3.751  -11.640 -1.126  1.00 10.28 ? 40  LYS A CG  1 
ATOM   274  C  CD  . LYS A 1 40  ? -4.803  -12.661 -1.523  1.00 10.96 ? 40  LYS A CD  1 
ATOM   275  C  CE  . LYS A 1 40  ? -5.332  -12.347 -2.915  1.00 11.28 ? 40  LYS A CE  1 
ATOM   276  N  NZ  . LYS A 1 40  ? -6.430  -13.271 -3.332  1.00 11.67 ? 40  LYS A NZ  1 
ATOM   277  N  N   . SER A 1 41  ? -0.316  -10.684 2.168   1.00 8.98  ? 41  SER A N   1 
ATOM   278  C  CA  . SER A 1 41  ? 0.437   -10.841 3.404   1.00 8.69  ? 41  SER A CA  1 
ATOM   279  C  C   . SER A 1 41  ? 1.709   -10.023 3.261   1.00 9.80  ? 41  SER A C   1 
ATOM   280  O  O   . SER A 1 41  ? 2.091   -9.648  2.144   1.00 8.01  ? 41  SER A O   1 
ATOM   281  C  CB  . SER A 1 41  ? 0.804   -12.310 3.643   1.00 9.54  ? 41  SER A CB  1 
ATOM   282  O  OG  . SER A 1 41  ? 1.727   -12.761 2.666   1.00 10.45 ? 41  SER A OG  1 
ATOM   283  N  N   . GLY A 1 42  ? 2.353   -9.733  4.385   1.00 10.07 ? 42  GLY A N   1 
ATOM   284  C  CA  . GLY A 1 42  ? 3.596   -8.991  4.334   1.00 9.76  ? 42  GLY A CA  1 
ATOM   285  C  C   . GLY A 1 42  ? 4.650   -9.817  3.620   1.00 9.65  ? 42  GLY A C   1 
ATOM   286  O  O   . GLY A 1 42  ? 5.457   -9.288  2.857   1.00 11.56 ? 42  GLY A O   1 
ATOM   287  N  N   . ASN A 1 43  ? 4.639   -11.128 3.867   1.00 10.81 ? 43  ASN A N   1 
ATOM   288  C  CA  . ASN A 1 43  ? 5.584   -12.051 3.240   1.00 11.68 ? 43  ASN A CA  1 
ATOM   289  C  C   . ASN A 1 43  ? 5.498   -11.982 1.715   1.00 7.53  ? 43  ASN A C   1 
ATOM   290  O  O   . ASN A 1 43  ? 6.517   -11.933 1.024   1.00 8.69  ? 43  ASN A O   1 
ATOM   291  C  CB  . ASN A 1 43  ? 5.290   -13.492 3.681   1.00 15.43 ? 43  ASN A CB  1 
ATOM   292  C  CG  . ASN A 1 43  ? 5.462   -13.703 5.171   1.00 22.40 ? 43  ASN A CG  1 
ATOM   293  O  OD1 . ASN A 1 43  ? 4.642   -14.363 5.813   1.00 27.22 ? 43  ASN A OD1 1 
ATOM   294  N  ND2 . ASN A 1 43  ? 6.537   -13.159 5.726   1.00 22.59 ? 43  ASN A ND2 1 
ATOM   295  N  N   . GLN A 1 44  ? 4.275   -11.986 1.193   1.00 8.35  ? 44  GLN A N   1 
ATOM   296  C  CA  . GLN A 1 44  ? 4.076   -11.934 -0.248  1.00 8.01  ? 44  GLN A CA  1 
ATOM   297  C  C   . GLN A 1 44  ? 4.482   -10.582 -0.818  1.00 7.94  ? 44  GLN A C   1 
ATOM   298  O  O   . GLN A 1 44  ? 5.016   -10.507 -1.925  1.00 8.49  ? 44  GLN A O   1 
ATOM   299  C  CB  . GLN A 1 44  ? 2.617   -12.232 -0.605  1.00 7.96  ? 44  GLN A CB  1 
ATOM   300  C  CG  . GLN A 1 44  ? 2.338   -12.159 -2.101  1.00 7.98  ? 44  GLN A CG  1 
ATOM   301  C  CD  . GLN A 1 44  ? 0.970   -12.690 -2.475  1.00 8.72  ? 44  GLN A CD  1 
ATOM   302  O  OE1 . GLN A 1 44  ? -0.011  -12.456 -1.773  1.00 10.76 ? 44  GLN A OE1 1 
ATOM   303  N  NE2 . GLN A 1 44  ? 0.897   -13.402 -3.593  1.00 11.52 ? 44  GLN A NE2 1 
ATOM   304  N  N   . ALA A 1 45  ? 4.227   -9.517  -0.067  1.00 8.01  ? 45  ALA A N   1 
ATOM   305  C  CA  . ALA A 1 45  ? 4.601   -8.182  -0.524  1.00 8.60  ? 45  ALA A CA  1 
ATOM   306  C  C   . ALA A 1 45  ? 6.117   -8.142  -0.720  1.00 8.25  ? 45  ALA A C   1 
ATOM   307  O  O   . ALA A 1 45  ? 6.609   -7.656  -1.738  1.00 8.88  ? 45  ALA A O   1 
ATOM   308  C  CB  . ALA A 1 45  ? 4.169   -7.144  0.495   1.00 7.84  ? 45  ALA A CB  1 
ATOM   309  N  N   . LEU A 1 46  ? 6.859   -8.674  0.247   1.00 8.49  ? 46  LEU A N   1 
ATOM   310  C  CA  . LEU A 1 46  ? 8.313   -8.700  0.132   1.00 8.83  ? 46  LEU A CA  1 
ATOM   311  C  C   . LEU A 1 46  ? 8.752   -9.600  -1.022  1.00 8.61  ? 46  LEU A C   1 
ATOM   312  O  O   . LEU A 1 46  ? 9.694   -9.275  -1.743  1.00 8.75  ? 46  LEU A O   1 
ATOM   313  C  CB  . LEU A 1 46  ? 8.946   -9.171  1.442   1.00 10.27 ? 46  LEU A CB  1 
ATOM   314  C  CG  . LEU A 1 46  ? 8.780   -8.206  2.616   1.00 11.42 ? 46  LEU A CG  1 
ATOM   315  C  CD1 . LEU A 1 46  ? 9.224   -8.869  3.910   1.00 13.44 ? 46  LEU A CD1 1 
ATOM   316  C  CD2 . LEU A 1 46  ? 9.591   -6.940  2.341   1.00 12.50 ? 46  LEU A CD2 1 
ATOM   317  N  N   . ASP A 1 47  ? 8.078   -10.734 -1.199  1.00 7.51  ? 47  ASP A N   1 
ATOM   318  C  CA  . ASP A 1 47  ? 8.428   -11.630 -2.296  1.00 8.01  ? 47  ASP A CA  1 
ATOM   319  C  C   . ASP A 1 47  ? 8.285   -10.925 -3.642  1.00 7.33  ? 47  ASP A C   1 
ATOM   320  O  O   . ASP A 1 47  ? 9.092   -11.133 -4.546  1.00 8.91  ? 47  ASP A O   1 
ATOM   321  C  CB  . ASP A 1 47  ? 7.543   -12.878 -2.301  1.00 8.70  ? 47  ASP A CB  1 
ATOM   322  C  CG  . ASP A 1 47  ? 7.859   -13.830 -1.164  1.00 10.75 ? 47  ASP A CG  1 
ATOM   323  O  OD1 . ASP A 1 47  ? 8.959   -13.742 -0.578  1.00 9.90  ? 47  ASP A OD1 1 
ATOM   324  O  OD2 . ASP A 1 47  ? 7.002   -14.686 -0.864  1.00 9.36  ? 47  ASP A OD2 1 
HETATM 325  N  N   . MSE A 1 48  ? 7.258   -10.089 -3.769  1.00 9.08  ? 48  MSE A N   1 
HETATM 326  C  CA  . MSE A 1 48  ? 7.013   -9.358  -5.005  1.00 9.24  ? 48  MSE A CA  1 
HETATM 327  C  C   . MSE A 1 48  ? 8.045   -8.246  -5.203  1.00 8.93  ? 48  MSE A C   1 
HETATM 328  O  O   . MSE A 1 48  ? 8.488   -7.990  -6.326  1.00 10.24 ? 48  MSE A O   1 
HETATM 329  C  CB  . MSE A 1 48  ? 5.594   -8.784  -4.989  1.00 9.25  ? 48  MSE A CB  1 
HETATM 330  C  CG  . MSE A 1 48  ? 4.516   -9.861  -4.942  1.00 8.67  ? 48  MSE A CG  1 
HETATM 331  SE SE  . MSE A 1 48  ? 2.727   -9.183  -4.677  1.00 18.26 ? 48  MSE A SE  1 
HETATM 332  C  CE  . MSE A 1 48  ? 1.821   -10.105 -6.108  1.00 16.86 ? 48  MSE A CE  1 
ATOM   333  N  N   . LEU A 1 49  ? 8.436   -7.599  -4.111  1.00 8.65  ? 49  LEU A N   1 
ATOM   334  C  CA  . LEU A 1 49  ? 9.434   -6.530  -4.180  1.00 9.10  ? 49  LEU A CA  1 
ATOM   335  C  C   . LEU A 1 49  ? 10.827  -7.084  -4.481  1.00 10.58 ? 49  LEU A C   1 
ATOM   336  O  O   . LEU A 1 49  ? 11.653  -6.392  -5.078  1.00 11.42 ? 49  LEU A O   1 
ATOM   337  C  CB  . LEU A 1 49  ? 9.463   -5.747  -2.863  1.00 8.51  ? 49  LEU A CB  1 
ATOM   338  C  CG  . LEU A 1 49  ? 8.261   -4.840  -2.587  1.00 8.25  ? 49  LEU A CG  1 
ATOM   339  C  CD1 . LEU A 1 49  ? 8.319   -4.321  -1.160  1.00 11.04 ? 49  LEU A CD1 1 
ATOM   340  C  CD2 . LEU A 1 49  ? 8.255   -3.684  -3.587  1.00 10.47 ? 49  LEU A CD2 1 
ATOM   341  N  N   . TYR A 1 50  ? 11.090  -8.324  -4.075  1.00 9.87  ? 50  TYR A N   1 
ATOM   342  C  CA  . TYR A 1 50  ? 12.393  -8.944  -4.315  1.00 11.01 ? 50  TYR A CA  1 
ATOM   343  C  C   . TYR A 1 50  ? 12.403  -9.875  -5.525  1.00 12.50 ? 50  TYR A C   1 
ATOM   344  O  O   . TYR A 1 50  ? 13.473  -10.278 -5.989  1.00 14.90 ? 50  TYR A O   1 
ATOM   345  C  CB  . TYR A 1 50  ? 12.851  -9.715  -3.074  1.00 10.05 ? 50  TYR A CB  1 
ATOM   346  C  CG  . TYR A 1 50  ? 13.303  -8.830  -1.937  1.00 8.62  ? 50  TYR A CG  1 
ATOM   347  C  CD1 . TYR A 1 50  ? 14.400  -7.978  -2.085  1.00 11.84 ? 50  TYR A CD1 1 
ATOM   348  C  CD2 . TYR A 1 50  ? 12.643  -8.841  -0.711  1.00 11.38 ? 50  TYR A CD2 1 
ATOM   349  C  CE1 . TYR A 1 50  ? 14.823  -7.163  -1.045  1.00 11.27 ? 50  TYR A CE1 1 
ATOM   350  C  CE2 . TYR A 1 50  ? 13.062  -8.026  0.340   1.00 12.70 ? 50  TYR A CE2 1 
ATOM   351  C  CZ  . TYR A 1 50  ? 14.152  -7.189  0.164   1.00 12.13 ? 50  TYR A CZ  1 
ATOM   352  O  OH  . TYR A 1 50  ? 14.570  -6.388  1.201   1.00 13.64 ? 50  TYR A OH  1 
ATOM   353  N  N   . GLY A 1 51  ? 11.217  -10.210 -6.032  1.00 12.23 ? 51  GLY A N   1 
ATOM   354  C  CA  . GLY A 1 51  ? 11.110  -11.091 -7.185  1.00 13.33 ? 51  GLY A CA  1 
ATOM   355  C  C   . GLY A 1 51  ? 11.526  -12.520 -6.878  1.00 15.09 ? 51  GLY A C   1 
ATOM   356  O  O   . GLY A 1 51  ? 12.319  -13.120 -7.606  1.00 17.22 ? 51  GLY A O   1 
ATOM   357  N  N   . ARG A 1 52  ? 10.971  -13.072 -5.807  1.00 11.80 ? 52  ARG A N   1 
ATOM   358  C  CA  . ARG A 1 52  ? 11.298  -14.426 -5.378  1.00 10.58 ? 52  ARG A CA  1 
ATOM   359  C  C   . ARG A 1 52  ? 10.030  -15.220 -5.061  1.00 9.60  ? 52  ARG A C   1 
ATOM   360  O  O   . ARG A 1 52  ? 8.919   -14.692 -5.120  1.00 9.35  ? 52  ARG A O   1 
ATOM   361  C  CB  . ARG A 1 52  ? 12.177  -14.349 -4.129  1.00 9.73  ? 52  ARG A CB  1 
ATOM   362  C  CG  . ARG A 1 52  ? 11.474  -13.676 -2.957  1.00 8.82  ? 52  ARG A CG  1 
ATOM   363  C  CD  . ARG A 1 52  ? 12.441  -13.276 -1.872  1.00 8.81  ? 52  ARG A CD  1 
ATOM   364  N  NE  . ARG A 1 52  ? 11.742  -12.768 -0.695  1.00 10.08 ? 52  ARG A NE  1 
ATOM   365  C  CZ  . ARG A 1 52  ? 12.346  -12.166 0.322   1.00 9.07  ? 52  ARG A CZ  1 
ATOM   366  N  NH1 . ARG A 1 52  ? 13.660  -11.987 0.296   1.00 10.18 ? 52  ARG A NH1 1 
ATOM   367  N  NH2 . ARG A 1 52  ? 11.646  -11.770 1.374   1.00 9.93  ? 52  ARG A NH2 1 
ATOM   368  N  N   . ASN A 1 53  ? 10.214  -16.492 -4.720  1.00 10.21 ? 53  ASN A N   1 
ATOM   369  C  CA  . ASN A 1 53  ? 9.106   -17.375 -4.361  1.00 11.05 ? 53  ASN A CA  1 
ATOM   370  C  C   . ASN A 1 53  ? 7.991   -17.343 -5.410  1.00 11.69 ? 53  ASN A C   1 
ATOM   371  O  O   . ASN A 1 53  ? 6.804   -17.221 -5.086  1.00 13.08 ? 53  ASN A O   1 
ATOM   372  C  CB  . ASN A 1 53  ? 8.571   -16.984 -2.977  1.00 10.90 ? 53  ASN A CB  1 
ATOM   373  C  CG  . ASN A 1 53  ? 7.739   -18.081 -2.326  1.00 10.60 ? 53  ASN A CG  1 
ATOM   374  O  OD1 . ASN A 1 53  ? 7.720   -19.224 -2.784  1.00 12.30 ? 53  ASN A OD1 1 
ATOM   375  N  ND2 . ASN A 1 53  ? 7.066   -17.739 -1.233  1.00 10.81 ? 53  ASN A ND2 1 
ATOM   376  N  N   . LYS A 1 54  ? 8.400   -17.442 -6.670  1.00 12.87 ? 54  LYS A N   1 
ATOM   377  C  CA  . LYS A 1 54  ? 7.488   -17.459 -7.807  1.00 14.22 ? 54  LYS A CA  1 
ATOM   378  C  C   . LYS A 1 54  ? 6.798   -16.138 -8.138  1.00 14.28 ? 54  LYS A C   1 
ATOM   379  O  O   . LYS A 1 54  ? 5.927   -16.090 -9.010  1.00 15.50 ? 54  LYS A O   1 
ATOM   380  C  CB  . LYS A 1 54  ? 6.449   -18.570 -7.609  1.00 17.47 ? 54  LYS A CB  1 
ATOM   381  C  CG  . LYS A 1 54  ? 7.095   -19.943 -7.423  1.00 21.53 ? 54  LYS A CG  1 
ATOM   382  C  CD  . LYS A 1 54  ? 6.080   -21.050 -7.171  1.00 24.70 ? 54  LYS A CD  1 
ATOM   383  C  CE  . LYS A 1 54  ? 5.389   -20.884 -5.832  1.00 25.54 ? 54  LYS A CE  1 
ATOM   384  N  NZ  . LYS A 1 54  ? 4.506   -22.046 -5.530  1.00 29.39 ? 54  LYS A NZ  1 
ATOM   385  N  N   . GLU A 1 55  ? 7.186   -15.064 -7.458  1.00 13.03 ? 55  GLU A N   1 
ATOM   386  C  CA  . GLU A 1 55  ? 6.599   -13.754 -7.722  1.00 12.84 ? 55  GLU A CA  1 
ATOM   387  C  C   . GLU A 1 55  ? 7.501   -12.973 -8.674  1.00 13.56 ? 55  GLU A C   1 
ATOM   388  O  O   . GLU A 1 55  ? 8.726   -13.032 -8.573  1.00 14.39 ? 55  GLU A O   1 
ATOM   389  C  CB  . GLU A 1 55  ? 6.446   -12.949 -6.427  1.00 11.48 ? 55  GLU A CB  1 
ATOM   390  C  CG  . GLU A 1 55  ? 5.527   -13.555 -5.380  1.00 13.14 ? 55  GLU A CG  1 
ATOM   391  C  CD  . GLU A 1 55  ? 4.064   -13.544 -5.783  1.00 15.09 ? 55  GLU A CD  1 
ATOM   392  O  OE1 . GLU A 1 55  ? 3.697   -12.838 -6.746  1.00 16.08 ? 55  GLU A OE1 1 
ATOM   393  O  OE2 . GLU A 1 55  ? 3.271   -14.242 -5.119  1.00 19.00 ? 55  GLU A OE2 1 
ATOM   394  N  N   . ASN A 1 56  ? 6.886   -12.247 -9.599  1.00 15.65 ? 56  ASN A N   1 
ATOM   395  C  CA  . ASN A 1 56  ? 7.633   -11.432 -10.547 1.00 17.51 ? 56  ASN A CA  1 
ATOM   396  C  C   . ASN A 1 56  ? 7.999   -10.137 -9.842  1.00 16.21 ? 56  ASN A C   1 
ATOM   397  O  O   . ASN A 1 56  ? 7.165   -9.532  -9.168  1.00 17.16 ? 56  ASN A O   1 
ATOM   398  C  CB  . ASN A 1 56  ? 6.776   -11.145 -11.778 1.00 20.73 ? 56  ASN A CB  1 
ATOM   399  C  CG  . ASN A 1 56  ? 6.521   -12.388 -12.607 1.00 24.24 ? 56  ASN A CG  1 
ATOM   400  O  OD1 . ASN A 1 56  ? 5.538   -12.467 -13.342 1.00 29.62 ? 56  ASN A OD1 1 
ATOM   401  N  ND2 . ASN A 1 56  ? 7.415   -13.364 -12.500 1.00 27.02 ? 56  ASN A ND2 1 
ATOM   402  N  N   . LYS A 1 57  ? 9.248   -9.714  -9.991  1.00 14.59 ? 57  LYS A N   1 
ATOM   403  C  CA  . LYS A 1 57  ? 9.709   -8.499  -9.334  1.00 13.91 ? 57  LYS A CA  1 
ATOM   404  C  C   . LYS A 1 57  ? 8.971   -7.261  -9.820  1.00 13.84 ? 57  LYS A C   1 
ATOM   405  O  O   . LYS A 1 57  ? 8.834   -7.039  -11.024 1.00 16.21 ? 57  LYS A O   1 
ATOM   406  C  CB  . LYS A 1 57  ? 11.212  -8.319  -9.557  1.00 15.05 ? 57  LYS A CB  1 
ATOM   407  C  CG  . LYS A 1 57  ? 11.828  -7.244  -8.686  1.00 14.88 ? 57  LYS A CG  1 
ATOM   408  C  CD  . LYS A 1 57  ? 13.340  -7.250  -8.806  1.00 18.54 ? 57  LYS A CD  1 
ATOM   409  C  CE  . LYS A 1 57  ? 13.978  -6.313  -7.796  1.00 20.47 ? 57  LYS A CE  1 
ATOM   410  N  NZ  . LYS A 1 57  ? 15.465  -6.326  -7.908  1.00 24.79 ? 57  LYS A NZ  1 
ATOM   411  N  N   . ILE A 1 58  ? 8.488   -6.461  -8.874  1.00 12.18 ? 58  ILE A N   1 
ATOM   412  C  CA  . ILE A 1 58  ? 7.781   -5.232  -9.208  1.00 13.13 ? 58  ILE A CA  1 
ATOM   413  C  C   . ILE A 1 58  ? 8.424   -4.055  -8.492  1.00 14.17 ? 58  ILE A C   1 
ATOM   414  O  O   . ILE A 1 58  ? 9.076   -4.223  -7.454  1.00 14.68 ? 58  ILE A O   1 
ATOM   415  C  CB  . ILE A 1 58  ? 6.284   -5.287  -8.808  1.00 14.08 ? 58  ILE A CB  1 
ATOM   416  C  CG1 . ILE A 1 58  ? 6.144   -5.595  -7.314  1.00 15.03 ? 58  ILE A CG1 1 
ATOM   417  C  CG2 . ILE A 1 58  ? 5.561   -6.316  -9.652  1.00 15.55 ? 58  ILE A CG2 1 
ATOM   418  C  CD1 . ILE A 1 58  ? 4.720   -5.466  -6.802  1.00 18.11 ? 58  ILE A CD1 1 
ATOM   419  N  N   . HIS A 1 59  ? 8.244   -2.871  -9.069  1.00 14.47 ? 59  HIS A N   1 
ATOM   420  C  CA  . HIS A 1 59  ? 8.776   -1.627  -8.521  1.00 14.47 ? 59  HIS A CA  1 
ATOM   421  C  C   . HIS A 1 59  ? 7.629   -0.627  -8.445  1.00 14.41 ? 59  HIS A C   1 
ATOM   422  O  O   . HIS A 1 59  ? 7.495   0.244   -9.305  1.00 17.24 ? 59  HIS A O   1 
ATOM   423  C  CB  . HIS A 1 59  ? 9.872   -1.048  -9.426  1.00 16.60 ? 59  HIS A CB  1 
ATOM   424  C  CG  . HIS A 1 59  ? 11.076  -1.928  -9.574  1.00 18.36 ? 59  HIS A CG  1 
ATOM   425  N  ND1 . HIS A 1 59  ? 11.082  -3.058  -10.361 1.00 20.83 ? 59  HIS A ND1 1 
ATOM   426  C  CD2 . HIS A 1 59  ? 12.320  -1.830  -9.046  1.00 19.04 ? 59  HIS A CD2 1 
ATOM   427  C  CE1 . HIS A 1 59  ? 12.279  -3.618  -10.316 1.00 19.56 ? 59  HIS A CE1 1 
ATOM   428  N  NE2 . HIS A 1 59  ? 13.048  -2.890  -9.525  1.00 20.38 ? 59  HIS A NE2 1 
ATOM   429  N  N   . PRO A 1 60  ? 6.787   -0.736  -7.410  1.00 11.36 ? 60  PRO A N   1 
ATOM   430  C  CA  . PRO A 1 60  ? 5.653   0.177   -7.255  1.00 11.84 ? 60  PRO A CA  1 
ATOM   431  C  C   . PRO A 1 60  ? 6.045   1.570   -6.794  1.00 10.62 ? 60  PRO A C   1 
ATOM   432  O  O   . PRO A 1 60  ? 7.021   1.741   -6.066  1.00 12.30 ? 60  PRO A O   1 
ATOM   433  C  CB  . PRO A 1 60  ? 4.792   -0.527  -6.219  1.00 12.32 ? 60  PRO A CB  1 
ATOM   434  C  CG  . PRO A 1 60  ? 5.840   -1.134  -5.316  1.00 13.10 ? 60  PRO A CG  1 
ATOM   435  C  CD  . PRO A 1 60  ? 6.836   -1.708  -6.301  1.00 13.17 ? 60  PRO A CD  1 
ATOM   436  N  N   . LYS A 1 61  ? 5.274   2.562   -7.219  1.00 11.82 ? 61  LYS A N   1 
ATOM   437  C  CA  . LYS A 1 61  ? 5.533   3.938   -6.818  1.00 13.39 ? 61  LYS A CA  1 
ATOM   438  C  C   . LYS A 1 61  ? 4.975   4.154   -5.416  1.00 12.28 ? 61  LYS A C   1 
ATOM   439  O  O   . LYS A 1 61  ? 5.545   4.889   -4.611  1.00 13.51 ? 61  LYS A O   1 
ATOM   440  C  CB  . LYS A 1 61  ? 4.856   4.924   -7.774  1.00 16.98 ? 61  LYS A CB  1 
ATOM   441  C  CG  . LYS A 1 61  ? 5.476   5.036   -9.157  1.00 20.78 ? 61  LYS A CG  1 
ATOM   442  C  CD  . LYS A 1 61  ? 4.782   6.141   -9.945  1.00 25.70 ? 61  LYS A CD  1 
ATOM   443  C  CE  . LYS A 1 61  ? 5.426   6.375   -11.300 1.00 28.45 ? 61  LYS A CE  1 
ATOM   444  N  NZ  . LYS A 1 61  ? 4.736   7.477   -12.033 1.00 30.93 ? 61  LYS A NZ  1 
ATOM   445  N  N   . LEU A 1 62  ? 3.845   3.506   -5.142  1.00 12.04 ? 62  LEU A N   1 
ATOM   446  C  CA  . LEU A 1 62  ? 3.172   3.626   -3.855  1.00 9.67  ? 62  LEU A CA  1 
ATOM   447  C  C   . LEU A 1 62  ? 2.793   2.278   -3.271  1.00 9.80  ? 62  LEU A C   1 
ATOM   448  O  O   . LEU A 1 62  ? 2.489   1.338   -4.002  1.00 10.29 ? 62  LEU A O   1 
ATOM   449  C  CB  . LEU A 1 62  ? 1.862   4.410   -4.003  1.00 13.52 ? 62  LEU A CB  1 
ATOM   450  C  CG  . LEU A 1 62  ? 1.776   5.874   -4.420  1.00 15.12 ? 62  LEU A CG  1 
ATOM   451  C  CD1 . LEU A 1 62  ? 0.311   6.216   -4.653  1.00 14.66 ? 62  LEU A CD1 1 
ATOM   452  C  CD2 . LEU A 1 62  ? 2.362   6.772   -3.345  1.00 16.42 ? 62  LEU A CD2 1 
ATOM   453  N  N   . ILE A 1 63  ? 2.806   2.211   -1.947  1.00 9.44  ? 63  ILE A N   1 
ATOM   454  C  CA  . ILE A 1 63  ? 2.374   1.024   -1.231  1.00 10.05 ? 63  ILE A CA  1 
ATOM   455  C  C   . ILE A 1 63  ? 1.193   1.472   -0.377  1.00 10.64 ? 63  ILE A C   1 
ATOM   456  O  O   . ILE A 1 63  ? 1.282   2.453   0.369   1.00 11.76 ? 63  ILE A O   1 
ATOM   457  C  CB  . ILE A 1 63  ? 3.474   0.445   -0.317  1.00 11.09 ? 63  ILE A CB  1 
ATOM   458  C  CG1 . ILE A 1 63  ? 4.511   -0.294  -1.168  1.00 12.53 ? 63  ILE A CG1 1 
ATOM   459  C  CG2 . ILE A 1 63  ? 2.850   -0.515  0.703   1.00 13.19 ? 63  ILE A CG2 1 
ATOM   460  C  CD1 . ILE A 1 63  ? 5.666   -0.880  -0.382  1.00 13.11 ? 63  ILE A CD1 1 
ATOM   461  N  N   . LEU A 1 64  ? 0.073   0.776   -0.527  1.00 9.96  ? 64  LEU A N   1 
ATOM   462  C  CA  . LEU A 1 64  ? -1.132  1.060   0.240   1.00 9.54  ? 64  LEU A CA  1 
ATOM   463  C  C   . LEU A 1 64  ? -1.229  -0.106  1.220   1.00 10.02 ? 64  LEU A C   1 
ATOM   464  O  O   . LEU A 1 64  ? -1.354  -1.256  0.810   1.00 11.13 ? 64  LEU A O   1 
ATOM   465  C  CB  . LEU A 1 64  ? -2.348  1.097   -0.690  1.00 10.76 ? 64  LEU A CB  1 
ATOM   466  C  CG  . LEU A 1 64  ? -3.715  1.449   -0.103  1.00 13.60 ? 64  LEU A CG  1 
ATOM   467  C  CD1 . LEU A 1 64  ? -3.680  2.837   0.531   1.00 15.10 ? 64  LEU A CD1 1 
ATOM   468  C  CD2 . LEU A 1 64  ? -4.757  1.398   -1.208  1.00 15.36 ? 64  LEU A CD2 1 
ATOM   469  N  N   . LEU A 1 65  ? -1.164  0.189   2.512   1.00 10.99 ? 65  LEU A N   1 
ATOM   470  C  CA  . LEU A 1 65  ? -1.190  -0.853  3.530   1.00 12.68 ? 65  LEU A CA  1 
ATOM   471  C  C   . LEU A 1 65  ? -2.421  -0.818  4.419   1.00 13.73 ? 65  LEU A C   1 
ATOM   472  O  O   . LEU A 1 65  ? -2.645  0.157   5.133   1.00 12.96 ? 65  LEU A O   1 
ATOM   473  C  CB  . LEU A 1 65  ? 0.074   -0.729  4.390   1.00 15.39 ? 65  LEU A CB  1 
ATOM   474  C  CG  . LEU A 1 65  ? 0.266   -1.641  5.603   1.00 18.35 ? 65  LEU A CG  1 
ATOM   475  C  CD1 . LEU A 1 65  ? 0.292   -3.093  5.161   1.00 19.67 ? 65  LEU A CD1 1 
ATOM   476  C  CD2 . LEU A 1 65  ? 1.568   -1.281  6.307   1.00 19.67 ? 65  LEU A CD2 1 
ATOM   477  N  N   . ASP A 1 66  ? -3.222  -1.881  4.379   1.00 13.45 ? 66  ASP A N   1 
ATOM   478  C  CA  . ASP A 1 66  ? -4.408  -1.954  5.223   1.00 14.26 ? 66  ASP A CA  1 
ATOM   479  C  C   . ASP A 1 66  ? -3.907  -2.404  6.589   1.00 15.97 ? 66  ASP A C   1 
ATOM   480  O  O   . ASP A 1 66  ? -3.497  -3.557  6.760   1.00 15.90 ? 66  ASP A O   1 
ATOM   481  C  CB  . ASP A 1 66  ? -5.410  -2.979  4.676   1.00 13.78 ? 66  ASP A CB  1 
ATOM   482  C  CG  . ASP A 1 66  ? -6.717  -2.992  5.457   1.00 12.54 ? 66  ASP A CG  1 
ATOM   483  O  OD1 . ASP A 1 66  ? -6.702  -2.627  6.650   1.00 14.93 ? 66  ASP A OD1 1 
ATOM   484  O  OD2 . ASP A 1 66  ? -7.761  -3.374  4.888   1.00 15.03 ? 66  ASP A OD2 1 
ATOM   485  N  N   . ILE A 1 67  ? -3.935  -1.501  7.562   1.00 17.04 ? 67  ILE A N   1 
ATOM   486  C  CA  . ILE A 1 67  ? -3.450  -1.824  8.895   1.00 18.59 ? 67  ILE A CA  1 
ATOM   487  C  C   . ILE A 1 67  ? -4.515  -2.357  9.860   1.00 19.48 ? 67  ILE A C   1 
ATOM   488  O  O   . ILE A 1 67  ? -4.275  -2.439  11.067  1.00 20.23 ? 67  ILE A O   1 
ATOM   489  C  CB  . ILE A 1 67  ? -2.736  -0.601  9.526   1.00 17.27 ? 67  ILE A CB  1 
ATOM   490  C  CG1 . ILE A 1 67  ? -3.670  0.611   9.543   1.00 18.38 ? 67  ILE A CG1 1 
ATOM   491  C  CG2 . ILE A 1 67  ? -1.466  -0.282  8.735   1.00 17.56 ? 67  ILE A CG2 1 
ATOM   492  C  CD1 . ILE A 1 67  ? -3.053  1.851   10.177  1.00 17.96 ? 67  ILE A CD1 1 
ATOM   493  N  N   . ASN A 1 68  ? -5.678  -2.734  9.331   1.00 21.12 ? 68  ASN A N   1 
ATOM   494  C  CA  . ASN A 1 68  ? -6.755  -3.284  10.159  1.00 23.15 ? 68  ASN A CA  1 
ATOM   495  C  C   . ASN A 1 68  ? -6.769  -4.801  10.100  1.00 25.48 ? 68  ASN A C   1 
ATOM   496  O  O   . ASN A 1 68  ? -7.756  -5.436  10.470  1.00 26.37 ? 68  ASN A O   1 
ATOM   497  C  CB  . ASN A 1 68  ? -8.122  -2.777  9.703   1.00 23.58 ? 68  ASN A CB  1 
ATOM   498  C  CG  . ASN A 1 68  ? -8.314  -1.310  9.966   1.00 23.70 ? 68  ASN A CG  1 
ATOM   499  O  OD1 . ASN A 1 68  ? -8.010  -0.815  11.052  1.00 26.47 ? 68  ASN A OD1 1 
ATOM   500  N  ND2 . ASN A 1 68  ? -8.836  -0.602  8.977   1.00 23.02 ? 68  ASN A ND2 1 
ATOM   501  N  N   . ILE A 1 69  ? -5.677  -5.382  9.621   1.00 26.76 ? 69  ILE A N   1 
ATOM   502  C  CA  . ILE A 1 69  ? -5.577  -6.827  9.517   1.00 28.26 ? 69  ILE A CA  1 
ATOM   503  C  C   . ILE A 1 69  ? -4.624  -7.339  10.596  1.00 30.50 ? 69  ILE A C   1 
ATOM   504  O  O   . ILE A 1 69  ? -3.410  -7.359  10.409  1.00 30.15 ? 69  ILE A O   1 
ATOM   505  C  CB  . ILE A 1 69  ? -5.083  -7.225  8.113   1.00 27.38 ? 69  ILE A CB  1 
ATOM   506  C  CG1 . ILE A 1 69  ? -6.037  -6.640  7.065   1.00 26.53 ? 69  ILE A CG1 1 
ATOM   507  C  CG2 . ILE A 1 69  ? -5.010  -8.738  7.985   1.00 27.12 ? 69  ILE A CG2 1 
ATOM   508  C  CD1 . ILE A 1 69  ? -5.666  -6.941  5.633   1.00 25.70 ? 69  ILE A CD1 1 
ATOM   509  N  N   . PRO A 1 70  ? -5.177  -7.749  11.751  1.00 32.80 ? 70  PRO A N   1 
ATOM   510  C  CA  . PRO A 1 70  ? -4.418  -8.262  12.895  1.00 34.57 ? 70  PRO A CA  1 
ATOM   511  C  C   . PRO A 1 70  ? -3.379  -9.327  12.551  1.00 35.78 ? 70  PRO A C   1 
ATOM   512  O  O   . PRO A 1 70  ? -2.289  -9.344  13.125  1.00 35.45 ? 70  PRO A O   1 
ATOM   513  C  CB  . PRO A 1 70  ? -5.511  -8.798  13.817  1.00 34.64 ? 70  PRO A CB  1 
ATOM   514  C  CG  . PRO A 1 70  ? -6.642  -7.858  13.557  1.00 34.82 ? 70  PRO A CG  1 
ATOM   515  C  CD  . PRO A 1 70  ? -6.622  -7.757  12.046  1.00 33.60 ? 70  PRO A CD  1 
ATOM   516  N  N   . LYS A 1 71  ? -3.718  -10.211 11.618  1.00 36.88 ? 71  LYS A N   1 
ATOM   517  C  CA  . LYS A 1 71  ? -2.813  -11.282 11.218  1.00 38.35 ? 71  LYS A CA  1 
ATOM   518  C  C   . LYS A 1 71  ? -1.656  -10.802 10.346  1.00 38.21 ? 71  LYS A C   1 
ATOM   519  O  O   . LYS A 1 71  ? -0.644  -11.487 10.218  1.00 38.32 ? 71  LYS A O   1 
ATOM   520  C  CB  . LYS A 1 71  ? -3.595  -12.381 10.495  1.00 39.89 ? 71  LYS A CB  1 
ATOM   521  C  CG  . LYS A 1 71  ? -4.649  -13.044 11.369  1.00 42.10 ? 71  LYS A CG  1 
ATOM   522  C  CD  . LYS A 1 71  ? -5.346  -14.186 10.650  1.00 44.31 ? 71  LYS A CD  1 
ATOM   523  C  CE  . LYS A 1 71  ? -6.376  -14.851 11.553  1.00 45.30 ? 71  LYS A CE  1 
ATOM   524  N  NZ  . LYS A 1 71  ? -7.055  -15.995 10.884  1.00 46.80 ? 71  LYS A NZ  1 
HETATM 525  N  N   . MSE A 1 72  ? -1.809  -9.627  9.746   1.00 38.09 ? 72  MSE A N   1 
HETATM 526  C  CA  . MSE A 1 72  ? -0.762  -9.059  8.901   1.00 37.95 ? 72  MSE A CA  1 
HETATM 527  C  C   . MSE A 1 72  ? -0.096  -7.906  9.645   1.00 36.51 ? 72  MSE A C   1 
HETATM 528  O  O   . MSE A 1 72  ? -0.650  -6.811  9.739   1.00 37.29 ? 72  MSE A O   1 
HETATM 529  C  CB  . MSE A 1 72  ? -1.358  -8.574  7.573   1.00 40.23 ? 72  MSE A CB  1 
HETATM 530  C  CG  . MSE A 1 72  ? -0.379  -7.845  6.659   1.00 43.54 ? 72  MSE A CG  1 
HETATM 531  SE SE  . MSE A 1 72  ? -0.976  -7.752  4.807   1.00 48.63 ? 72  MSE A SE  1 
HETATM 532  C  CE  . MSE A 1 72  ? -2.541  -6.664  5.041   1.00 47.67 ? 72  MSE A CE  1 
ATOM   533  N  N   . ASN A 1 73  ? 1.093   -8.165  10.182  1.00 33.84 ? 73  ASN A N   1 
ATOM   534  C  CA  . ASN A 1 73  ? 1.833   -7.158  10.934  1.00 31.44 ? 73  ASN A CA  1 
ATOM   535  C  C   . ASN A 1 73  ? 2.419   -6.101  10.004  1.00 28.94 ? 73  ASN A C   1 
ATOM   536  O  O   . ASN A 1 73  ? 3.513   -6.270  9.460   1.00 28.27 ? 73  ASN A O   1 
ATOM   537  C  CB  . ASN A 1 73  ? 2.955   -7.821  11.737  1.00 33.03 ? 73  ASN A CB  1 
ATOM   538  C  CG  . ASN A 1 73  ? 3.501   -6.923  12.829  1.00 33.37 ? 73  ASN A CG  1 
ATOM   539  O  OD1 . ASN A 1 73  ? 3.881   -5.780  12.577  1.00 33.95 ? 73  ASN A OD1 1 
ATOM   540  N  ND2 . ASN A 1 73  ? 3.547   -7.440  14.051  1.00 34.88 ? 73  ASN A ND2 1 
ATOM   541  N  N   . GLY A 1 74  ? 1.683   -5.008  9.832   1.00 26.90 ? 74  GLY A N   1 
ATOM   542  C  CA  . GLY A 1 74  ? 2.132   -3.934  8.967   1.00 24.49 ? 74  GLY A CA  1 
ATOM   543  C  C   . GLY A 1 74  ? 3.389   -3.249  9.460   1.00 23.40 ? 74  GLY A C   1 
ATOM   544  O  O   . GLY A 1 74  ? 4.222   -2.826  8.660   1.00 24.24 ? 74  GLY A O   1 
ATOM   545  N  N   . ILE A 1 75  ? 3.533   -3.133  10.776  1.00 22.64 ? 75  ILE A N   1 
ATOM   546  C  CA  . ILE A 1 75  ? 4.708   -2.487  11.346  1.00 22.66 ? 75  ILE A CA  1 
ATOM   547  C  C   . ILE A 1 75  ? 5.987   -3.267  11.045  1.00 21.57 ? 75  ILE A C   1 
ATOM   548  O  O   . ILE A 1 75  ? 7.007   -2.672  10.697  1.00 20.43 ? 75  ILE A O   1 
ATOM   549  C  CB  . ILE A 1 75  ? 4.563   -2.301  12.875  1.00 23.79 ? 75  ILE A CB  1 
ATOM   550  C  CG1 . ILE A 1 75  ? 3.415   -1.333  13.168  1.00 24.67 ? 75  ILE A CG1 1 
ATOM   551  C  CG2 . ILE A 1 75  ? 5.856   -1.756  13.463  1.00 24.25 ? 75  ILE A CG2 1 
ATOM   552  C  CD1 . ILE A 1 75  ? 3.156   -1.107  14.644  1.00 26.28 ? 75  ILE A CD1 1 
ATOM   553  N  N   . GLU A 1 76  ? 5.938   -4.591  11.174  1.00 21.36 ? 76  GLU A N   1 
ATOM   554  C  CA  . GLU A 1 76  ? 7.115   -5.407  10.890  1.00 21.25 ? 76  GLU A CA  1 
ATOM   555  C  C   . GLU A 1 76  ? 7.447   -5.310  9.409   1.00 18.60 ? 76  GLU A C   1 
ATOM   556  O  O   . GLU A 1 76  ? 8.618   -5.273  9.025   1.00 18.52 ? 76  GLU A O   1 
ATOM   557  C  CB  . GLU A 1 76  ? 6.875   -6.869  11.271  1.00 24.78 ? 76  GLU A CB  1 
ATOM   558  C  CG  . GLU A 1 76  ? 6.742   -7.104  12.766  1.00 31.07 ? 76  GLU A CG  1 
ATOM   559  C  CD  . GLU A 1 76  ? 6.788   -8.576  13.128  1.00 34.97 ? 76  GLU A CD  1 
ATOM   560  O  OE1 . GLU A 1 76  ? 5.975   -9.352  12.580  1.00 37.75 ? 76  GLU A OE1 1 
ATOM   561  O  OE2 . GLU A 1 76  ? 7.636   -8.957  13.964  1.00 37.84 ? 76  GLU A OE2 1 
ATOM   562  N  N   . PHE A 1 77  ? 6.411   -5.270  8.579   1.00 17.16 ? 77  PHE A N   1 
ATOM   563  C  CA  . PHE A 1 77  ? 6.614   -5.152  7.145   1.00 16.33 ? 77  PHE A CA  1 
ATOM   564  C  C   . PHE A 1 77  ? 7.303   -3.827  6.836   1.00 14.95 ? 77  PHE A C   1 
ATOM   565  O  O   . PHE A 1 77  ? 8.318   -3.788  6.141   1.00 15.33 ? 77  PHE A O   1 
ATOM   566  C  CB  . PHE A 1 77  ? 5.285   -5.202  6.393   1.00 14.34 ? 77  PHE A CB  1 
ATOM   567  C  CG  . PHE A 1 77  ? 5.413   -4.847  4.942   1.00 12.84 ? 77  PHE A CG  1 
ATOM   568  C  CD1 . PHE A 1 77  ? 6.049   -5.709  4.058   1.00 11.54 ? 77  PHE A CD1 1 
ATOM   569  C  CD2 . PHE A 1 77  ? 4.964   -3.615  4.475   1.00 13.20 ? 77  PHE A CD2 1 
ATOM   570  C  CE1 . PHE A 1 77  ? 6.244   -5.354  2.728   1.00 10.60 ? 77  PHE A CE1 1 
ATOM   571  C  CE2 . PHE A 1 77  ? 5.153   -3.250  3.148   1.00 11.79 ? 77  PHE A CE2 1 
ATOM   572  C  CZ  . PHE A 1 77  ? 5.796   -4.122  2.274   1.00 10.09 ? 77  PHE A CZ  1 
ATOM   573  N  N   . LEU A 1 78  ? 6.743   -2.739  7.355   1.00 16.12 ? 78  LEU A N   1 
ATOM   574  C  CA  . LEU A 1 78  ? 7.304   -1.415  7.125   1.00 15.34 ? 78  LEU A CA  1 
ATOM   575  C  C   . LEU A 1 78  ? 8.716   -1.276  7.671   1.00 15.66 ? 78  LEU A C   1 
ATOM   576  O  O   . LEU A 1 78  ? 9.552   -0.600  7.075   1.00 14.98 ? 78  LEU A O   1 
ATOM   577  C  CB  . LEU A 1 78  ? 6.403   -0.342  7.740   1.00 17.35 ? 78  LEU A CB  1 
ATOM   578  C  CG  . LEU A 1 78  ? 5.051   -0.165  7.050   1.00 17.52 ? 78  LEU A CG  1 
ATOM   579  C  CD1 . LEU A 1 78  ? 4.233   0.884   7.790   1.00 18.34 ? 78  LEU A CD1 1 
ATOM   580  C  CD2 . LEU A 1 78  ? 5.268   0.248   5.600   1.00 18.15 ? 78  LEU A CD2 1 
ATOM   581  N  N   . LYS A 1 79  ? 8.984   -1.910  8.807   1.00 16.01 ? 79  LYS A N   1 
ATOM   582  C  CA  . LYS A 1 79  ? 10.318  -1.841  9.389   1.00 17.42 ? 79  LYS A CA  1 
ATOM   583  C  C   . LYS A 1 79  ? 11.325  -2.468  8.437   1.00 16.88 ? 79  LYS A C   1 
ATOM   584  O  O   . LYS A 1 79  ? 12.390  -1.902  8.195   1.00 18.92 ? 79  LYS A O   1 
ATOM   585  C  CB  . LYS A 1 79  ? 10.362  -2.558  10.740  1.00 19.49 ? 79  LYS A CB  1 
ATOM   586  C  CG  . LYS A 1 79  ? 9.661   -1.812  11.860  1.00 23.92 ? 79  LYS A CG  1 
ATOM   587  C  CD  . LYS A 1 79  ? 9.788   -2.562  13.178  1.00 25.86 ? 79  LYS A CD  1 
ATOM   588  C  CE  . LYS A 1 79  ? 9.108   -1.813  14.310  1.00 28.89 ? 79  LYS A CE  1 
ATOM   589  N  NZ  . LYS A 1 79  ? 9.206   -2.551  15.601  1.00 29.83 ? 79  LYS A NZ  1 
ATOM   590  N  N   . GLU A 1 80  ? 10.982  -3.628  7.882   1.00 16.16 ? 80  GLU A N   1 
ATOM   591  C  CA  . GLU A 1 80  ? 11.885  -4.300  6.959   1.00 16.59 ? 80  GLU A CA  1 
ATOM   592  C  C   . GLU A 1 80  ? 12.011  -3.518  5.661   1.00 14.83 ? 80  GLU A C   1 
ATOM   593  O  O   . GLU A 1 80  ? 13.100  -3.409  5.098   1.00 17.01 ? 80  GLU A O   1 
ATOM   594  C  CB  . GLU A 1 80  ? 11.408  -5.718  6.652   1.00 17.12 ? 80  GLU A CB  1 
ATOM   595  C  CG  . GLU A 1 80  ? 12.529  -6.578  6.111   1.00 20.17 ? 80  GLU A CG  1 
ATOM   596  C  CD  . GLU A 1 80  ? 12.111  -7.994  5.824   1.00 19.86 ? 80  GLU A CD  1 
ATOM   597  O  OE1 . GLU A 1 80  ? 11.278  -8.534  6.581   1.00 20.37 ? 80  GLU A OE1 1 
ATOM   598  O  OE2 . GLU A 1 80  ? 12.635  -8.569  4.848   1.00 20.78 ? 80  GLU A OE2 1 
ATOM   599  N  N   . LEU A 1 81  ? 10.893  -2.978  5.188   1.00 13.70 ? 81  LEU A N   1 
ATOM   600  C  CA  . LEU A 1 81  ? 10.886  -2.196  3.961   1.00 13.33 ? 81  LEU A CA  1 
ATOM   601  C  C   . LEU A 1 81  ? 11.849  -1.017  4.078   1.00 14.77 ? 81  LEU A C   1 
ATOM   602  O  O   . LEU A 1 81  ? 12.661  -0.773  3.187   1.00 16.04 ? 81  LEU A O   1 
ATOM   603  C  CB  . LEU A 1 81  ? 9.476   -1.662  3.675   1.00 13.42 ? 81  LEU A CB  1 
ATOM   604  C  CG  . LEU A 1 81  ? 9.331   -0.838  2.394   1.00 12.93 ? 81  LEU A CG  1 
ATOM   605  C  CD1 . LEU A 1 81  ? 9.230   -1.778  1.198   1.00 12.87 ? 81  LEU A CD1 1 
ATOM   606  C  CD2 . LEU A 1 81  ? 8.097   0.052   2.480   1.00 14.24 ? 81  LEU A CD2 1 
ATOM   607  N  N   . ARG A 1 82  ? 11.754  -0.292  5.189   1.00 16.17 ? 82  ARG A N   1 
ATOM   608  C  CA  . ARG A 1 82  ? 12.593  0.876   5.410   1.00 17.86 ? 82  ARG A CA  1 
ATOM   609  C  C   . ARG A 1 82  ? 14.059  0.597   5.732   1.00 20.01 ? 82  ARG A C   1 
ATOM   610  O  O   . ARG A 1 82  ? 14.864  1.527   5.803   1.00 21.67 ? 82  ARG A O   1 
ATOM   611  C  CB  . ARG A 1 82  ? 11.971  1.760   6.495   1.00 17.97 ? 82  ARG A CB  1 
ATOM   612  C  CG  . ARG A 1 82  ? 10.623  2.358   6.093   1.00 18.34 ? 82  ARG A CG  1 
ATOM   613  C  CD  . ARG A 1 82  ? 10.693  2.923   4.682   1.00 19.42 ? 82  ARG A CD  1 
ATOM   614  N  NE  . ARG A 1 82  ? 9.548   3.757   4.330   1.00 18.48 ? 82  ARG A NE  1 
ATOM   615  C  CZ  . ARG A 1 82  ? 9.256   4.124   3.087   1.00 16.84 ? 82  ARG A CZ  1 
ATOM   616  N  NH1 . ARG A 1 82  ? 10.023  3.723   2.081   1.00 18.54 ? 82  ARG A NH1 1 
ATOM   617  N  NH2 . ARG A 1 82  ? 8.202   4.890   2.845   1.00 18.10 ? 82  ARG A NH2 1 
ATOM   618  N  N   . ASP A 1 83  ? 14.413  -0.671  5.919   1.00 20.65 ? 83  ASP A N   1 
ATOM   619  C  CA  . ASP A 1 83  ? 15.801  -1.031  6.200   1.00 21.34 ? 83  ASP A CA  1 
ATOM   620  C  C   . ASP A 1 83  ? 16.552  -1.375  4.916   1.00 20.14 ? 83  ASP A C   1 
ATOM   621  O  O   . ASP A 1 83  ? 17.762  -1.579  4.931   1.00 21.49 ? 83  ASP A O   1 
ATOM   622  C  CB  . ASP A 1 83  ? 15.876  -2.217  7.166   1.00 24.08 ? 83  ASP A CB  1 
ATOM   623  C  CG  . ASP A 1 83  ? 15.528  -1.831  8.589   1.00 28.04 ? 83  ASP A CG  1 
ATOM   624  O  OD1 . ASP A 1 83  ? 16.063  -0.811  9.074   1.00 30.96 ? 83  ASP A OD1 1 
ATOM   625  O  OD2 . ASP A 1 83  ? 14.728  -2.549  9.224   1.00 31.50 ? 83  ASP A OD2 1 
ATOM   626  N  N   . ASP A 1 84  ? 15.827  -1.439  3.803   1.00 17.58 ? 84  ASP A N   1 
ATOM   627  C  CA  . ASP A 1 84  ? 16.435  -1.748  2.513   1.00 16.72 ? 84  ASP A CA  1 
ATOM   628  C  C   . ASP A 1 84  ? 16.367  -0.477  1.671   1.00 16.99 ? 84  ASP A C   1 
ATOM   629  O  O   . ASP A 1 84  ? 15.279  -0.002  1.351   1.00 16.48 ? 84  ASP A O   1 
ATOM   630  C  CB  . ASP A 1 84  ? 15.663  -2.876  1.822   1.00 16.05 ? 84  ASP A CB  1 
ATOM   631  C  CG  . ASP A 1 84  ? 16.366  -3.390  0.581   1.00 16.13 ? 84  ASP A CG  1 
ATOM   632  O  OD1 . ASP A 1 84  ? 16.888  -2.565  -0.198  1.00 16.14 ? 84  ASP A OD1 1 
ATOM   633  O  OD2 . ASP A 1 84  ? 16.391  -4.624  0.377   1.00 15.58 ? 84  ASP A OD2 1 
ATOM   634  N  N   . SER A 1 85  ? 17.529  0.065   1.316   1.00 17.62 ? 85  SER A N   1 
ATOM   635  C  CA  . SER A 1 85  ? 17.595  1.297   0.533   1.00 18.24 ? 85  SER A CA  1 
ATOM   636  C  C   . SER A 1 85  ? 16.994  1.225   -0.867  1.00 17.93 ? 85  SER A C   1 
ATOM   637  O  O   . SER A 1 85  ? 16.762  2.256   -1.495  1.00 18.52 ? 85  SER A O   1 
ATOM   638  C  CB  . SER A 1 85  ? 19.044  1.791   0.441   1.00 19.81 ? 85  SER A CB  1 
ATOM   639  O  OG  . SER A 1 85  ? 19.873  0.858   -0.226  1.00 22.70 ? 85  SER A OG  1 
ATOM   640  N  N   . SER A 1 86  ? 16.743  0.023   -1.368  1.00 16.52 ? 86  SER A N   1 
ATOM   641  C  CA  . SER A 1 86  ? 16.154  -0.108  -2.693  1.00 17.09 ? 86  SER A CA  1 
ATOM   642  C  C   . SER A 1 86  ? 14.725  0.421   -2.681  1.00 15.86 ? 86  SER A C   1 
ATOM   643  O  O   . SER A 1 86  ? 14.174  0.758   -3.731  1.00 18.08 ? 86  SER A O   1 
ATOM   644  C  CB  . SER A 1 86  ? 16.117  -1.577  -3.134  1.00 17.39 ? 86  SER A CB  1 
ATOM   645  O  OG  . SER A 1 86  ? 17.415  -2.123  -3.271  1.00 19.26 ? 86  SER A OG  1 
ATOM   646  N  N   . PHE A 1 87  ? 14.128  0.501   -1.495  1.00 16.32 ? 87  PHE A N   1 
ATOM   647  C  CA  . PHE A 1 87  ? 12.741  0.940   -1.375  1.00 15.09 ? 87  PHE A CA  1 
ATOM   648  C  C   . PHE A 1 87  ? 12.529  2.331   -0.791  1.00 15.75 ? 87  PHE A C   1 
ATOM   649  O  O   . PHE A 1 87  ? 11.397  2.729   -0.523  1.00 15.45 ? 87  PHE A O   1 
ATOM   650  C  CB  . PHE A 1 87  ? 11.959  -0.078  -0.540  1.00 15.04 ? 87  PHE A CB  1 
ATOM   651  C  CG  . PHE A 1 87  ? 12.218  -1.507  -0.928  1.00 12.56 ? 87  PHE A CG  1 
ATOM   652  C  CD1 . PHE A 1 87  ? 12.139  -1.908  -2.258  1.00 13.02 ? 87  PHE A CD1 1 
ATOM   653  C  CD2 . PHE A 1 87  ? 12.541  -2.455  0.039   1.00 12.24 ? 87  PHE A CD2 1 
ATOM   654  C  CE1 . PHE A 1 87  ? 12.377  -3.234  -2.622  1.00 13.13 ? 87  PHE A CE1 1 
ATOM   655  C  CE2 . PHE A 1 87  ? 12.778  -3.783  -0.315  1.00 11.49 ? 87  PHE A CE2 1 
ATOM   656  C  CZ  . PHE A 1 87  ? 12.698  -4.171  -1.645  1.00 10.75 ? 87  PHE A CZ  1 
ATOM   657  N  N   . THR A 1 88  ? 13.613  3.076   -0.614  1.00 16.06 ? 88  THR A N   1 
ATOM   658  C  CA  . THR A 1 88  ? 13.532  4.414   -0.047  1.00 18.04 ? 88  THR A CA  1 
ATOM   659  C  C   . THR A 1 88  ? 12.560  5.345   -0.764  1.00 17.05 ? 88  THR A C   1 
ATOM   660  O  O   . THR A 1 88  ? 11.870  6.136   -0.124  1.00 18.75 ? 88  THR A O   1 
ATOM   661  C  CB  . THR A 1 88  ? 14.920  5.081   -0.037  1.00 18.86 ? 88  THR A CB  1 
ATOM   662  O  OG1 . THR A 1 88  ? 15.819  4.292   0.752   1.00 23.59 ? 88  THR A OG1 1 
ATOM   663  C  CG2 . THR A 1 88  ? 14.835  6.486   0.543   1.00 20.56 ? 88  THR A CG2 1 
ATOM   664  N  N   . ASP A 1 89  ? 12.499  5.247   -2.088  1.00 18.31 ? 89  ASP A N   1 
ATOM   665  C  CA  . ASP A 1 89  ? 11.628  6.121   -2.865  1.00 20.26 ? 89  ASP A CA  1 
ATOM   666  C  C   . ASP A 1 89  ? 10.171  5.696   -2.954  1.00 18.68 ? 89  ASP A C   1 
ATOM   667  O  O   . ASP A 1 89  ? 9.352   6.410   -3.527  1.00 20.40 ? 89  ASP A O   1 
ATOM   668  C  CB  . ASP A 1 89  ? 12.191  6.309   -4.274  1.00 23.86 ? 89  ASP A CB  1 
ATOM   669  C  CG  . ASP A 1 89  ? 13.535  7.011   -4.271  1.00 27.47 ? 89  ASP A CG  1 
ATOM   670  O  OD1 . ASP A 1 89  ? 13.667  8.041   -3.574  1.00 29.37 ? 89  ASP A OD1 1 
ATOM   671  O  OD2 . ASP A 1 89  ? 14.456  6.537   -4.968  1.00 30.89 ? 89  ASP A OD2 1 
ATOM   672  N  N   . ILE A 1 90  ? 9.840   4.535   -2.401  1.00 16.03 ? 90  ILE A N   1 
ATOM   673  C  CA  . ILE A 1 90  ? 8.453   4.088   -2.434  1.00 14.42 ? 90  ILE A CA  1 
ATOM   674  C  C   . ILE A 1 90  ? 7.690   4.843   -1.348  1.00 13.37 ? 90  ILE A C   1 
ATOM   675  O  O   . ILE A 1 90  ? 8.099   4.856   -0.189  1.00 14.95 ? 90  ILE A O   1 
ATOM   676  C  CB  . ILE A 1 90  ? 8.339   2.570   -2.175  1.00 13.28 ? 90  ILE A CB  1 
ATOM   677  C  CG1 . ILE A 1 90  ? 9.090   1.804   -3.267  1.00 13.38 ? 90  ILE A CG1 1 
ATOM   678  C  CG2 . ILE A 1 90  ? 6.871   2.151   -2.159  1.00 14.88 ? 90  ILE A CG2 1 
ATOM   679  C  CD1 . ILE A 1 90  ? 9.184   0.317   -3.030  1.00 10.78 ? 90  ILE A CD1 1 
ATOM   680  N  N   . GLU A 1 91  ? 6.598   5.496   -1.733  1.00 13.22 ? 91  GLU A N   1 
ATOM   681  C  CA  . GLU A 1 91  ? 5.791   6.244   -0.776  1.00 14.96 ? 91  GLU A CA  1 
ATOM   682  C  C   . GLU A 1 91  ? 4.753   5.313   -0.188  1.00 12.96 ? 91  GLU A C   1 
ATOM   683  O  O   . GLU A 1 91  ? 4.179   4.491   -0.896  1.00 14.53 ? 91  GLU A O   1 
ATOM   684  C  CB  . GLU A 1 91  ? 5.104   7.420   -1.456  1.00 16.09 ? 91  GLU A CB  1 
ATOM   685  C  CG  . GLU A 1 91  ? 6.068   8.479   -1.925  1.00 22.68 ? 91  GLU A CG  1 
ATOM   686  C  CD  . GLU A 1 91  ? 6.545   9.372   -0.823  1.00 26.37 ? 91  GLU A CD  1 
ATOM   687  O  OE1 . GLU A 1 91  ? 7.148   8.846   0.133   1.00 29.84 ? 91  GLU A OE1 1 
ATOM   688  O  OE2 . GLU A 1 91  ? 6.322   10.599  -0.920  1.00 29.65 ? 91  GLU A OE2 1 
ATOM   689  N  N   . VAL A 1 92  ? 4.510   5.452   1.107   1.00 11.99 ? 92  VAL A N   1 
ATOM   690  C  CA  . VAL A 1 92  ? 3.561   4.582   1.781   1.00 11.98 ? 92  VAL A CA  1 
ATOM   691  C  C   . VAL A 1 92  ? 2.383   5.303   2.410   1.00 11.74 ? 92  VAL A C   1 
ATOM   692  O  O   . VAL A 1 92  ? 2.543   6.332   3.069   1.00 11.90 ? 92  VAL A O   1 
ATOM   693  C  CB  . VAL A 1 92  ? 4.265   3.766   2.890   1.00 12.07 ? 92  VAL A CB  1 
ATOM   694  C  CG1 . VAL A 1 92  ? 3.247   2.919   3.643   1.00 12.40 ? 92  VAL A CG1 1 
ATOM   695  C  CG2 . VAL A 1 92  ? 5.342   2.882   2.280   1.00 13.76 ? 92  VAL A CG2 1 
ATOM   696  N  N   . PHE A 1 93  ? 1.195   4.751   2.189   1.00 11.20 ? 93  PHE A N   1 
ATOM   697  C  CA  . PHE A 1 93  ? -0.032  5.271   2.770   1.00 11.32 ? 93  PHE A CA  1 
ATOM   698  C  C   . PHE A 1 93  ? -0.669  4.125   3.536   1.00 12.01 ? 93  PHE A C   1 
ATOM   699  O  O   . PHE A 1 93  ? -0.731  3.004   3.034   1.00 11.67 ? 93  PHE A O   1 
ATOM   700  C  CB  . PHE A 1 93  ? -0.996  5.745   1.681   1.00 13.33 ? 93  PHE A CB  1 
ATOM   701  C  CG  . PHE A 1 93  ? -0.729  7.140   1.197   1.00 15.63 ? 93  PHE A CG  1 
ATOM   702  C  CD1 . PHE A 1 93  ? -1.251  8.236   1.877   1.00 16.90 ? 93  PHE A CD1 1 
ATOM   703  C  CD2 . PHE A 1 93  ? 0.047   7.359   0.067   1.00 18.15 ? 93  PHE A CD2 1 
ATOM   704  C  CE1 . PHE A 1 93  ? -1.004  9.532   1.433   1.00 18.41 ? 93  PHE A CE1 1 
ATOM   705  C  CE2 . PHE A 1 93  ? 0.300   8.654   -0.382  1.00 18.89 ? 93  PHE A CE2 1 
ATOM   706  C  CZ  . PHE A 1 93  ? -0.227  9.738   0.304   1.00 18.68 ? 93  PHE A CZ  1 
ATOM   707  N  N   . VAL A 1 94  ? -1.103  4.388   4.762   1.00 10.76 ? 94  VAL A N   1 
ATOM   708  C  CA  . VAL A 1 94  ? -1.771  3.362   5.544   1.00 11.41 ? 94  VAL A CA  1 
ATOM   709  C  C   . VAL A 1 94  ? -3.266  3.619   5.413   1.00 11.72 ? 94  VAL A C   1 
ATOM   710  O  O   . VAL A 1 94  ? -3.712  4.767   5.366   1.00 12.54 ? 94  VAL A O   1 
ATOM   711  C  CB  . VAL A 1 94  ? -1.335  3.385   7.024   1.00 12.95 ? 94  VAL A CB  1 
ATOM   712  C  CG1 . VAL A 1 94  ? 0.129   2.983   7.124   1.00 13.94 ? 94  VAL A CG1 1 
ATOM   713  C  CG2 . VAL A 1 94  ? -1.553  4.761   7.625   1.00 14.42 ? 94  VAL A CG2 1 
ATOM   714  N  N   . LEU A 1 95  ? -4.028  2.537   5.321   1.00 10.44 ? 95  LEU A N   1 
ATOM   715  C  CA  . LEU A 1 95  ? -5.473  2.580   5.159   1.00 10.98 ? 95  LEU A CA  1 
ATOM   716  C  C   . LEU A 1 95  ? -6.098  1.910   6.375   1.00 11.63 ? 95  LEU A C   1 
ATOM   717  O  O   . LEU A 1 95  ? -5.724  0.795   6.733   1.00 11.45 ? 95  LEU A O   1 
ATOM   718  C  CB  . LEU A 1 95  ? -5.844  1.830   3.881   1.00 12.57 ? 95  LEU A CB  1 
ATOM   719  C  CG  . LEU A 1 95  ? -7.316  1.761   3.485   1.00 12.13 ? 95  LEU A CG  1 
ATOM   720  C  CD1 . LEU A 1 95  ? -7.850  3.154   3.200   1.00 13.35 ? 95  LEU A CD1 1 
ATOM   721  C  CD2 . LEU A 1 95  ? -7.457  0.883   2.256   1.00 15.98 ? 95  LEU A CD2 1 
ATOM   722  N  N   . THR A 1 96  ? -7.056  2.578   7.002   1.00 10.52 ? 96  THR A N   1 
ATOM   723  C  CA  . THR A 1 96  ? -7.674  2.034   8.200   1.00 12.07 ? 96  THR A CA  1 
ATOM   724  C  C   . THR A 1 96  ? -9.086  2.547   8.424   1.00 12.47 ? 96  THR A C   1 
ATOM   725  O  O   . THR A 1 96  ? -9.475  3.590   7.894   1.00 11.60 ? 96  THR A O   1 
ATOM   726  C  CB  . THR A 1 96  ? -6.816  2.381   9.437   1.00 12.96 ? 96  THR A CB  1 
ATOM   727  O  OG1 . THR A 1 96  ? -7.457  1.900   10.623  1.00 13.24 ? 96  THR A OG1 1 
ATOM   728  C  CG2 . THR A 1 96  ? -6.624  3.887   9.543   1.00 13.75 ? 96  THR A CG2 1 
ATOM   729  N  N   . ALA A 1 97  ? -9.857  1.799   9.207   1.00 12.39 ? 97  ALA A N   1 
ATOM   730  C  CA  . ALA A 1 97  ? -11.220 2.182   9.544   1.00 12.65 ? 97  ALA A CA  1 
ATOM   731  C  C   . ALA A 1 97  ? -11.179 3.012   10.827  1.00 12.52 ? 97  ALA A C   1 
ATOM   732  O  O   . ALA A 1 97  ? -12.190 3.564   11.254  1.00 13.50 ? 97  ALA A O   1 
ATOM   733  C  CB  . ALA A 1 97  ? -12.075 0.938   9.742   1.00 13.53 ? 97  ALA A CB  1 
ATOM   734  N  N   . ALA A 1 98  ? -9.996  3.091   11.433  1.00 13.88 ? 98  ALA A N   1 
ATOM   735  C  CA  . ALA A 1 98  ? -9.796  3.855   12.656  1.00 14.62 ? 98  ALA A CA  1 
ATOM   736  C  C   . ALA A 1 98  ? -8.319  4.194   12.855  1.00 15.21 ? 98  ALA A C   1 
ATOM   737  O  O   . ALA A 1 98  ? -7.529  3.330   13.228  1.00 16.27 ? 98  ALA A O   1 
ATOM   738  C  CB  . ALA A 1 98  ? -10.317 3.067   13.858  1.00 15.60 ? 98  ALA A CB  1 
ATOM   739  N  N   . TYR A 1 99  ? -7.946  5.445   12.596  1.00 13.94 ? 99  TYR A N   1 
ATOM   740  C  CA  . TYR A 1 99  ? -6.562  5.872   12.776  1.00 14.45 ? 99  TYR A CA  1 
ATOM   741  C  C   . TYR A 1 99  ? -6.444  6.421   14.193  1.00 14.42 ? 99  TYR A C   1 
ATOM   742  O  O   . TYR A 1 99  ? -7.049  7.441   14.536  1.00 13.78 ? 99  TYR A O   1 
ATOM   743  C  CB  . TYR A 1 99  ? -6.186  6.946   11.757  1.00 13.89 ? 99  TYR A CB  1 
ATOM   744  C  CG  . TYR A 1 99  ? -4.696  7.179   11.679  1.00 16.03 ? 99  TYR A CG  1 
ATOM   745  C  CD1 . TYR A 1 99  ? -3.845  6.201   11.162  1.00 16.58 ? 99  TYR A CD1 1 
ATOM   746  C  CD2 . TYR A 1 99  ? -4.130  8.362   12.150  1.00 17.41 ? 99  TYR A CD2 1 
ATOM   747  C  CE1 . TYR A 1 99  ? -2.467  6.396   11.117  1.00 17.83 ? 99  TYR A CE1 1 
ATOM   748  C  CE2 . TYR A 1 99  ? -2.755  8.566   12.109  1.00 20.22 ? 99  TYR A CE2 1 
ATOM   749  C  CZ  . TYR A 1 99  ? -1.931  7.581   11.594  1.00 18.81 ? 99  TYR A CZ  1 
ATOM   750  O  OH  . TYR A 1 99  ? -0.569  7.775   11.557  1.00 21.49 ? 99  TYR A OH  1 
ATOM   751  N  N   . THR A 1 100 ? -5.646  5.746   15.012  1.00 14.09 ? 100 THR A N   1 
ATOM   752  C  CA  . THR A 1 100 ? -5.506  6.121   16.411  1.00 14.42 ? 100 THR A CA  1 
ATOM   753  C  C   . THR A 1 100 ? -4.203  6.804   16.809  1.00 13.53 ? 100 THR A C   1 
ATOM   754  O  O   . THR A 1 100 ? -3.256  6.891   16.025  1.00 14.47 ? 100 THR A O   1 
ATOM   755  C  CB  . THR A 1 100 ? -5.657  4.878   17.289  1.00 15.26 ? 100 THR A CB  1 
ATOM   756  O  OG1 . THR A 1 100 ? -4.538  4.011   17.071  1.00 18.17 ? 100 THR A OG1 1 
ATOM   757  C  CG2 . THR A 1 100 ? -6.939  4.130   16.934  1.00 17.61 ? 100 THR A CG2 1 
ATOM   758  N  N   . SER A 1 101 ? -4.174  7.282   18.050  1.00 13.10 ? 101 SER A N   1 
ATOM   759  C  CA  . SER A 1 101 ? -2.996  7.932   18.600  1.00 13.91 ? 101 SER A CA  1 
ATOM   760  C  C   . SER A 1 101 ? -1.845  6.927   18.590  1.00 14.84 ? 101 SER A C   1 
ATOM   761  O  O   . SER A 1 101 ? -0.698  7.292   18.361  1.00 14.92 ? 101 SER A O   1 
ATOM   762  C  CB  . SER A 1 101 ? -3.270  8.405   20.033  1.00 13.49 ? 101 SER A CB  1 
ATOM   763  O  OG  . SER A 1 101 ? -4.229  9.450   20.057  1.00 12.31 ? 101 SER A OG  1 
ATOM   764  N  N   . LYS A 1 102 ? -2.162  5.659   18.842  1.00 16.66 ? 102 LYS A N   1 
ATOM   765  C  CA  . LYS A 1 102 ? -1.155  4.604   18.841  1.00 17.62 ? 102 LYS A CA  1 
ATOM   766  C  C   . LYS A 1 102 ? -0.541  4.476   17.449  1.00 17.30 ? 102 LYS A C   1 
ATOM   767  O  O   . LYS A 1 102 ? 0.676   4.344   17.307  1.00 17.50 ? 102 LYS A O   1 
ATOM   768  C  CB  . LYS A 1 102 ? -1.784  3.270   19.250  1.00 19.92 ? 102 LYS A CB  1 
ATOM   769  C  CG  . LYS A 1 102 ? -0.827  2.093   19.212  1.00 25.13 ? 102 LYS A CG  1 
ATOM   770  C  CD  . LYS A 1 102 ? -1.566  0.783   19.425  1.00 27.96 ? 102 LYS A CD  1 
ATOM   771  C  CE  . LYS A 1 102 ? -0.607  -0.395  19.435  1.00 30.61 ? 102 LYS A CE  1 
ATOM   772  N  NZ  . LYS A 1 102 ? 0.354   -0.307  20.568  1.00 33.18 ? 102 LYS A NZ  1 
ATOM   773  N  N   . ASP A 1 103 ? -1.386  4.516   16.423  1.00 17.11 ? 103 ASP A N   1 
ATOM   774  C  CA  . ASP A 1 103 ? -0.912  4.415   15.049  1.00 16.74 ? 103 ASP A CA  1 
ATOM   775  C  C   . ASP A 1 103 ? 0.019   5.583   14.757  1.00 17.93 ? 103 ASP A C   1 
ATOM   776  O  O   . ASP A 1 103 ? 1.088   5.409   14.174  1.00 17.67 ? 103 ASP A O   1 
ATOM   777  C  CB  . ASP A 1 103 ? -2.078  4.456   14.053  1.00 16.99 ? 103 ASP A CB  1 
ATOM   778  C  CG  . ASP A 1 103 ? -2.998  3.256   14.168  1.00 18.49 ? 103 ASP A CG  1 
ATOM   779  O  OD1 . ASP A 1 103 ? -2.496  2.127   14.357  1.00 18.90 ? 103 ASP A OD1 1 
ATOM   780  O  OD2 . ASP A 1 103 ? -4.228  3.440   14.045  1.00 18.28 ? 103 ASP A OD2 1 
ATOM   781  N  N   . LYS A 1 104 ? -0.403  6.779   15.159  1.00 17.83 ? 104 LYS A N   1 
ATOM   782  C  CA  . LYS A 1 104 ? 0.392   7.977   14.933  1.00 19.04 ? 104 LYS A CA  1 
ATOM   783  C  C   . LYS A 1 104 ? 1.796   7.788   15.497  1.00 18.80 ? 104 LYS A C   1 
ATOM   784  O  O   . LYS A 1 104 ? 2.786   8.004   14.802  1.00 19.19 ? 104 LYS A O   1 
ATOM   785  C  CB  . LYS A 1 104 ? -0.281  9.192   15.582  1.00 20.28 ? 104 LYS A CB  1 
ATOM   786  C  CG  . LYS A 1 104 ? 0.445   10.511  15.341  1.00 23.51 ? 104 LYS A CG  1 
ATOM   787  C  CD  . LYS A 1 104 ? -0.185  11.646  16.139  1.00 22.92 ? 104 LYS A CD  1 
ATOM   788  C  CE  . LYS A 1 104 ? 0.665   12.907  16.075  1.00 27.53 ? 104 LYS A CE  1 
ATOM   789  N  NZ  . LYS A 1 104 ? 0.238   13.915  17.085  1.00 26.20 ? 104 LYS A NZ  1 
ATOM   790  N  N   . LEU A 1 105 ? 1.882   7.374   16.755  1.00 19.18 ? 105 LEU A N   1 
ATOM   791  C  CA  . LEU A 1 105 ? 3.180   7.162   17.388  1.00 21.44 ? 105 LEU A CA  1 
ATOM   792  C  C   . LEU A 1 105 ? 4.012   6.093   16.681  1.00 21.39 ? 105 LEU A C   1 
ATOM   793  O  O   . LEU A 1 105 ? 5.216   6.259   16.486  1.00 20.88 ? 105 LEU A O   1 
ATOM   794  C  CB  . LEU A 1 105 ? 3.003   6.759   18.856  1.00 23.66 ? 105 LEU A CB  1 
ATOM   795  C  CG  . LEU A 1 105 ? 3.048   7.840   19.939  1.00 27.49 ? 105 LEU A CG  1 
ATOM   796  C  CD1 . LEU A 1 105 ? 1.917   8.820   19.749  1.00 29.37 ? 105 LEU A CD1 1 
ATOM   797  C  CD2 . LEU A 1 105 ? 2.954   7.184   21.308  1.00 29.13 ? 105 LEU A CD2 1 
ATOM   798  N  N   . ALA A 1 106 ? 3.361   5.004   16.288  1.00 21.27 ? 106 ALA A N   1 
ATOM   799  C  CA  . ALA A 1 106 ? 4.046   3.894   15.637  1.00 21.57 ? 106 ALA A CA  1 
ATOM   800  C  C   . ALA A 1 106 ? 4.646   4.179   14.261  1.00 22.14 ? 106 ALA A C   1 
ATOM   801  O  O   . ALA A 1 106 ? 5.716   3.669   13.932  1.00 22.30 ? 106 ALA A O   1 
ATOM   802  C  CB  . ALA A 1 106 ? 3.104   2.701   15.552  1.00 22.80 ? 106 ALA A CB  1 
ATOM   803  N  N   . PHE A 1 107 ? 3.977   4.995   13.457  1.00 22.32 ? 107 PHE A N   1 
ATOM   804  C  CA  . PHE A 1 107 ? 4.473   5.282   12.113  1.00 23.23 ? 107 PHE A CA  1 
ATOM   805  C  C   . PHE A 1 107 ? 5.372   6.508   11.976  1.00 23.43 ? 107 PHE A C   1 
ATOM   806  O  O   . PHE A 1 107 ? 5.891   6.775   10.894  1.00 23.06 ? 107 PHE A O   1 
ATOM   807  C  CB  . PHE A 1 107 ? 3.293   5.413   11.146  1.00 24.60 ? 107 PHE A CB  1 
ATOM   808  C  CG  . PHE A 1 107 ? 2.453   4.171   11.045  1.00 24.55 ? 107 PHE A CG  1 
ATOM   809  C  CD1 . PHE A 1 107 ? 2.996   2.987   10.557  1.00 25.37 ? 107 PHE A CD1 1 
ATOM   810  C  CD2 . PHE A 1 107 ? 1.126   4.179   11.459  1.00 26.49 ? 107 PHE A CD2 1 
ATOM   811  C  CE1 . PHE A 1 107 ? 2.228   1.826   10.482  1.00 25.52 ? 107 PHE A CE1 1 
ATOM   812  C  CE2 . PHE A 1 107 ? 0.350   3.023   11.388  1.00 25.40 ? 107 PHE A CE2 1 
ATOM   813  C  CZ  . PHE A 1 107 ? 0.904   1.846   10.901  1.00 25.64 ? 107 PHE A CZ  1 
ATOM   814  N  N   . GLU A 1 108 ? 5.569   7.238   13.070  1.00 23.84 ? 108 GLU A N   1 
ATOM   815  C  CA  . GLU A 1 108 ? 6.392   8.447   13.053  1.00 24.91 ? 108 GLU A CA  1 
ATOM   816  C  C   . GLU A 1 108 ? 7.775   8.319   12.419  1.00 24.31 ? 108 GLU A C   1 
ATOM   817  O  O   . GLU A 1 108 ? 8.196   9.197   11.666  1.00 25.24 ? 108 GLU A O   1 
ATOM   818  C  CB  . GLU A 1 108 ? 6.552   8.995   14.475  1.00 25.81 ? 108 GLU A CB  1 
ATOM   819  C  CG  . GLU A 1 108 ? 7.380   10.275  14.568  1.00 29.43 ? 108 GLU A CG  1 
ATOM   820  C  CD  . GLU A 1 108 ? 6.882   11.369  13.640  1.00 31.06 ? 108 GLU A CD  1 
ATOM   821  O  OE1 . GLU A 1 108 ? 5.680   11.697  13.694  1.00 33.90 ? 108 GLU A OE1 1 
ATOM   822  O  OE2 . GLU A 1 108 ? 7.696   11.905  12.856  1.00 31.55 ? 108 GLU A OE2 1 
ATOM   823  N  N   . SER A 1 109 ? 8.482   7.234   12.715  1.00 24.88 ? 109 SER A N   1 
ATOM   824  C  CA  . SER A 1 109 ? 9.824   7.052   12.176  1.00 25.16 ? 109 SER A CA  1 
ATOM   825  C  C   . SER A 1 109 ? 9.908   6.104   10.985  1.00 24.61 ? 109 SER A C   1 
ATOM   826  O  O   . SER A 1 109 ? 11.005  5.735   10.561  1.00 26.45 ? 109 SER A O   1 
ATOM   827  C  CB  . SER A 1 109 ? 10.764  6.567   13.281  1.00 26.88 ? 109 SER A CB  1 
ATOM   828  O  OG  . SER A 1 109 ? 10.338  5.321   13.799  1.00 29.83 ? 109 SER A OG  1 
ATOM   829  N  N   . LEU A 1 110 ? 8.760   5.719   10.438  1.00 23.56 ? 110 LEU A N   1 
ATOM   830  C  CA  . LEU A 1 110 ? 8.741   4.808   9.298   1.00 23.16 ? 110 LEU A CA  1 
ATOM   831  C  C   . LEU A 1 110 ? 8.505   5.524   7.970   1.00 22.40 ? 110 LEU A C   1 
ATOM   832  O  O   . LEU A 1 110 ? 8.283   4.889   6.940   1.00 23.17 ? 110 LEU A O   1 
ATOM   833  C  CB  . LEU A 1 110 ? 7.678   3.727   9.518   1.00 22.81 ? 110 LEU A CB  1 
ATOM   834  C  CG  . LEU A 1 110 ? 7.957   2.787   10.694  1.00 23.98 ? 110 LEU A CG  1 
ATOM   835  C  CD1 . LEU A 1 110 ? 6.802   1.822   10.880  1.00 24.07 ? 110 LEU A CD1 1 
ATOM   836  C  CD2 . LEU A 1 110 ? 9.247   2.024   10.438  1.00 25.14 ? 110 LEU A CD2 1 
ATOM   837  N  N   . ASN A 1 111 ? 8.564   6.850   7.999   1.00 22.73 ? 111 ASN A N   1 
ATOM   838  C  CA  . ASN A 1 111 ? 8.373   7.660   6.800   1.00 21.62 ? 111 ASN A CA  1 
ATOM   839  C  C   . ASN A 1 111 ? 7.136   7.284   5.983   1.00 21.13 ? 111 ASN A C   1 
ATOM   840  O  O   . ASN A 1 111 ? 7.236   6.853   4.830   1.00 20.18 ? 111 ASN A O   1 
ATOM   841  C  CB  . ASN A 1 111 ? 9.625   7.594   5.919   1.00 24.22 ? 111 ASN A CB  1 
ATOM   842  C  CG  . ASN A 1 111 ? 9.465   8.359   4.622   1.00 25.85 ? 111 ASN A CG  1 
ATOM   843  O  OD1 . ASN A 1 111 ? 8.923   9.465   4.603   1.00 29.90 ? 111 ASN A OD1 1 
ATOM   844  N  ND2 . ASN A 1 111 ? 9.941   7.777   3.530   1.00 28.52 ? 111 ASN A ND2 1 
ATOM   845  N  N   . ILE A 1 112 ? 5.970   7.450   6.594   1.00 19.62 ? 112 ILE A N   1 
ATOM   846  C  CA  . ILE A 1 112 ? 4.700   7.162   5.940   1.00 19.35 ? 112 ILE A CA  1 
ATOM   847  C  C   . ILE A 1 112 ? 4.181   8.506   5.443   1.00 18.61 ? 112 ILE A C   1 
ATOM   848  O  O   . ILE A 1 112 ? 4.100   9.461   6.215   1.00 20.95 ? 112 ILE A O   1 
ATOM   849  C  CB  . ILE A 1 112 ? 3.685   6.558   6.935   1.00 20.00 ? 112 ILE A CB  1 
ATOM   850  C  CG1 . ILE A 1 112 ? 4.272   5.298   7.579   1.00 22.18 ? 112 ILE A CG1 1 
ATOM   851  C  CG2 . ILE A 1 112 ? 2.378   6.240   6.227   1.00 21.79 ? 112 ILE A CG2 1 
ATOM   852  C  CD1 . ILE A 1 112 ? 4.644   4.211   6.599   1.00 25.12 ? 112 ILE A CD1 1 
ATOM   853  N  N   . ARG A 1 113 ? 3.834   8.589   4.163   1.00 16.51 ? 113 ARG A N   1 
ATOM   854  C  CA  . ARG A 1 113 ? 3.357   9.850   3.611   1.00 16.01 ? 113 ARG A CA  1 
ATOM   855  C  C   . ARG A 1 113 ? 2.016   10.308  4.170   1.00 16.57 ? 113 ARG A C   1 
ATOM   856  O  O   . ARG A 1 113 ? 1.748   11.508  4.252   1.00 16.49 ? 113 ARG A O   1 
ATOM   857  C  CB  . ARG A 1 113 ? 3.288   9.780   2.086   1.00 17.00 ? 113 ARG A CB  1 
ATOM   858  C  CG  . ARG A 1 113 ? 2.868   11.101  1.464   1.00 20.69 ? 113 ARG A CG  1 
ATOM   859  C  CD  . ARG A 1 113 ? 3.330   11.239  0.031   1.00 23.92 ? 113 ARG A CD  1 
ATOM   860  N  NE  . ARG A 1 113 ? 2.937   12.531  -0.521  1.00 25.14 ? 113 ARG A NE  1 
ATOM   861  C  CZ  . ARG A 1 113 ? 3.358   13.005  -1.689  1.00 26.55 ? 113 ARG A CZ  1 
ATOM   862  N  NH1 . ARG A 1 113 ? 4.192   12.292  -2.435  1.00 26.92 ? 113 ARG A NH1 1 
ATOM   863  N  NH2 . ARG A 1 113 ? 2.940   14.189  -2.113  1.00 27.66 ? 113 ARG A NH2 1 
ATOM   864  N  N   . GLY A 1 114 ? 1.167   9.364   4.552   1.00 14.44 ? 114 GLY A N   1 
ATOM   865  C  CA  . GLY A 1 114 ? -0.116  9.748   5.102   1.00 13.89 ? 114 GLY A CA  1 
ATOM   866  C  C   . GLY A 1 114 ? -1.019  8.578   5.410   1.00 12.97 ? 114 GLY A C   1 
ATOM   867  O  O   . GLY A 1 114 ? -0.680  7.423   5.141   1.00 10.85 ? 114 GLY A O   1 
ATOM   868  N  N   . HIS A 1 115 ? -2.171  8.878   5.995   1.00 12.52 ? 115 HIS A N   1 
ATOM   869  C  CA  . HIS A 1 115 ? -3.135  7.843   6.315   1.00 12.74 ? 115 HIS A CA  1 
ATOM   870  C  C   . HIS A 1 115 ? -4.436  8.149   5.600   1.00 12.98 ? 115 HIS A C   1 
ATOM   871  O  O   . HIS A 1 115 ? -4.759  9.310   5.333   1.00 12.25 ? 115 HIS A O   1 
ATOM   872  C  CB  . HIS A 1 115 ? -3.374  7.741   7.827   1.00 12.04 ? 115 HIS A CB  1 
ATOM   873  C  CG  . HIS A 1 115 ? -3.964  8.973   8.440   1.00 13.56 ? 115 HIS A CG  1 
ATOM   874  N  ND1 . HIS A 1 115 ? -3.199  10.054  8.821   1.00 16.36 ? 115 HIS A ND1 1 
ATOM   875  C  CD2 . HIS A 1 115 ? -5.244  9.291   8.744   1.00 14.70 ? 115 HIS A CD2 1 
ATOM   876  C  CE1 . HIS A 1 115 ? -3.982  10.984  9.337   1.00 16.31 ? 115 HIS A CE1 1 
ATOM   877  N  NE2 . HIS A 1 115 ? -5.229  10.548  9.302   1.00 16.50 ? 115 HIS A NE2 1 
ATOM   878  N  N   . LEU A 1 116 ? -5.171  7.093   5.279   1.00 11.62 ? 116 LEU A N   1 
ATOM   879  C  CA  . LEU A 1 116 ? -6.442  7.210   4.593   1.00 11.04 ? 116 LEU A CA  1 
ATOM   880  C  C   . LEU A 1 116 ? -7.489  6.477   5.413   1.00 11.83 ? 116 LEU A C   1 
ATOM   881  O  O   . LEU A 1 116 ? -7.229  5.397   5.939   1.00 11.77 ? 116 LEU A O   1 
ATOM   882  C  CB  . LEU A 1 116 ? -6.350  6.584   3.201   1.00 12.10 ? 116 LEU A CB  1 
ATOM   883  C  CG  . LEU A 1 116 ? -5.328  7.193   2.238   1.00 13.04 ? 116 LEU A CG  1 
ATOM   884  C  CD1 . LEU A 1 116 ? -5.174  6.278   1.039   1.00 16.46 ? 116 LEU A CD1 1 
ATOM   885  C  CD2 . LEU A 1 116 ? -5.775  8.581   1.812   1.00 13.46 ? 116 LEU A CD2 1 
ATOM   886  N  N   . ILE A 1 117 ? -8.671  7.066   5.513   1.00 11.11 ? 117 ILE A N   1 
ATOM   887  C  CA  . ILE A 1 117 ? -9.760  6.476   6.276   1.00 11.27 ? 117 ILE A CA  1 
ATOM   888  C  C   . ILE A 1 117 ? -10.715 5.743   5.342   1.00 11.52 ? 117 ILE A C   1 
ATOM   889  O  O   . ILE A 1 117 ? -11.179 6.306   4.348   1.00 11.48 ? 117 ILE A O   1 
ATOM   890  C  CB  . ILE A 1 117 ? -10.541 7.568   7.045   1.00 10.57 ? 117 ILE A CB  1 
ATOM   891  C  CG1 . ILE A 1 117 ? -9.589  8.357   7.950   1.00 11.44 ? 117 ILE A CG1 1 
ATOM   892  C  CG2 . ILE A 1 117 ? -11.650 6.932   7.865   1.00 12.02 ? 117 ILE A CG2 1 
ATOM   893  C  CD1 . ILE A 1 117 ? -8.872  7.512   8.991   1.00 11.87 ? 117 ILE A CD1 1 
ATOM   894  N  N   . LYS A 1 118 ? -11.004 4.484   5.656   1.00 11.13 ? 118 LYS A N   1 
ATOM   895  C  CA  . LYS A 1 118 ? -11.915 3.693   4.839   1.00 11.87 ? 118 LYS A CA  1 
ATOM   896  C  C   . LYS A 1 118 ? -13.310 4.310   4.839   1.00 13.12 ? 118 LYS A C   1 
ATOM   897  O  O   . LYS A 1 118 ? -13.739 4.900   5.828   1.00 14.26 ? 118 LYS A O   1 
ATOM   898  C  CB  . LYS A 1 118 ? -12.002 2.265   5.366   1.00 12.60 ? 118 LYS A CB  1 
ATOM   899  C  CG  . LYS A 1 118 ? -10.738 1.459   5.202   1.00 13.62 ? 118 LYS A CG  1 
ATOM   900  C  CD  . LYS A 1 118 ? -10.911 0.093   5.834   1.00 15.64 ? 118 LYS A CD  1 
ATOM   901  C  CE  . LYS A 1 118 ? -9.670  -0.753  5.657   1.00 14.01 ? 118 LYS A CE  1 
ATOM   902  N  NZ  . LYS A 1 118 ? -9.815  -2.066  6.354   1.00 19.09 ? 118 LYS A NZ  1 
ATOM   903  N  N   . PRO A 1 119 ? -14.041 4.172   3.724   1.00 13.72 ? 119 PRO A N   1 
ATOM   904  C  CA  . PRO A 1 119 ? -13.608 3.488   2.505   1.00 13.81 ? 119 PRO A CA  1 
ATOM   905  C  C   . PRO A 1 119 ? -12.738 4.367   1.612   1.00 13.66 ? 119 PRO A C   1 
ATOM   906  O  O   . PRO A 1 119 ? -12.867 5.592   1.624   1.00 14.00 ? 119 PRO A O   1 
ATOM   907  C  CB  . PRO A 1 119 ? -14.932 3.134   1.839   1.00 15.07 ? 119 PRO A CB  1 
ATOM   908  C  CG  . PRO A 1 119 ? -15.778 4.314   2.184   1.00 15.50 ? 119 PRO A CG  1 
ATOM   909  C  CD  . PRO A 1 119 ? -15.470 4.527   3.647   1.00 15.00 ? 119 PRO A CD  1 
ATOM   910  N  N   . LEU A 1 120 ? -11.845 3.743   0.849   1.00 13.48 ? 120 LEU A N   1 
ATOM   911  C  CA  . LEU A 1 120 ? -10.991 4.496   -0.065  1.00 13.53 ? 120 LEU A CA  1 
ATOM   912  C  C   . LEU A 1 120 ? -11.873 4.802   -1.270  1.00 14.77 ? 120 LEU A C   1 
ATOM   913  O  O   . LEU A 1 120 ? -12.035 3.972   -2.167  1.00 17.23 ? 120 LEU A O   1 
ATOM   914  C  CB  . LEU A 1 120 ? -9.778  3.664   -0.488  1.00 15.03 ? 120 LEU A CB  1 
ATOM   915  C  CG  . LEU A 1 120 ? -8.606  4.477   -1.050  1.00 15.28 ? 120 LEU A CG  1 
ATOM   916  C  CD1 . LEU A 1 120 ? -7.372  3.606   -1.134  1.00 15.83 ? 120 LEU A CD1 1 
ATOM   917  C  CD2 . LEU A 1 120 ? -8.962  5.037   -2.414  1.00 18.51 ? 120 LEU A CD2 1 
ATOM   918  N  N   . ASP A 1 121 ? -12.440 6.000   -1.273  1.00 13.36 ? 121 ASP A N   1 
ATOM   919  C  CA  . ASP A 1 121 ? -13.345 6.424   -2.330  1.00 13.56 ? 121 ASP A CA  1 
ATOM   920  C  C   . ASP A 1 121 ? -12.668 7.270   -3.393  1.00 14.11 ? 121 ASP A C   1 
ATOM   921  O  O   . ASP A 1 121 ? -11.451 7.435   -3.384  1.00 12.23 ? 121 ASP A O   1 
ATOM   922  C  CB  . ASP A 1 121 ? -14.516 7.199   -1.726  1.00 16.49 ? 121 ASP A CB  1 
ATOM   923  C  CG  . ASP A 1 121 ? -14.070 8.247   -0.727  1.00 15.62 ? 121 ASP A CG  1 
ATOM   924  O  OD1 . ASP A 1 121 ? -12.945 8.777   -0.861  1.00 17.91 ? 121 ASP A OD1 1 
ATOM   925  O  OD2 . ASP A 1 121 ? -14.853 8.558   0.194   1.00 19.67 ? 121 ASP A OD2 1 
ATOM   926  N  N   . TYR A 1 122 ? -13.471 7.811   -4.301  1.00 12.34 ? 122 TYR A N   1 
ATOM   927  C  CA  . TYR A 1 122 ? -12.951 8.641   -5.378  1.00 11.03 ? 122 TYR A CA  1 
ATOM   928  C  C   . TYR A 1 122 ? -12.036 9.761   -4.880  1.00 10.62 ? 122 TYR A C   1 
ATOM   929  O  O   . TYR A 1 122 ? -10.957 9.976   -5.433  1.00 11.74 ? 122 TYR A O   1 
ATOM   930  C  CB  . TYR A 1 122 ? -14.100 9.260   -6.185  1.00 10.75 ? 122 TYR A CB  1 
ATOM   931  C  CG  . TYR A 1 122 ? -13.606 10.316  -7.143  1.00 10.23 ? 122 TYR A CG  1 
ATOM   932  C  CD1 . TYR A 1 122 ? -12.977 9.961   -8.332  1.00 11.10 ? 122 TYR A CD1 1 
ATOM   933  C  CD2 . TYR A 1 122 ? -13.675 11.669  -6.809  1.00 9.74  ? 122 TYR A CD2 1 
ATOM   934  C  CE1 . TYR A 1 122 ? -12.418 10.925  -9.164  1.00 10.58 ? 122 TYR A CE1 1 
ATOM   935  C  CE2 . TYR A 1 122 ? -13.119 12.642  -7.632  1.00 11.39 ? 122 TYR A CE2 1 
ATOM   936  C  CZ  . TYR A 1 122 ? -12.491 12.261  -8.804  1.00 10.10 ? 122 TYR A CZ  1 
ATOM   937  O  OH  . TYR A 1 122 ? -11.918 13.221  -9.608  1.00 12.15 ? 122 TYR A OH  1 
ATOM   938  N  N   . GLY A 1 123 ? -12.473 10.481  -3.852  1.00 11.11 ? 123 GLY A N   1 
ATOM   939  C  CA  . GLY A 1 123 ? -11.681 11.578  -3.324  1.00 11.43 ? 123 GLY A CA  1 
ATOM   940  C  C   . GLY A 1 123 ? -10.272 11.175  -2.938  1.00 11.89 ? 123 GLY A C   1 
ATOM   941  O  O   . GLY A 1 123 ? -9.301  11.872  -3.254  1.00 15.09 ? 123 GLY A O   1 
ATOM   942  N  N   . GLU A 1 124 ? -10.158 10.048  -2.249  1.00 12.96 ? 124 GLU A N   1 
ATOM   943  C  CA  . GLU A 1 124 ? -8.862  9.547   -1.820  1.00 13.10 ? 124 GLU A CA  1 
ATOM   944  C  C   . GLU A 1 124 ? -8.051  9.020   -3.003  1.00 12.00 ? 124 GLU A C   1 
ATOM   945  O  O   . GLU A 1 124 ? -6.848  9.268   -3.103  1.00 12.34 ? 124 GLU A O   1 
ATOM   946  C  CB  . GLU A 1 124 ? -9.054  8.435   -0.785  1.00 14.28 ? 124 GLU A CB  1 
ATOM   947  C  CG  . GLU A 1 124 ? -9.527  8.931   0.572   1.00 17.36 ? 124 GLU A CG  1 
ATOM   948  C  CD  . GLU A 1 124 ? -9.891  7.800   1.515   1.00 18.73 ? 124 GLU A CD  1 
ATOM   949  O  OE1 . GLU A 1 124 ? -9.263  6.724   1.430   1.00 19.35 ? 124 GLU A OE1 1 
ATOM   950  O  OE2 . GLU A 1 124 ? -10.800 7.991   2.350   1.00 21.53 ? 124 GLU A OE2 1 
ATOM   951  N  N   . ALA A 1 125 ? -8.716  8.306   -3.906  1.00 10.15 ? 125 ALA A N   1 
ATOM   952  C  CA  . ALA A 1 125 ? -8.045  7.735   -5.067  1.00 10.13 ? 125 ALA A CA  1 
ATOM   953  C  C   . ALA A 1 125 ? -7.485  8.788   -6.014  1.00 9.80  ? 125 ALA A C   1 
ATOM   954  O  O   . ALA A 1 125 ? -6.367  8.643   -6.503  1.00 9.11  ? 125 ALA A O   1 
ATOM   955  C  CB  . ALA A 1 125 ? -8.990  6.807   -5.817  1.00 9.90  ? 125 ALA A CB  1 
ATOM   956  N  N   . ILE A 1 126 ? -8.254  9.840   -6.287  1.00 11.60 ? 126 ILE A N   1 
ATOM   957  C  CA  . ILE A 1 126 ? -7.764  10.873  -7.190  1.00 10.40 ? 126 ILE A CA  1 
ATOM   958  C  C   . ILE A 1 126 ? -6.578  11.603  -6.560  1.00 11.53 ? 126 ILE A C   1 
ATOM   959  O  O   . ILE A 1 126 ? -5.670  12.037  -7.264  1.00 10.24 ? 126 ILE A O   1 
ATOM   960  C  CB  . ILE A 1 126 ? -8.895  11.871  -7.594  1.00 10.86 ? 126 ILE A CB  1 
ATOM   961  C  CG1 . ILE A 1 126 ? -8.473  12.649  -8.847  1.00 11.31 ? 126 ILE A CG1 1 
ATOM   962  C  CG2 . ILE A 1 126 ? -9.213  12.822  -6.452  1.00 11.54 ? 126 ILE A CG2 1 
ATOM   963  C  CD1 . ILE A 1 126 ? -8.343  11.792  -10.084 1.00 10.80 ? 126 ILE A CD1 1 
ATOM   964  N  N   . LYS A 1 127 ? -6.567  11.713  -5.233  1.00 11.38 ? 127 LYS A N   1 
ATOM   965  C  CA  . LYS A 1 127 ? -5.455  12.356  -4.545  1.00 12.96 ? 127 LYS A CA  1 
ATOM   966  C  C   . LYS A 1 127 ? -4.205  11.514  -4.793  1.00 10.90 ? 127 LYS A C   1 
ATOM   967  O  O   . LYS A 1 127 ? -3.125  12.037  -5.056  1.00 11.41 ? 127 LYS A O   1 
ATOM   968  C  CB  . LYS A 1 127 ? -5.726  12.442  -3.041  1.00 15.66 ? 127 LYS A CB  1 
ATOM   969  C  CG  . LYS A 1 127 ? -4.600  13.098  -2.258  1.00 22.44 ? 127 LYS A CG  1 
ATOM   970  C  CD  . LYS A 1 127 ? -4.886  13.125  -0.764  1.00 26.66 ? 127 LYS A CD  1 
ATOM   971  C  CE  . LYS A 1 127 ? -4.915  11.727  -0.169  1.00 29.40 ? 127 LYS A CE  1 
ATOM   972  N  NZ  . LYS A 1 127 ? -5.097  11.775  1.309   1.00 31.93 ? 127 LYS A NZ  1 
ATOM   973  N  N   . LEU A 1 128 ? -4.359  10.197  -4.721  1.00 11.21 ? 128 LEU A N   1 
ATOM   974  C  CA  . LEU A 1 128 ? -3.239  9.297   -4.952  1.00 10.88 ? 128 LEU A CA  1 
ATOM   975  C  C   . LEU A 1 128 ? -2.815  9.322   -6.411  1.00 10.74 ? 128 LEU A C   1 
ATOM   976  O  O   . LEU A 1 128 ? -1.632  9.209   -6.721  1.00 11.25 ? 128 LEU A O   1 
ATOM   977  C  CB  . LEU A 1 128 ? -3.606  7.869   -4.547  1.00 11.70 ? 128 LEU A CB  1 
ATOM   978  C  CG  . LEU A 1 128 ? -3.858  7.659   -3.053  1.00 16.15 ? 128 LEU A CG  1 
ATOM   979  C  CD1 . LEU A 1 128 ? -4.216  6.199   -2.788  1.00 18.32 ? 128 LEU A CD1 1 
ATOM   980  C  CD2 . LEU A 1 128 ? -2.623  8.059   -2.266  1.00 17.47 ? 128 LEU A CD2 1 
ATOM   981  N  N   . PHE A 1 129 ? -3.783  9.457   -7.312  1.00 10.22 ? 129 PHE A N   1 
ATOM   982  C  CA  . PHE A 1 129 ? -3.467  9.509   -8.731  1.00 10.27 ? 129 PHE A CA  1 
ATOM   983  C  C   . PHE A 1 129 ? -2.534  10.681  -9.031  1.00 11.04 ? 129 PHE A C   1 
ATOM   984  O  O   . PHE A 1 129 ? -1.581  10.538  -9.795  1.00 11.98 ? 129 PHE A O   1 
ATOM   985  C  CB  . PHE A 1 129 ? -4.745  9.654   -9.559  1.00 10.02 ? 129 PHE A CB  1 
ATOM   986  C  CG  . PHE A 1 129 ? -4.492  9.991   -11.005 1.00 13.07 ? 129 PHE A CG  1 
ATOM   987  C  CD1 . PHE A 1 129 ? -3.996  9.036   -11.886 1.00 15.58 ? 129 PHE A CD1 1 
ATOM   988  C  CD2 . PHE A 1 129 ? -4.726  11.279  -11.472 1.00 15.14 ? 129 PHE A CD2 1 
ATOM   989  C  CE1 . PHE A 1 129 ? -3.736  9.368   -13.218 1.00 16.19 ? 129 PHE A CE1 1 
ATOM   990  C  CE2 . PHE A 1 129 ? -4.469  11.620  -12.799 1.00 16.78 ? 129 PHE A CE2 1 
ATOM   991  C  CZ  . PHE A 1 129 ? -3.975  10.664  -13.670 1.00 16.15 ? 129 PHE A CZ  1 
ATOM   992  N  N   . TRP A 1 130 ? -2.805  11.840  -8.437  1.00 12.29 ? 130 TRP A N   1 
ATOM   993  C  CA  . TRP A 1 130 ? -1.963  12.999  -8.696  1.00 12.38 ? 130 TRP A CA  1 
ATOM   994  C  C   . TRP A 1 130 ? -0.585  12.837  -8.075  1.00 14.28 ? 130 TRP A C   1 
ATOM   995  O  O   . TRP A 1 130 ? 0.395   13.360  -8.596  1.00 14.65 ? 130 TRP A O   1 
ATOM   996  C  CB  . TRP A 1 130 ? -2.651  14.277  -8.211  1.00 14.37 ? 130 TRP A CB  1 
ATOM   997  C  CG  . TRP A 1 130 ? -3.817  14.657  -9.084  1.00 15.13 ? 130 TRP A CG  1 
ATOM   998  C  CD1 . TRP A 1 130 ? -5.114  14.830  -8.692  1.00 16.06 ? 130 TRP A CD1 1 
ATOM   999  C  CD2 . TRP A 1 130 ? -3.794  14.874  -10.500 1.00 18.21 ? 130 TRP A CD2 1 
ATOM   1000 N  NE1 . TRP A 1 130 ? -5.901  15.142  -9.777  1.00 17.56 ? 130 TRP A NE1 1 
ATOM   1001 C  CE2 . TRP A 1 130 ? -5.116  15.179  -10.901 1.00 18.16 ? 130 TRP A CE2 1 
ATOM   1002 C  CE3 . TRP A 1 130 ? -2.783  14.847  -11.473 1.00 19.77 ? 130 TRP A CE3 1 
ATOM   1003 C  CZ2 . TRP A 1 130 ? -5.457  15.447  -12.230 1.00 19.69 ? 130 TRP A CZ2 1 
ATOM   1004 C  CZ3 . TRP A 1 130 ? -3.123  15.115  -12.800 1.00 22.13 ? 130 TRP A CZ3 1 
ATOM   1005 C  CH2 . TRP A 1 130 ? -4.450  15.415  -13.163 1.00 21.05 ? 130 TRP A CH2 1 
ATOM   1006 N  N   . ILE A 1 131 ? -0.502  12.099  -6.971  1.00 13.15 ? 131 ILE A N   1 
ATOM   1007 C  CA  . ILE A 1 131 ? 0.789   11.853  -6.341  1.00 14.02 ? 131 ILE A CA  1 
ATOM   1008 C  C   . ILE A 1 131 ? 1.594   10.963  -7.284  1.00 14.76 ? 131 ILE A C   1 
ATOM   1009 O  O   . ILE A 1 131 ? 2.794   11.158  -7.457  1.00 15.12 ? 131 ILE A O   1 
ATOM   1010 C  CB  . ILE A 1 131 ? 0.627   11.165  -4.968  1.00 14.15 ? 131 ILE A CB  1 
ATOM   1011 C  CG1 . ILE A 1 131 ? 0.059   12.173  -3.969  1.00 15.15 ? 131 ILE A CG1 1 
ATOM   1012 C  CG2 . ILE A 1 131 ? 1.971   10.606  -4.488  1.00 15.78 ? 131 ILE A CG2 1 
ATOM   1013 C  CD1 . ILE A 1 131 ? -0.282  11.591  -2.620  1.00 15.61 ? 131 ILE A CD1 1 
ATOM   1014 N  N   . LEU A 1 132 ? 0.928   9.989   -7.901  1.00 13.06 ? 132 LEU A N   1 
ATOM   1015 C  CA  . LEU A 1 132 ? 1.593   9.103   -8.843  1.00 15.22 ? 132 LEU A CA  1 
ATOM   1016 C  C   . LEU A 1 132 ? 2.174   9.942   -9.972  1.00 16.97 ? 132 LEU A C   1 
ATOM   1017 O  O   . LEU A 1 132 ? 3.317   9.757   -10.380 1.00 17.99 ? 132 LEU A O   1 
ATOM   1018 C  CB  . LEU A 1 132 ? 0.608   8.082   -9.416  1.00 16.43 ? 132 LEU A CB  1 
ATOM   1019 C  CG  . LEU A 1 132 ? 0.155   6.943   -8.496  1.00 16.21 ? 132 LEU A CG  1 
ATOM   1020 C  CD1 . LEU A 1 132 ? -0.981  6.186   -9.157  1.00 18.03 ? 132 LEU A CD1 1 
ATOM   1021 C  CD2 . LEU A 1 132 ? 1.328   6.006   -8.209  1.00 16.07 ? 132 LEU A CD2 1 
ATOM   1022 N  N   . GLN A 1 133 ? 1.383   10.881  -10.470 1.00 18.73 ? 133 GLN A N   1 
ATOM   1023 C  CA  . GLN A 1 133 ? 1.831   11.744  -11.558 1.00 21.83 ? 133 GLN A CA  1 
ATOM   1024 C  C   . GLN A 1 133 ? 2.983   12.625  -11.131 1.00 23.88 ? 133 GLN A C   1 
ATOM   1025 O  O   . GLN A 1 133 ? 4.039   12.676  -11.814 1.00 24.33 ? 133 GLN A O   1 
ATOM   1026 C  CB  . GLN A 1 133 ? 0.701   12.647  -12.031 1.00 22.03 ? 133 GLN A CB  1 
ATOM   1027 C  CG  . GLN A 1 133 ? -0.486  11.925  -12.639 1.00 23.34 ? 133 GLN A CG  1 
ATOM   1028 C  CD  . GLN A 1 133 ? -0.107  11.124  -13.869 1.00 26.68 ? 133 GLN A CD  1 
ATOM   1029 O  OE1 . GLN A 1 133 ? 0.403   11.671  -14.846 1.00 29.26 ? 133 GLN A OE1 1 
ATOM   1030 N  NE2 . GLN A 1 133 ? -0.360  9.822   -13.828 1.00 29.70 ? 133 GLN A NE2 1 
ATOM   1031 N  N   . SER A 1 134 ? 2.779   13.335  -10.014 1.00 26.61 ? 134 SER A N   1 
ATOM   1032 C  CA  . SER A 1 134 ? 3.801   14.215  -9.458  1.00 31.18 ? 134 SER A CA  1 
ATOM   1033 C  C   . SER A 1 134 ? 4.972   13.377  -9.187  1.00 34.33 ? 134 SER A C   1 
ATOM   1034 O  O   . SER A 1 134 ? 6.033   13.966  -9.143  1.00 35.14 ? 134 SER A O   1 
ATOM   1035 C  CB  . SER A 1 134 ? 3.497   14.793  -8.072  1.00 30.76 ? 134 SER A CB  1 
ATOM   1036 O  OG  . SER A 1 134 ? 3.548   13.674  -7.184  1.00 33.87 ? 134 SER A OG  1 
HETATM 1037 N  N   . MSE A 1 135 ? 4.864   12.080  -8.861  1.00 38.11 ? 135 MSE A N   1 
HETATM 1038 C  CA  . MSE A 1 135 ? 6.096   11.391  -8.659  1.00 41.86 ? 135 MSE A CA  1 
HETATM 1039 C  C   . MSE A 1 135 ? 6.835   11.545  -10.030 1.00 43.10 ? 135 MSE A C   1 
HETATM 1040 O  O   . MSE A 1 135 ? 7.368   10.527  -10.468 1.00 44.13 ? 135 MSE A O   1 
HETATM 1041 C  CB  . MSE A 1 135 ? 5.719   9.954   -8.282  1.00 44.32 ? 135 MSE A CB  1 
HETATM 1042 C  CG  . MSE A 1 135 ? 5.620   9.845   -6.793  1.00 47.61 ? 135 MSE A CG  1 
HETATM 1043 SE SE  . MSE A 1 135 ? 4.945   8.221   -6.219  1.00 47.27 ? 135 MSE A SE  1 
HETATM 1044 C  CE  . MSE A 1 135 ? 4.966   8.614   -4.416  1.00 52.85 ? 135 MSE A CE  1 
HETATM 1045 O  O   . HOH B 2 .   ? 9.069   -12.797 2.277   1.00 11.46 ? 144 HOH A O   1 
HETATM 1046 O  O   . HOH B 2 .   ? -9.066  9.969   4.428   1.00 12.63 ? 145 HOH A O   1 
HETATM 1047 O  O   . HOH B 2 .   ? 4.498   -15.023 -1.912  1.00 10.85 ? 146 HOH A O   1 
HETATM 1048 O  O   . HOH B 2 .   ? -6.521  -15.814 -2.389  1.00 14.06 ? 147 HOH A O   1 
HETATM 1049 O  O   . HOH B 2 .   ? 6.815   -15.705 1.629   1.00 14.16 ? 148 HOH A O   1 
HETATM 1050 O  O   . HOH B 2 .   ? 18.217  -6.574  1.166   1.00 12.82 ? 149 HOH A O   1 
HETATM 1051 O  O   . HOH B 2 .   ? 10.227  -16.001 0.203   1.00 13.73 ? 150 HOH A O   1 
HETATM 1052 O  O   . HOH B 2 .   ? -8.059  -13.279 0.480   1.00 16.47 ? 151 HOH A O   1 
HETATM 1053 O  O   . HOH B 2 .   ? 11.443  -3.825  -6.206  1.00 15.80 ? 152 HOH A O   1 
HETATM 1054 O  O   . HOH B 2 .   ? -11.196 -9.712  -4.797  1.00 16.84 ? 153 HOH A O   1 
HETATM 1055 O  O   . HOH B 2 .   ? 15.234  -11.698 2.636   1.00 14.55 ? 154 HOH A O   1 
HETATM 1056 O  O   . HOH B 2 .   ? -11.504 12.918  -12.196 1.00 14.70 ? 155 HOH A O   1 
HETATM 1057 O  O   . HOH B 2 .   ? -13.722 6.399   -8.559  1.00 15.48 ? 156 HOH A O   1 
HETATM 1058 O  O   . HOH B 2 .   ? -12.093 0.828   0.825   1.00 20.73 ? 157 HOH A O   1 
HETATM 1059 O  O   . HOH B 2 .   ? -5.396  1.495   12.466  1.00 18.27 ? 158 HOH A O   1 
HETATM 1060 O  O   . HOH B 2 .   ? 6.181   7.358   2.344   1.00 17.79 ? 159 HOH A O   1 
HETATM 1061 O  O   . HOH B 2 .   ? -15.061 10.999  -2.782  1.00 18.29 ? 160 HOH A O   1 
HETATM 1062 O  O   . HOH B 2 .   ? 14.813  -7.477  3.782   1.00 15.92 ? 161 HOH A O   1 
HETATM 1063 O  O   . HOH B 2 .   ? -10.186 -0.895  1.708   1.00 18.32 ? 162 HOH A O   1 
HETATM 1064 O  O   . HOH B 2 .   ? -14.017 8.732   -12.759 1.00 16.98 ? 163 HOH A O   1 
HETATM 1065 O  O   . HOH B 2 .   ? 6.989   -2.618  -11.339 1.00 22.73 ? 164 HOH A O   1 
HETATM 1066 O  O   . HOH B 2 .   ? 16.961  -4.767  -2.306  1.00 20.99 ? 165 HOH A O   1 
HETATM 1067 O  O   . HOH B 2 .   ? 1.226   -10.452 6.929   1.00 28.39 ? 166 HOH A O   1 
HETATM 1068 O  O   . HOH B 2 .   ? -4.571  4.770   20.624  1.00 21.37 ? 167 HOH A O   1 
HETATM 1069 O  O   . HOH B 2 .   ? 12.834  1.986   2.272   1.00 21.75 ? 168 HOH A O   1 
HETATM 1070 O  O   . HOH B 2 .   ? -2.483  11.874  5.456   1.00 28.23 ? 169 HOH A O   1 
HETATM 1071 O  O   . HOH B 2 .   ? -0.414  4.339   -14.980 1.00 24.76 ? 170 HOH A O   1 
HETATM 1072 O  O   . HOH B 2 .   ? 12.917  -10.977 3.936   1.00 19.45 ? 171 HOH A O   1 
HETATM 1073 O  O   . HOH B 2 .   ? 12.719  -17.880 -5.112  1.00 21.41 ? 172 HOH A O   1 
HETATM 1074 O  O   . HOH B 2 .   ? 6.007   8.771   9.026   1.00 19.12 ? 173 HOH A O   1 
HETATM 1075 O  O   . HOH B 2 .   ? -1.935  -11.656 -4.829  1.00 20.50 ? 174 HOH A O   1 
HETATM 1076 O  O   . HOH B 2 .   ? -8.037  -1.012  -10.983 1.00 21.50 ? 175 HOH A O   1 
HETATM 1077 O  O   . HOH B 2 .   ? -4.464  -3.064  -12.231 1.00 24.81 ? 176 HOH A O   1 
HETATM 1078 O  O   . HOH B 2 .   ? -2.405  14.563  -4.683  1.00 19.02 ? 177 HOH A O   1 
HETATM 1079 O  O   . HOH B 2 .   ? 4.218   -17.074 -3.976  1.00 21.83 ? 178 HOH A O   1 
HETATM 1080 O  O   . HOH B 2 .   ? -12.761 1.226   -1.926  1.00 21.00 ? 179 HOH A O   1 
HETATM 1081 O  O   . HOH B 2 .   ? 4.524   -9.572  -8.707  1.00 26.58 ? 180 HOH A O   1 
HETATM 1082 O  O   . HOH B 2 .   ? 2.445   3.239   19.093  1.00 23.57 ? 181 HOH A O   1 
HETATM 1083 O  O   . HOH B 2 .   ? 15.276  -4.971  4.949   1.00 20.48 ? 182 HOH A O   1 
HETATM 1084 O  O   . HOH B 2 .   ? 19.844  -2.013  1.398   1.00 26.57 ? 183 HOH A O   1 
HETATM 1085 O  O   . HOH B 2 .   ? 13.525  0.271   9.528   1.00 27.71 ? 184 HOH A O   1 
HETATM 1086 O  O   . HOH B 2 .   ? 9.924   1.361   -6.787  1.00 28.28 ? 185 HOH A O   1 
HETATM 1087 O  O   . HOH B 2 .   ? -12.426 11.162  0.229   1.00 25.75 ? 186 HOH A O   1 
HETATM 1088 O  O   . HOH B 2 .   ? -8.108  -11.871 -5.486  1.00 25.63 ? 187 HOH A O   1 
HETATM 1089 O  O   . HOH B 2 .   ? 10.266  -15.336 -8.859  1.00 28.45 ? 188 HOH A O   1 
HETATM 1090 O  O   . HOH B 2 .   ? -15.823 0.319   -5.324  1.00 23.67 ? 189 HOH A O   1 
HETATM 1091 O  O   . HOH B 2 .   ? -17.213 7.160   0.323   1.00 22.83 ? 190 HOH A O   1 
HETATM 1092 O  O   . HOH B 2 .   ? -7.866  0.782   13.991  1.00 27.93 ? 191 HOH A O   1 
HETATM 1093 O  O   . HOH B 2 .   ? -12.534 6.656   -16.512 1.00 24.65 ? 192 HOH A O   1 
HETATM 1094 O  O   . HOH B 2 .   ? -6.939  11.118  6.099   1.00 20.97 ? 193 HOH A O   1 
HETATM 1095 O  O   . HOH B 2 .   ? 0.171   10.190  11.733  1.00 31.78 ? 194 HOH A O   1 
HETATM 1096 O  O   . HOH B 2 .   ? -4.411  9.821   22.827  1.00 24.59 ? 195 HOH A O   1 
HETATM 1097 O  O   . HOH B 2 .   ? 9.710   9.055   9.472   1.00 26.04 ? 196 HOH A O   1 
HETATM 1098 O  O   . HOH B 2 .   ? -11.129 15.776  -8.599  1.00 25.28 ? 197 HOH A O   1 
HETATM 1099 O  O   . HOH B 2 .   ? -7.118  0.594   -12.778 1.00 24.90 ? 198 HOH A O   1 
HETATM 1100 O  O   . HOH B 2 .   ? 9.572   9.259   -3.415  1.00 26.38 ? 199 HOH A O   1 
HETATM 1101 O  O   . HOH B 2 .   ? -2.045  -8.735  -8.140  1.00 27.24 ? 200 HOH A O   1 
HETATM 1102 O  O   . HOH B 2 .   ? 21.964  2.560   0.355   1.00 28.95 ? 201 HOH A O   1 
HETATM 1103 O  O   . HOH B 2 .   ? -0.296  10.065  18.682  1.00 36.74 ? 202 HOH A O   1 
HETATM 1104 O  O   . HOH B 2 .   ? 18.067  -4.231  4.703   1.00 26.11 ? 203 HOH A O   1 
HETATM 1105 O  O   . HOH B 2 .   ? -14.043 2.109   12.894  1.00 24.75 ? 204 HOH A O   1 
HETATM 1106 O  O   . HOH B 2 .   ? 10.850  -11.276 -11.692 1.00 27.95 ? 205 HOH A O   1 
HETATM 1107 O  O   . HOH B 2 .   ? -9.614  14.573  -3.254  1.00 26.84 ? 206 HOH A O   1 
HETATM 1108 O  O   . HOH B 2 .   ? 3.821   -11.973 -9.072  1.00 24.49 ? 207 HOH A O   1 
HETATM 1109 O  O   . HOH B 2 .   ? -6.731  -11.952 7.921   1.00 31.49 ? 208 HOH A O   1 
HETATM 1110 O  O   . HOH B 2 .   ? -9.374  -5.945  5.545   1.00 31.25 ? 209 HOH A O   1 
HETATM 1111 O  O   . HOH B 2 .   ? 3.405   -11.914 6.391   1.00 27.28 ? 210 HOH A O   1 
HETATM 1112 O  O   . HOH B 2 .   ? 12.246  5.597   8.287   1.00 39.04 ? 211 HOH A O   1 
HETATM 1113 O  O   . HOH B 2 .   ? 2.831   9.786   12.740  1.00 29.30 ? 212 HOH A O   1 
HETATM 1114 O  O   . HOH B 2 .   ? 1.213   -15.074 1.862   1.00 26.85 ? 213 HOH A O   1 
HETATM 1115 O  O   . HOH B 2 .   ? -8.809  -8.631  6.656   1.00 31.60 ? 214 HOH A O   1 
HETATM 1116 O  O   . HOH B 2 .   ? -0.328  10.060  8.615   1.00 33.62 ? 215 HOH A O   1 
HETATM 1117 O  O   . HOH B 2 .   ? 10.874  -18.062 -8.001  1.00 30.21 ? 216 HOH A O   1 
HETATM 1118 O  O   . HOH B 2 .   ? -12.229 -5.818  5.942   1.00 33.28 ? 217 HOH A O   1 
HETATM 1119 O  O   . HOH B 2 .   ? -0.583  -3.708  10.630  1.00 34.43 ? 218 HOH A O   1 
HETATM 1120 O  O   . HOH B 2 .   ? 6.432   8.677   17.857  1.00 31.05 ? 219 HOH A O   1 
HETATM 1121 O  O   . HOH B 2 .   ? 1.966   6.315   -12.251 1.00 32.05 ? 220 HOH A O   1 
HETATM 1122 O  O   . HOH B 2 .   ? 19.750  -0.253  -2.474  1.00 37.62 ? 221 HOH A O   1 
HETATM 1123 O  O   . HOH B 2 .   ? 10.683  -6.101  10.781  1.00 33.69 ? 222 HOH A O   1 
HETATM 1124 O  O   . HOH B 2 .   ? -1.161  0.598   -17.741 1.00 43.09 ? 223 HOH A O   1 
HETATM 1125 O  O   . HOH B 2 .   ? -11.942 -5.345  -9.715  1.00 38.10 ? 224 HOH A O   1 
HETATM 1126 O  O   . HOH B 2 .   ? 6.384   -12.478 8.266   1.00 36.78 ? 225 HOH A O   1 
HETATM 1127 O  O   . HOH B 2 .   ? 7.202   1.821   15.260  1.00 33.62 ? 226 HOH A O   1 
HETATM 1128 O  O   . HOH B 2 .   ? 9.706   7.844   0.472   1.00 34.55 ? 227 HOH A O   1 
HETATM 1129 O  O   . HOH B 2 .   ? 4.195   3.723   -12.073 1.00 39.52 ? 228 HOH A O   1 
HETATM 1130 O  O   . HOH B 2 .   ? 16.020  -4.468  -5.443  1.00 34.10 ? 229 HOH A O   1 
HETATM 1131 O  O   . HOH B 2 .   ? -3.583  -1.436  -15.666 1.00 35.13 ? 230 HOH A O   1 
HETATM 1132 O  O   . HOH B 2 .   ? 3.527   12.167  15.339  1.00 41.68 ? 231 HOH A O   1 
HETATM 1133 O  O   . HOH B 2 .   ? 0.541   16.106  -9.544  1.00 28.26 ? 232 HOH A O   1 
HETATM 1134 O  O   . HOH B 2 .   ? 15.904  3.437   -4.058  1.00 33.53 ? 233 HOH A O   1 
HETATM 1135 O  O   . HOH B 2 .   ? 18.482  -0.568  -5.206  1.00 38.18 ? 234 HOH A O   1 
HETATM 1136 O  O   . HOH B 2 .   ? -8.491  15.875  -10.304 1.00 25.06 ? 235 HOH A O   1 
HETATM 1137 O  O   . HOH B 2 .   ? 0.111   9.927   -17.243 1.00 40.28 ? 236 HOH A O   1 
HETATM 1138 O  O   . HOH B 2 .   ? -15.601 -7.625  -9.107  1.00 37.30 ? 237 HOH A O   1 
HETATM 1139 O  O   . HOH B 2 .   ? 1.421   -3.648  12.744  1.00 28.57 ? 238 HOH A O   1 
HETATM 1140 O  O   . HOH B 2 .   ? -8.538  -4.479  -0.678  1.00 53.91 ? 239 HOH A O   1 
HETATM 1141 O  O   . HOH B 2 .   ? -15.940 -1.736  0.278   1.00 38.34 ? 240 HOH A O   1 
HETATM 1142 O  O   . HOH B 2 .   ? 2.690   -10.329 9.254   1.00 36.16 ? 241 HOH A O   1 
HETATM 1143 O  O   . HOH B 2 .   ? 8.948   -7.971  7.736   1.00 26.32 ? 242 HOH A O   1 
HETATM 1144 O  O   . HOH B 2 .   ? -1.158  -10.959 -7.153  1.00 44.13 ? 243 HOH A O   1 
HETATM 1145 O  O   . HOH B 2 .   ? 12.077  6.380   2.714   1.00 34.15 ? 244 HOH A O   1 
HETATM 1146 O  O   . HOH B 2 .   ? -4.298  1.256   16.807  1.00 39.20 ? 245 HOH A O   1 
HETATM 1147 O  O   . HOH B 2 .   ? 8.779   -12.044 4.962   1.00 41.29 ? 246 HOH A O   1 
HETATM 1148 O  O   . HOH B 2 .   ? -6.873  -8.439  -7.868  1.00 31.32 ? 247 HOH A O   1 
HETATM 1149 O  O   . HOH B 2 .   ? -1.640  -1.162  22.641  1.00 37.86 ? 248 HOH A O   1 
HETATM 1150 O  O   . HOH B 2 .   ? -9.567  -4.927  7.874   1.00 38.00 ? 249 HOH A O   1 
HETATM 1151 O  O   . HOH B 2 .   ? 12.806  -12.738 -10.419 1.00 43.86 ? 250 HOH A O   1 
HETATM 1152 O  O   . HOH B 2 .   ? -3.080  -14.311 3.208   1.00 32.79 ? 251 HOH A O   1 
HETATM 1153 O  O   . HOH B 2 .   ? 13.362  -4.624  2.884   1.00 55.96 ? 252 HOH A O   1 
HETATM 1154 O  O   . HOH B 2 .   ? -3.380  11.078  3.191   1.00 29.02 ? 253 HOH A O   1 
HETATM 1155 O  O   . HOH B 2 .   ? 7.769   12.093  -12.776 1.00 35.83 ? 254 HOH A O   1 
HETATM 1156 O  O   . HOH B 2 .   ? 17.518  -8.183  3.288   1.00 15.52 ? 255 HOH A O   1 
HETATM 1157 O  O   . HOH B 2 .   ? -11.805 10.324  -13.068 1.00 15.63 ? 256 HOH A O   1 
HETATM 1158 O  O   . HOH B 2 .   ? -16.343 2.536   -7.266  1.00 21.44 ? 257 HOH A O   1 
HETATM 1159 O  O   . HOH B 2 .   ? -9.416  14.499  -12.751 1.00 22.71 ? 258 HOH A O   1 
HETATM 1160 O  O   . HOH B 2 .   ? 6.512   -8.798  6.605   1.00 24.07 ? 259 HOH A O   1 
HETATM 1161 O  O   . HOH B 2 .   ? 19.693  -4.610  2.358   1.00 22.71 ? 260 HOH A O   1 
HETATM 1162 O  O   . HOH B 2 .   ? -14.926 13.569  -3.900  1.00 24.98 ? 261 HOH A O   1 
HETATM 1163 O  O   . HOH B 2 .   ? -13.582 2.081   15.664  1.00 26.72 ? 262 HOH A O   1 
HETATM 1164 O  O   . HOH B 2 .   ? 16.221  -5.804  7.416   1.00 33.29 ? 263 HOH A O   1 
HETATM 1165 O  O   . HOH B 2 .   ? -15.379 1.909   -2.625  1.00 28.57 ? 264 HOH A O   1 
HETATM 1166 O  O   . HOH B 2 .   ? 13.166  3.314   -4.123  1.00 31.69 ? 265 HOH A O   1 
HETATM 1167 O  O   . HOH B 2 .   ? -3.790  -11.242 -6.808  1.00 31.12 ? 266 HOH A O   1 
HETATM 1168 O  O   . HOH B 2 .   ? -9.146  -9.227  -9.486  1.00 38.78 ? 267 HOH A O   1 
HETATM 1169 O  O   . HOH B 2 .   ? 11.066  -16.271 2.556   1.00 35.31 ? 268 HOH A O   1 
HETATM 1170 O  O   . HOH B 2 .   ? -11.598 -3.171  -11.520 1.00 30.36 ? 269 HOH A O   1 
HETATM 1171 O  O   . HOH B 2 .   ? -6.147  -10.289 -6.111  1.00 26.56 ? 270 HOH A O   1 
HETATM 1172 O  O   . HOH B 2 .   ? 21.403  -0.477  2.854   1.00 28.68 ? 271 HOH A O   1 
HETATM 1173 O  O   . HOH B 2 .   ? 7.912   5.018   14.654  1.00 35.16 ? 272 HOH A O   1 
HETATM 1174 O  O   . HOH B 2 .   ? -0.435  16.012  -5.839  1.00 36.84 ? 273 HOH A O   1 
HETATM 1175 O  O   . HOH B 2 .   ? -17.248 0.237   -1.346  1.00 32.03 ? 274 HOH A O   1 
HETATM 1176 O  O   . HOH B 2 .   ? -16.052 8.635   -14.576 1.00 33.26 ? 275 HOH A O   1 
HETATM 1177 O  O   . HOH B 2 .   ? 4.083   9.926   14.931  1.00 52.75 ? 276 HOH A O   1 
HETATM 1178 O  O   . HOH B 2 .   ? 6.375   2.133   -10.943 1.00 38.07 ? 277 HOH A O   1 
HETATM 1179 O  O   . HOH B 2 .   ? 14.014  -2.623  -6.215  1.00 30.05 ? 278 HOH A O   1 
HETATM 1180 O  O   . HOH B 2 .   ? -4.629  16.391  -4.958  1.00 30.21 ? 279 HOH A O   1 
HETATM 1181 O  O   . HOH B 2 .   ? -18.066 -2.655  1.752   1.00 38.60 ? 280 HOH A O   1 
HETATM 1182 O  O   . HOH B 2 .   ? 4.374   -8.601  8.264   1.00 31.13 ? 281 HOH A O   1 
HETATM 1183 O  O   . HOH B 2 .   ? 21.253  -0.823  -4.324  1.00 36.65 ? 282 HOH A O   1 
HETATM 1184 O  O   . HOH B 2 .   ? -7.622  -2.282  -16.133 1.00 37.29 ? 283 HOH A O   1 
HETATM 1185 O  O   . HOH B 2 .   ? 7.833   -8.494  -13.343 1.00 40.44 ? 284 HOH A O   1 
HETATM 1186 O  O   . HOH B 2 .   ? 10.843  -20.295 -4.739  1.00 31.12 ? 285 HOH A O   1 
HETATM 1187 O  O   . HOH B 2 .   ? -4.068  -0.550  13.407  1.00 39.58 ? 286 HOH A O   1 
HETATM 1188 O  O   . HOH B 2 .   ? 3.454   -8.380  -11.740 1.00 37.86 ? 287 HOH A O   1 
HETATM 1189 O  O   . HOH B 2 .   ? 0.917   16.405  -12.496 1.00 41.61 ? 288 HOH A O   1 
HETATM 1190 O  O   . HOH B 2 .   ? -1.623  11.985  11.441  1.00 33.44 ? 289 HOH A O   1 
HETATM 1191 O  O   . HOH B 2 .   ? 7.980   -4.970  14.686  1.00 43.64 ? 290 HOH A O   1 
HETATM 1192 O  O   . HOH B 2 .   ? -2.731  -11.631 5.621   1.00 30.91 ? 291 HOH A O   1 
HETATM 1193 O  O   . HOH B 2 .   ? -9.132  0.486   16.383  1.00 35.54 ? 292 HOH A O   1 
HETATM 1194 O  O   . HOH B 2 .   ? -3.598  5.683   23.228  1.00 34.98 ? 293 HOH A O   1 
HETATM 1195 O  O   . HOH B 2 .   ? -1.826  15.180  -1.626  1.00 32.97 ? 294 HOH A O   1 
HETATM 1196 O  O   . HOH B 2 .   ? -11.075 15.688  -5.440  1.00 34.29 ? 295 HOH A O   1 
HETATM 1197 O  O   . HOH B 2 .   ? 12.286  -2.927  15.809  1.00 40.07 ? 296 HOH A O   1 
HETATM 1198 O  O   . HOH B 2 .   ? 0.618   -7.454  14.314  1.00 43.56 ? 297 HOH A O   1 
HETATM 1199 O  O   . HOH B 2 .   ? 14.633  3.657   3.973   1.00 35.52 ? 298 HOH A O   1 
HETATM 1200 O  O   . HOH B 2 .   ? 3.318   9.061   10.352  1.00 34.70 ? 299 HOH A O   1 
HETATM 1201 O  O   . HOH B 2 .   ? 3.702   -1.700  -16.800 1.00 53.87 ? 300 HOH A O   1 
HETATM 1202 O  O   . HOH B 2 .   ? 0.088   7.030   -14.305 1.00 37.55 ? 301 HOH A O   1 
HETATM 1203 O  O   . HOH B 2 .   ? 18.203  5.448   -0.256  1.00 40.05 ? 302 HOH A O   1 
HETATM 1204 O  O   . HOH B 2 .   ? -8.799  -8.745  9.480   1.00 38.50 ? 303 HOH A O   1 
HETATM 1205 O  O   . HOH B 2 .   ? -7.761  11.622  2.106   1.00 39.60 ? 304 HOH A O   1 
HETATM 1206 O  O   . HOH B 2 .   ? 10.549  -11.040 6.741   1.00 32.99 ? 305 HOH A O   1 
HETATM 1207 O  O   . HOH B 2 .   ? -2.279  5.160   -13.783 1.00 51.48 ? 306 HOH A O   1 
HETATM 1208 O  O   . HOH B 2 .   ? -4.903  -4.196  13.288  1.00 37.08 ? 307 HOH A O   1 
HETATM 1209 O  O   . HOH B 2 .   ? 12.312  4.922   5.920   1.00 53.93 ? 308 HOH A O   1 
HETATM 1210 O  O   . HOH B 2 .   ? 24.318  3.195   -0.631  1.00 39.16 ? 309 HOH A O   1 
HETATM 1211 O  O   . HOH B 2 .   ? 2.667   -16.028 -0.119  0.50 10.25 ? 310 HOH A O   1 
HETATM 1212 O  O   . HOH B 2 .   ? -3.570  18.524  -11.848 1.00 33.71 ? 311 HOH A O   1 
HETATM 1213 O  O   . HOH B 2 .   ? -4.621  18.265  -9.643  1.00 37.14 ? 312 HOH A O   1 
HETATM 1214 O  O   . HOH B 2 .   ? 4.418   -3.490  -15.354 1.00 38.21 ? 313 HOH A O   1 
HETATM 1215 O  O   . HOH B 2 .   ? 5.841   -4.894  -13.243 1.00 36.55 ? 314 HOH A O   1 
# 
